data_1I1E
#
_entry.id   1I1E
#
_cell.length_a   76.270
_cell.length_b   122.930
_cell.length_c   95.420
_cell.angle_alpha   90.00
_cell.angle_beta   112.95
_cell.angle_gamma   90.00
#
_symmetry.space_group_name_H-M   'P 1 21 1'
#
loop_
_entity.id
_entity.type
_entity.pdbx_description
1 polymer 'BOTULINUM NEUROTOXIN TYPE B'
2 non-polymer DOXORUBICIN
3 non-polymer 'ZINC ION'
4 non-polymer 'SULFATE ION'
5 water water
#
_entity_poly.entity_id   1
_entity_poly.type   'polypeptide(L)'
_entity_poly.pdbx_seq_one_letter_code
;PVTINNFNYNDPIDNNNIIMMEPPFARGTGRYYKAFKITDRIWIIPERYTFGYKPEDFNKSSGIFNRDVCEYYDPDYLNT
NDKKNIFLQTMIKLFNRIKSKPLGEKLLEMIINGIPYLGDRRVPLEEFNTNIASVTVNKLISNPGEVERKKGIFANLIIF
GPGPVLNENETIDIGIQNHFASREGFGGIMQMKFCPEYVSVFNNVQENKGASIFNRRGYFSDPALILMHELIHVLHGLYG
IKVDDLPIVPNEKKFFMQSTDAIQAEELYTFGGQDPSIITPSTDKSIYDKVLQNFRGIVDRLNKVLVCISDPNININIYK
NKFKDKYKFVEDSEGKYSIDVESFDKLYKSLMFGFTETNIAENYKIKTRASYFSDSLPPVKIKNLLDNEIYTIEEGFNIS
DKDMEKEYRGQNKAINKQAYEEISKEHLAVYKIQMCKSVKAPGICIDVDNEDLFFIADKNSFSDDLSKNERIEYNTQSNY
IENDFPINELILDTDLISKIELPSENTESLTDFNVDVPVYEKQPAIKKIFTDENTIFQYLYSQTFPLDIRDISLTSSFDD
ALLFSNKVYSFFSMDYIKTANKVVEAGLFAGWVKQIVNDFVIEANKSNTMDKIADISLIVPYIGLALNVGNETAKGNFEN
AFEIAGASILLEFIPELLIPVVGAFLLESYIDNKNKIIKTIDNALTKRNEKWSDMYGLIVAQWLSTVNTQFYTIKEGMYK
ALNYQAQALEEIIKYRYNIYSEKEKSNINIDFNDINSKLNEGINQAIDNINNFINGCSVSYLMKKMIPLAVEKLLDFDNT
LKKNLLNYIDENKLYLIGSAEYEKSKVNKYLKTIMPFDLSIYTNDTILIEMFNKYNSEILNNIILNLRYKDNNLIDLSGY
GAKVEVYDGVELNDKNQFKLTSSANSKIRVTQNQNIIFNSVFLDFSVSFWIRIPKYKNDGIQNYIHNEYTIINCMKNNSG
WKISIRGNRIIWTLIDINGKTKSVFFEYNIREDISEYINRWFFVTITNNLNNAKIYINGKLESNTDIKDIREVIANGEII
FKLDGDIDRTQFIWMKYFSIFNTELSQSNIEERYKIQSYSEYLKDFWGNPLMYNKEYYMFNAGNKNSYIKLKKDSPVGEI
LTRSKYNQNSKYINYRDLYIGEKFIIRRKSNSQSINDDIVRKEDYIYLDFFNLNQEWRVYTYKYFKKEEEKLFLAPISDS
DEFYNTIQIKEYDEQPTYSCQLLFKKDEESTDEIGLIGIHRFYESGIVFEEYKDYFCISKWYLKEVKRKPYNLKLGCNWQ
FIPKDEGWTE
;
_entity_poly.pdbx_strand_id   A
#
# COMPACT_ATOMS: atom_id res chain seq x y z
N PRO A 1 40.64 -22.68 0.15
CA PRO A 1 39.32 -23.10 -0.40
C PRO A 1 38.69 -24.11 0.55
N VAL A 2 37.48 -24.56 0.23
CA VAL A 2 36.81 -25.53 1.07
C VAL A 2 36.84 -26.89 0.40
N THR A 3 37.12 -27.92 1.19
CA THR A 3 37.18 -29.28 0.68
C THR A 3 36.03 -30.12 1.25
N ILE A 4 35.17 -30.62 0.37
CA ILE A 4 34.06 -31.47 0.81
C ILE A 4 34.57 -32.90 0.75
N ASN A 5 34.41 -33.66 1.83
CA ASN A 5 34.90 -35.03 1.81
C ASN A 5 33.93 -35.98 1.15
N ASN A 6 34.37 -37.22 0.94
CA ASN A 6 33.54 -38.22 0.30
C ASN A 6 33.60 -39.55 1.03
N PHE A 7 32.45 -40.19 1.15
CA PHE A 7 32.35 -41.47 1.82
C PHE A 7 30.97 -42.07 1.63
N ASN A 8 30.86 -43.33 1.99
CA ASN A 8 29.59 -44.05 1.88
C ASN A 8 29.23 -44.45 3.30
N TYR A 9 27.94 -44.49 3.58
CA TYR A 9 27.51 -44.85 4.92
C TYR A 9 28.22 -46.08 5.47
N ASN A 10 28.33 -47.12 4.67
CA ASN A 10 28.96 -48.35 5.11
C ASN A 10 30.48 -48.34 5.28
N ASP A 11 31.10 -47.21 5.01
CA ASP A 11 32.55 -47.12 5.18
C ASP A 11 32.94 -47.40 6.63
N PRO A 12 34.14 -47.95 6.84
CA PRO A 12 34.63 -48.27 8.18
C PRO A 12 34.94 -47.06 9.04
N ILE A 13 34.79 -47.23 10.35
CA ILE A 13 35.08 -46.19 11.31
C ILE A 13 36.60 -46.14 11.44
N ASP A 14 37.18 -44.95 11.34
CA ASP A 14 38.63 -44.81 11.46
C ASP A 14 38.99 -43.88 12.61
N ASN A 15 37.98 -43.51 13.40
CA ASN A 15 38.16 -42.61 14.54
C ASN A 15 38.76 -41.26 14.17
N ASN A 16 38.83 -40.97 12.88
CA ASN A 16 39.39 -39.70 12.42
C ASN A 16 38.35 -38.88 11.66
N ASN A 17 37.91 -39.38 10.51
CA ASN A 17 36.91 -38.69 9.69
C ASN A 17 35.55 -39.39 9.69
N ILE A 18 35.50 -40.58 10.27
CA ILE A 18 34.27 -41.34 10.38
C ILE A 18 34.36 -41.88 11.80
N ILE A 19 33.45 -41.42 12.65
CA ILE A 19 33.50 -41.79 14.06
C ILE A 19 32.20 -42.19 14.72
N MET A 20 32.31 -42.57 15.98
CA MET A 20 31.16 -42.91 16.79
C MET A 20 31.15 -41.75 17.78
N MET A 21 30.33 -40.76 17.46
CA MET A 21 30.20 -39.56 18.26
C MET A 21 29.20 -39.75 19.37
N GLU A 22 29.31 -38.90 20.39
CA GLU A 22 28.41 -38.89 21.53
C GLU A 22 27.85 -37.46 21.52
N PRO A 23 26.66 -37.28 20.92
CA PRO A 23 25.98 -35.98 20.80
C PRO A 23 25.85 -35.26 22.13
N PRO A 24 26.01 -33.92 22.12
CA PRO A 24 25.92 -33.08 23.32
C PRO A 24 24.70 -33.34 24.20
N PHE A 25 23.54 -33.49 23.58
CA PHE A 25 22.32 -33.72 24.34
C PHE A 25 22.16 -35.13 24.89
N ALA A 26 23.09 -36.00 24.55
CA ALA A 26 23.06 -37.38 25.04
C ALA A 26 23.49 -37.42 26.51
N ARG A 27 24.15 -36.36 26.96
CA ARG A 27 24.62 -36.28 28.35
C ARG A 27 25.51 -37.46 28.75
N GLY A 28 26.44 -37.81 27.86
CA GLY A 28 27.35 -38.91 28.16
C GLY A 28 26.73 -40.27 28.35
N THR A 29 25.45 -40.43 28.04
CA THR A 29 24.79 -41.73 28.17
C THR A 29 24.18 -42.17 26.85
N GLY A 30 23.55 -43.35 26.85
CA GLY A 30 22.94 -43.84 25.63
C GLY A 30 23.96 -44.17 24.55
N ARG A 31 23.48 -44.79 23.48
CA ARG A 31 24.34 -45.18 22.37
C ARG A 31 25.02 -44.02 21.65
N TYR A 32 25.89 -44.37 20.71
CA TYR A 32 26.64 -43.41 19.93
C TYR A 32 26.08 -43.37 18.51
N TYR A 33 26.45 -42.34 17.76
CA TYR A 33 25.97 -42.19 16.40
C TYR A 33 27.12 -42.16 15.39
N LYS A 34 27.02 -42.96 14.34
CA LYS A 34 28.08 -42.96 13.33
C LYS A 34 28.00 -41.59 12.67
N ALA A 35 29.09 -40.82 12.76
CA ALA A 35 29.10 -39.49 12.18
C ALA A 35 30.21 -39.31 11.16
N PHE A 36 29.93 -38.57 10.10
CA PHE A 36 30.89 -38.33 9.03
C PHE A 36 31.29 -36.86 8.92
N LYS A 37 32.60 -36.62 8.87
CA LYS A 37 33.16 -35.27 8.76
C LYS A 37 33.09 -34.79 7.31
N ILE A 38 32.02 -34.10 6.96
CA ILE A 38 31.86 -33.63 5.61
C ILE A 38 32.93 -32.58 5.25
N THR A 39 33.38 -31.82 6.24
CA THR A 39 34.46 -30.83 6.07
C THR A 39 35.01 -30.58 7.46
N ASP A 40 36.13 -29.89 7.55
CA ASP A 40 36.71 -29.59 8.86
C ASP A 40 35.65 -29.02 9.81
N ARG A 41 35.71 -29.44 11.06
CA ARG A 41 34.80 -28.97 12.09
C ARG A 41 33.31 -29.16 11.81
N ILE A 42 32.96 -29.84 10.73
CA ILE A 42 31.56 -30.06 10.42
C ILE A 42 31.24 -31.55 10.24
N TRP A 43 30.25 -32.03 11.00
CA TRP A 43 29.85 -33.42 10.97
C TRP A 43 28.41 -33.66 10.52
N ILE A 44 28.20 -34.81 9.87
CA ILE A 44 26.86 -35.16 9.43
C ILE A 44 26.44 -36.45 10.11
N ILE A 45 25.31 -36.42 10.81
CA ILE A 45 24.82 -37.65 11.44
C ILE A 45 23.50 -37.97 10.75
N PRO A 46 23.52 -38.87 9.76
CA PRO A 46 22.38 -39.32 8.96
C PRO A 46 21.33 -40.12 9.71
N GLU A 47 20.76 -39.50 10.74
CA GLU A 47 19.74 -40.16 11.54
C GLU A 47 18.74 -39.14 12.03
N ARG A 48 17.58 -39.62 12.42
CA ARG A 48 16.53 -38.76 12.93
C ARG A 48 16.98 -38.09 14.22
N TYR A 49 16.58 -36.84 14.39
CA TYR A 49 16.90 -36.05 15.58
C TYR A 49 15.80 -36.44 16.56
N THR A 50 16.17 -37.10 17.65
CA THR A 50 15.18 -37.54 18.62
C THR A 50 15.28 -36.83 19.96
N PHE A 51 16.33 -36.04 20.14
CA PHE A 51 16.55 -35.33 21.39
C PHE A 51 15.42 -34.40 21.81
N GLY A 52 14.68 -34.81 22.83
CA GLY A 52 13.58 -34.01 23.34
C GLY A 52 12.23 -34.45 22.79
N TYR A 53 12.24 -35.50 21.98
CA TYR A 53 10.98 -35.99 21.40
C TYR A 53 10.61 -37.38 21.86
N LYS A 54 9.31 -37.66 21.83
CA LYS A 54 8.79 -38.95 22.22
C LYS A 54 8.65 -39.78 20.94
N PRO A 55 9.07 -41.06 20.99
CA PRO A 55 8.98 -41.94 19.83
C PRO A 55 7.64 -41.86 19.08
N GLU A 56 6.54 -41.74 19.81
CA GLU A 56 5.23 -41.67 19.14
C GLU A 56 5.06 -40.34 18.41
N ASP A 57 5.71 -39.29 18.89
CA ASP A 57 5.61 -37.98 18.24
C ASP A 57 5.97 -38.03 16.76
N PHE A 58 6.71 -39.07 16.37
CA PHE A 58 7.10 -39.19 14.97
C PHE A 58 5.94 -39.57 14.07
N ASN A 59 4.86 -40.06 14.66
CA ASN A 59 3.69 -40.41 13.87
C ASN A 59 2.78 -39.19 13.79
N LYS A 60 1.97 -39.11 12.75
CA LYS A 60 1.05 -37.99 12.59
C LYS A 60 -0.10 -38.22 13.58
N SER A 61 -0.42 -37.20 14.36
CA SER A 61 -1.51 -37.29 15.34
C SER A 61 -2.45 -36.09 15.20
N SER A 62 -3.33 -35.91 16.18
CA SER A 62 -4.26 -34.78 16.14
C SER A 62 -3.61 -33.61 16.83
N GLY A 63 -2.28 -33.60 16.83
CA GLY A 63 -1.54 -32.53 17.45
C GLY A 63 -0.59 -31.90 16.45
N ILE A 64 0.16 -30.91 16.91
CA ILE A 64 1.13 -30.20 16.09
C ILE A 64 2.17 -29.59 17.03
N PHE A 65 3.38 -29.37 16.50
CA PHE A 65 4.41 -28.76 17.31
C PHE A 65 4.46 -27.25 17.06
N ASN A 66 4.27 -26.85 15.80
CA ASN A 66 4.33 -25.44 15.45
C ASN A 66 3.00 -24.98 14.87
N ARG A 67 2.47 -23.90 15.42
CA ARG A 67 1.18 -23.36 14.98
C ARG A 67 1.17 -22.73 13.58
N ASP A 68 2.32 -22.65 12.93
CA ASP A 68 2.38 -22.02 11.61
C ASP A 68 3.03 -22.80 10.49
N VAL A 69 2.99 -24.11 10.58
CA VAL A 69 3.61 -24.94 9.56
C VAL A 69 2.72 -26.12 9.24
N CYS A 70 2.53 -26.35 7.94
CA CYS A 70 1.74 -27.48 7.49
C CYS A 70 2.75 -28.61 7.66
N GLU A 71 2.72 -29.28 8.81
CA GLU A 71 3.67 -30.34 9.16
C GLU A 71 3.53 -31.73 8.53
N TYR A 72 4.63 -32.21 7.96
CA TYR A 72 4.64 -33.52 7.35
C TYR A 72 5.31 -34.54 8.25
N TYR A 73 4.67 -35.70 8.36
CA TYR A 73 5.18 -36.79 9.20
C TYR A 73 5.43 -38.05 8.41
N ASP A 74 6.48 -38.75 8.79
CA ASP A 74 6.86 -40.02 8.17
C ASP A 74 7.99 -40.57 9.00
N PRO A 75 7.66 -41.45 9.95
CA PRO A 75 8.63 -42.08 10.84
C PRO A 75 9.58 -43.06 10.18
N ASP A 76 9.39 -43.32 8.88
CA ASP A 76 10.26 -44.26 8.16
C ASP A 76 11.45 -43.58 7.48
N TYR A 77 11.40 -42.27 7.35
CA TYR A 77 12.50 -41.54 6.74
C TYR A 77 13.79 -41.92 7.47
N LEU A 78 14.83 -42.30 6.71
CA LEU A 78 16.12 -42.70 7.26
C LEU A 78 16.10 -43.96 8.14
N ASN A 79 15.30 -44.97 7.78
CA ASN A 79 15.24 -46.17 8.60
C ASN A 79 16.02 -47.36 8.04
N THR A 80 16.85 -47.11 7.02
CA THR A 80 17.68 -48.16 6.42
C THR A 80 19.02 -47.53 6.05
N ASN A 81 20.06 -48.37 6.00
CA ASN A 81 21.40 -47.92 5.65
C ASN A 81 21.40 -47.21 4.31
N ASP A 82 20.67 -47.75 3.34
CA ASP A 82 20.62 -47.13 2.03
C ASP A 82 19.98 -45.74 2.10
N LYS A 83 19.00 -45.57 2.98
CA LYS A 83 18.34 -44.28 3.11
C LYS A 83 19.34 -43.31 3.72
N LYS A 84 20.11 -43.81 4.67
CA LYS A 84 21.12 -43.00 5.34
C LYS A 84 22.18 -42.56 4.34
N ASN A 85 22.69 -43.49 3.55
CA ASN A 85 23.71 -43.16 2.56
C ASN A 85 23.18 -42.11 1.58
N ILE A 86 21.92 -42.24 1.20
CA ILE A 86 21.31 -41.28 0.28
C ILE A 86 21.33 -39.91 0.96
N PHE A 87 21.05 -39.91 2.26
CA PHE A 87 21.05 -38.67 3.02
C PHE A 87 22.48 -38.09 2.90
N LEU A 88 23.47 -38.93 3.17
CA LEU A 88 24.88 -38.53 3.08
C LEU A 88 25.28 -37.97 1.71
N GLN A 89 25.01 -38.73 0.66
CA GLN A 89 25.36 -38.29 -0.69
C GLN A 89 24.63 -36.99 -1.07
N THR A 90 23.45 -36.78 -0.51
CA THR A 90 22.69 -35.58 -0.80
C THR A 90 23.33 -34.40 -0.10
N MET A 91 23.63 -34.56 1.19
CA MET A 91 24.30 -33.48 1.94
C MET A 91 25.59 -33.06 1.21
N ILE A 92 26.35 -34.04 0.74
CA ILE A 92 27.58 -33.79 0.00
C ILE A 92 27.27 -32.99 -1.26
N LYS A 93 26.22 -33.35 -1.97
CA LYS A 93 25.88 -32.60 -3.19
C LYS A 93 25.50 -31.15 -2.85
N LEU A 94 24.74 -30.97 -1.78
CA LEU A 94 24.33 -29.64 -1.35
C LEU A 94 25.52 -28.78 -0.94
N PHE A 95 26.40 -29.33 -0.11
CA PHE A 95 27.58 -28.57 0.28
C PHE A 95 28.37 -28.16 -0.95
N ASN A 96 28.49 -29.07 -1.93
CA ASN A 96 29.21 -28.73 -3.15
C ASN A 96 28.51 -27.61 -3.88
N ARG A 97 27.18 -27.64 -3.91
CA ARG A 97 26.44 -26.58 -4.59
C ARG A 97 26.68 -25.26 -3.90
N ILE A 98 26.74 -25.31 -2.57
CA ILE A 98 26.96 -24.12 -1.78
C ILE A 98 28.29 -23.48 -2.09
N LYS A 99 29.35 -24.30 -2.14
CA LYS A 99 30.67 -23.75 -2.40
C LYS A 99 30.92 -23.42 -3.87
N SER A 100 30.00 -23.82 -4.75
CA SER A 100 30.12 -23.56 -6.19
C SER A 100 30.19 -22.07 -6.51
N LYS A 101 29.95 -21.23 -5.51
CA LYS A 101 30.02 -19.79 -5.71
C LYS A 101 30.76 -19.16 -4.53
N PRO A 102 31.53 -18.09 -4.81
CA PRO A 102 32.31 -17.37 -3.80
C PRO A 102 31.54 -17.13 -2.52
N LEU A 103 30.38 -16.48 -2.65
CA LEU A 103 29.54 -16.17 -1.50
C LEU A 103 29.29 -17.39 -0.62
N GLY A 104 29.06 -18.55 -1.24
CA GLY A 104 28.80 -19.76 -0.49
C GLY A 104 30.05 -20.33 0.15
N GLU A 105 31.15 -20.29 -0.61
CA GLU A 105 32.42 -20.79 -0.10
C GLU A 105 32.78 -19.97 1.13
N LYS A 106 32.65 -18.65 1.03
CA LYS A 106 32.96 -17.78 2.15
C LYS A 106 32.10 -18.05 3.38
N LEU A 107 30.81 -18.29 3.18
CA LEU A 107 29.94 -18.58 4.31
C LEU A 107 30.49 -19.83 5.00
N LEU A 108 30.83 -20.83 4.20
CA LEU A 108 31.38 -22.07 4.74
C LEU A 108 32.73 -21.86 5.42
N GLU A 109 33.60 -21.07 4.79
CA GLU A 109 34.92 -20.80 5.36
C GLU A 109 34.82 -20.05 6.68
N MET A 110 33.85 -19.13 6.78
CA MET A 110 33.65 -18.38 8.01
C MET A 110 33.22 -19.34 9.10
N ILE A 111 32.32 -20.26 8.74
CA ILE A 111 31.82 -21.24 9.70
C ILE A 111 32.87 -22.24 10.17
N ILE A 112 33.66 -22.75 9.24
CA ILE A 112 34.71 -23.70 9.59
C ILE A 112 35.74 -23.05 10.51
N ASN A 113 36.13 -21.82 10.19
CA ASN A 113 37.13 -21.11 10.97
C ASN A 113 36.60 -20.41 12.23
N GLY A 114 35.28 -20.32 12.36
CA GLY A 114 34.70 -19.68 13.52
C GLY A 114 34.55 -20.63 14.70
N ILE A 115 35.69 -21.19 15.13
CA ILE A 115 35.69 -22.12 16.24
C ILE A 115 35.21 -21.47 17.54
N PRO A 116 34.42 -22.19 18.33
CA PRO A 116 33.91 -21.66 19.60
C PRO A 116 35.07 -21.31 20.52
N TYR A 117 34.94 -20.24 21.30
CA TYR A 117 35.99 -19.87 22.24
C TYR A 117 36.11 -21.07 23.18
N LEU A 118 37.27 -21.26 23.80
CA LEU A 118 37.41 -22.37 24.71
C LEU A 118 36.91 -21.98 26.10
N GLY A 119 35.61 -22.09 26.31
CA GLY A 119 35.03 -21.74 27.59
C GLY A 119 33.81 -20.84 27.44
N ASP A 120 33.18 -20.51 28.56
CA ASP A 120 32.00 -19.65 28.55
C ASP A 120 32.00 -18.69 29.74
N ARG A 121 30.88 -18.00 29.96
CA ARG A 121 30.75 -17.03 31.07
C ARG A 121 31.27 -17.54 32.42
N ARG A 122 31.11 -18.83 32.70
CA ARG A 122 31.55 -19.40 33.95
C ARG A 122 33.07 -19.54 34.07
N VAL A 123 33.76 -19.54 32.94
CA VAL A 123 35.21 -19.69 32.93
C VAL A 123 35.96 -18.41 33.27
N PRO A 124 36.94 -18.49 34.19
CA PRO A 124 37.76 -17.35 34.63
C PRO A 124 38.46 -16.69 33.44
N LEU A 125 38.57 -15.37 33.47
CA LEU A 125 39.20 -14.66 32.38
C LEU A 125 40.59 -15.18 32.00
N GLU A 126 41.32 -15.73 32.96
CA GLU A 126 42.67 -16.23 32.68
C GLU A 126 42.73 -17.67 32.17
N GLU A 127 41.60 -18.38 32.14
CA GLU A 127 41.62 -19.76 31.70
C GLU A 127 40.92 -20.11 30.39
N PHE A 128 41.29 -21.27 29.86
CA PHE A 128 40.70 -21.86 28.68
C PHE A 128 40.20 -23.19 29.21
N ASN A 129 38.90 -23.43 29.11
CA ASN A 129 38.34 -24.68 29.60
C ASN A 129 37.63 -25.38 28.44
N THR A 130 38.20 -26.49 27.99
CA THR A 130 37.62 -27.24 26.89
C THR A 130 36.63 -28.27 27.40
N ASN A 131 36.60 -28.42 28.72
CA ASN A 131 35.73 -29.40 29.36
C ASN A 131 34.30 -28.96 29.61
N ILE A 132 33.63 -28.47 28.57
CA ILE A 132 32.24 -28.04 28.66
C ILE A 132 31.52 -28.56 27.41
N ALA A 133 30.23 -28.87 27.54
CA ALA A 133 29.45 -29.41 26.43
C ALA A 133 29.30 -28.52 25.20
N SER A 134 29.80 -27.30 25.24
CA SER A 134 29.68 -26.41 24.10
C SER A 134 30.99 -26.29 23.32
N VAL A 135 32.03 -26.96 23.80
CA VAL A 135 33.33 -26.90 23.14
C VAL A 135 33.82 -28.27 22.72
N THR A 136 33.61 -29.26 23.57
CA THR A 136 34.07 -30.59 23.28
C THR A 136 32.96 -31.61 23.16
N VAL A 137 33.15 -32.56 22.24
CA VAL A 137 32.21 -33.64 22.03
C VAL A 137 33.09 -34.89 21.97
N ASN A 138 32.57 -36.02 22.43
CA ASN A 138 33.36 -37.25 22.44
C ASN A 138 33.11 -38.21 21.28
N LYS A 139 34.10 -39.07 21.04
CA LYS A 139 34.03 -40.10 20.01
C LYS A 139 34.51 -41.40 20.67
N LEU A 140 33.77 -42.48 20.46
CA LEU A 140 34.13 -43.78 21.03
C LEU A 140 35.25 -44.41 20.21
N ILE A 141 36.43 -44.52 20.80
CA ILE A 141 37.58 -45.10 20.11
C ILE A 141 37.63 -46.61 20.22
N SER A 142 37.23 -47.13 21.36
CA SER A 142 37.23 -48.57 21.57
C SER A 142 36.36 -49.34 20.57
N ASN A 143 36.55 -50.65 20.55
CA ASN A 143 35.79 -51.54 19.66
C ASN A 143 34.32 -51.60 20.09
N PRO A 144 33.45 -52.18 19.24
CA PRO A 144 32.01 -52.30 19.52
C PRO A 144 31.69 -53.17 20.73
N GLY A 145 30.71 -52.74 21.52
CA GLY A 145 30.28 -53.49 22.69
C GLY A 145 30.84 -52.98 24.00
N GLU A 146 31.36 -51.75 23.99
CA GLU A 146 31.93 -51.16 25.19
C GLU A 146 32.41 -49.74 24.95
N VAL A 147 32.13 -48.87 25.93
CA VAL A 147 32.51 -47.45 25.87
C VAL A 147 33.83 -47.25 26.63
N GLU A 148 34.60 -48.33 26.74
CA GLU A 148 35.87 -48.30 27.46
C GLU A 148 36.80 -47.13 27.15
N ARG A 149 37.06 -46.87 25.87
CA ARG A 149 37.95 -45.78 25.48
C ARG A 149 37.27 -44.67 24.67
N LYS A 150 37.51 -43.41 25.05
CA LYS A 150 36.93 -42.30 24.33
C LYS A 150 37.85 -41.08 24.26
N LYS A 151 37.81 -40.39 23.11
CA LYS A 151 38.63 -39.23 22.86
C LYS A 151 37.76 -37.98 22.65
N GLY A 152 38.24 -36.83 23.10
CA GLY A 152 37.48 -35.61 22.91
C GLY A 152 37.92 -34.88 21.66
N ILE A 153 36.97 -34.22 21.00
CA ILE A 153 37.31 -33.46 19.79
C ILE A 153 36.55 -32.13 19.81
N PHE A 154 37.06 -31.15 19.09
CA PHE A 154 36.37 -29.87 18.98
C PHE A 154 35.49 -29.98 17.73
N ALA A 155 34.42 -29.21 17.68
CA ALA A 155 33.53 -29.24 16.53
C ALA A 155 32.75 -27.96 16.42
N ASN A 156 32.40 -27.58 15.20
CA ASN A 156 31.65 -26.36 14.99
C ASN A 156 30.19 -26.66 14.68
N LEU A 157 29.95 -27.60 13.77
CA LEU A 157 28.59 -27.95 13.38
C LEU A 157 28.31 -29.44 13.28
N ILE A 158 27.19 -29.87 13.87
CA ILE A 158 26.76 -31.26 13.79
C ILE A 158 25.37 -31.22 13.18
N ILE A 159 25.21 -31.77 11.97
CA ILE A 159 23.92 -31.79 11.28
C ILE A 159 23.23 -33.15 11.31
N PHE A 160 22.08 -33.23 11.96
CA PHE A 160 21.33 -34.49 12.01
C PHE A 160 20.27 -34.49 10.92
N GLY A 161 19.47 -35.55 10.90
CA GLY A 161 18.37 -35.64 9.97
C GLY A 161 17.21 -34.92 10.63
N PRO A 162 16.01 -34.96 10.06
CA PRO A 162 14.87 -34.27 10.66
C PRO A 162 14.27 -34.91 11.92
N GLY A 163 13.61 -34.07 12.72
CA GLY A 163 12.95 -34.54 13.91
C GLY A 163 11.56 -34.96 13.44
N PRO A 164 10.56 -35.01 14.32
CA PRO A 164 9.20 -35.41 13.95
C PRO A 164 8.68 -34.80 12.65
N VAL A 165 8.68 -33.48 12.54
CA VAL A 165 8.21 -32.81 11.33
C VAL A 165 9.39 -32.70 10.36
N LEU A 166 9.33 -33.43 9.24
CA LEU A 166 10.43 -33.40 8.28
C LEU A 166 10.75 -32.04 7.70
N ASN A 167 9.72 -31.26 7.37
CA ASN A 167 9.94 -29.94 6.78
C ASN A 167 10.15 -28.83 7.79
N GLU A 168 10.46 -29.19 9.02
CA GLU A 168 10.69 -28.20 10.07
C GLU A 168 12.15 -28.09 10.47
N ASN A 169 12.98 -27.65 9.52
CA ASN A 169 14.41 -27.49 9.75
C ASN A 169 14.68 -26.46 10.87
N GLU A 170 15.68 -26.75 11.70
CA GLU A 170 16.01 -25.84 12.79
C GLU A 170 17.48 -25.94 13.21
N THR A 171 18.06 -24.80 13.55
CA THR A 171 19.44 -24.76 14.01
C THR A 171 19.37 -24.57 15.52
N ILE A 172 20.02 -25.46 16.26
CA ILE A 172 20.00 -25.45 17.71
C ILE A 172 21.33 -25.13 18.36
N ASP A 173 21.28 -24.35 19.44
CA ASP A 173 22.49 -24.00 20.16
C ASP A 173 22.48 -24.66 21.55
N ILE A 174 23.63 -24.68 22.20
CA ILE A 174 23.79 -25.34 23.50
C ILE A 174 23.66 -24.44 24.71
N GLY A 175 22.73 -24.79 25.58
CA GLY A 175 22.53 -24.02 26.79
C GLY A 175 23.05 -24.79 27.99
N ILE A 176 23.74 -24.09 28.89
CA ILE A 176 24.29 -24.70 30.09
C ILE A 176 24.05 -23.74 31.25
N GLN A 177 23.35 -24.23 32.27
CA GLN A 177 23.01 -23.41 33.42
C GLN A 177 22.27 -22.14 33.01
N ASN A 178 21.23 -22.34 32.21
CA ASN A 178 20.36 -21.26 31.76
C ASN A 178 21.02 -20.23 30.84
N HIS A 179 22.27 -20.46 30.47
CA HIS A 179 22.96 -19.51 29.60
C HIS A 179 23.46 -20.13 28.30
N PHE A 180 23.60 -19.30 27.27
CA PHE A 180 24.05 -19.76 25.97
C PHE A 180 25.32 -19.06 25.53
N ALA A 181 26.40 -19.82 25.39
CA ALA A 181 27.68 -19.27 24.97
C ALA A 181 27.59 -18.71 23.54
N SER A 182 26.69 -19.27 22.74
CA SER A 182 26.52 -18.81 21.37
C SER A 182 25.73 -17.49 21.33
N ARG A 183 25.42 -16.95 22.50
CA ARG A 183 24.67 -15.70 22.57
C ARG A 183 25.42 -14.69 23.41
N GLU A 184 26.64 -15.03 23.82
CA GLU A 184 27.40 -14.13 24.66
C GLU A 184 28.84 -13.95 24.23
N GLY A 185 29.07 -13.93 22.92
CA GLY A 185 30.42 -13.73 22.39
C GLY A 185 31.31 -14.95 22.21
N PHE A 186 31.08 -16.02 22.96
CA PHE A 186 31.92 -17.20 22.85
C PHE A 186 31.69 -18.06 21.62
N GLY A 187 30.41 -18.37 21.37
CA GLY A 187 30.05 -19.22 20.27
C GLY A 187 30.06 -20.59 20.90
N GLY A 188 29.46 -21.58 20.25
CA GLY A 188 29.44 -22.93 20.80
C GLY A 188 29.01 -23.93 19.76
N ILE A 189 29.29 -25.21 19.99
CA ILE A 189 28.90 -26.24 19.04
C ILE A 189 27.45 -26.06 18.62
N MET A 190 27.24 -25.94 17.31
CA MET A 190 25.90 -25.78 16.77
C MET A 190 25.37 -27.10 16.25
N GLN A 191 24.07 -27.31 16.37
CA GLN A 191 23.44 -28.52 15.87
C GLN A 191 22.31 -28.14 14.92
N MET A 192 21.94 -29.08 14.06
CA MET A 192 20.88 -28.80 13.11
C MET A 192 20.08 -30.03 12.78
N LYS A 193 18.79 -29.83 12.51
CA LYS A 193 17.92 -30.91 12.08
C LYS A 193 17.56 -30.46 10.66
N PHE A 194 17.99 -31.23 9.67
CA PHE A 194 17.76 -30.88 8.28
C PHE A 194 17.24 -32.04 7.45
N CYS A 195 16.37 -31.72 6.48
CA CYS A 195 15.78 -32.70 5.57
C CYS A 195 15.84 -32.05 4.19
N PRO A 196 16.59 -32.66 3.25
CA PRO A 196 16.70 -32.06 1.92
C PRO A 196 15.62 -32.40 0.88
N GLU A 197 14.96 -33.55 0.99
CA GLU A 197 13.93 -33.94 0.02
C GLU A 197 12.61 -33.15 0.13
N TYR A 198 12.11 -32.99 1.36
CA TYR A 198 10.83 -32.31 1.58
C TYR A 198 10.99 -30.82 1.85
N VAL A 199 10.84 -30.05 0.77
CA VAL A 199 11.01 -28.60 0.83
C VAL A 199 9.72 -27.79 0.84
N SER A 200 9.85 -26.55 1.31
CA SER A 200 8.73 -25.64 1.39
C SER A 200 8.24 -25.13 0.04
N VAL A 201 6.98 -24.69 0.01
CA VAL A 201 6.38 -24.15 -1.19
C VAL A 201 5.87 -22.75 -0.85
N PHE A 202 6.09 -21.81 -1.76
CA PHE A 202 5.65 -20.44 -1.55
C PHE A 202 5.06 -19.90 -2.85
N ASN A 203 4.14 -18.95 -2.73
CA ASN A 203 3.50 -18.37 -3.90
C ASN A 203 3.52 -16.85 -3.85
N ASN A 204 4.26 -16.25 -4.77
CA ASN A 204 4.38 -14.79 -4.85
C ASN A 204 3.04 -14.13 -5.11
N VAL A 205 2.68 -13.21 -4.23
CA VAL A 205 1.41 -12.48 -4.27
C VAL A 205 1.20 -11.57 -5.48
N GLN A 206 2.01 -10.51 -5.59
CA GLN A 206 1.90 -9.58 -6.71
C GLN A 206 2.26 -10.27 -8.04
N GLU A 207 2.71 -11.52 -7.96
CA GLU A 207 3.11 -12.27 -9.15
C GLU A 207 2.26 -13.51 -9.45
N ASN A 208 2.32 -13.96 -10.70
CA ASN A 208 1.58 -15.15 -11.15
C ASN A 208 2.57 -16.31 -11.19
N LYS A 209 2.07 -17.49 -10.88
CA LYS A 209 2.88 -18.72 -10.86
C LYS A 209 2.52 -19.59 -12.04
N GLY A 210 2.77 -19.09 -13.25
CA GLY A 210 2.42 -19.82 -14.44
C GLY A 210 1.11 -19.21 -14.91
N ALA A 211 0.63 -18.26 -14.12
CA ALA A 211 -0.59 -17.53 -14.42
C ALA A 211 -1.78 -18.42 -14.79
N SER A 212 -2.27 -19.20 -13.81
CA SER A 212 -3.42 -20.09 -14.02
C SER A 212 -3.86 -20.82 -12.75
N ILE A 213 -5.07 -20.49 -12.29
CA ILE A 213 -5.65 -21.06 -11.08
C ILE A 213 -6.03 -22.55 -11.21
N PHE A 214 -6.18 -23.04 -12.44
CA PHE A 214 -6.56 -24.43 -12.66
C PHE A 214 -5.39 -25.43 -12.54
N ASN A 215 -4.17 -24.93 -12.76
CA ASN A 215 -2.98 -25.76 -12.68
C ASN A 215 -2.39 -25.56 -11.28
N ARG A 216 -1.40 -26.37 -10.93
CA ARG A 216 -0.73 -26.25 -9.63
C ARG A 216 -0.09 -24.87 -9.62
N ARG A 217 -0.09 -24.22 -8.46
CA ARG A 217 0.48 -22.88 -8.36
C ARG A 217 1.53 -22.76 -7.28
N GLY A 218 2.50 -21.88 -7.52
CA GLY A 218 3.55 -21.68 -6.55
C GLY A 218 4.91 -22.17 -7.02
N TYR A 219 5.90 -22.09 -6.14
CA TYR A 219 7.26 -22.51 -6.44
C TYR A 219 7.80 -23.32 -5.28
N PHE A 220 8.64 -24.31 -5.57
CA PHE A 220 9.23 -25.11 -4.52
C PHE A 220 10.65 -24.61 -4.28
N SER A 221 11.13 -24.76 -3.05
CA SER A 221 12.45 -24.26 -2.68
C SER A 221 13.65 -25.13 -3.02
N ASP A 222 14.76 -24.44 -3.28
CA ASP A 222 16.01 -25.09 -3.56
C ASP A 222 16.59 -25.45 -2.18
N PRO A 223 16.64 -26.75 -1.84
CA PRO A 223 17.15 -27.22 -0.55
C PRO A 223 18.49 -26.60 -0.15
N ALA A 224 19.28 -26.21 -1.15
CA ALA A 224 20.58 -25.59 -0.91
C ALA A 224 20.40 -24.23 -0.22
N LEU A 225 19.35 -23.52 -0.58
CA LEU A 225 19.08 -22.22 0.04
C LEU A 225 18.53 -22.45 1.44
N ILE A 226 17.70 -23.48 1.59
CA ILE A 226 17.14 -23.79 2.88
C ILE A 226 18.28 -24.14 3.85
N LEU A 227 19.30 -24.80 3.33
CA LEU A 227 20.46 -25.19 4.13
C LEU A 227 21.32 -23.96 4.48
N MET A 228 21.51 -23.08 3.50
CA MET A 228 22.30 -21.90 3.74
C MET A 228 21.61 -20.95 4.72
N HIS A 229 20.29 -21.04 4.80
CA HIS A 229 19.51 -20.24 5.73
C HIS A 229 19.85 -20.73 7.14
N GLU A 230 19.92 -22.05 7.30
CA GLU A 230 20.27 -22.63 8.59
C GLU A 230 21.74 -22.33 8.91
N LEU A 231 22.60 -22.42 7.89
CA LEU A 231 24.01 -22.15 8.06
C LEU A 231 24.26 -20.74 8.56
N ILE A 232 23.40 -19.81 8.16
CA ILE A 232 23.53 -18.45 8.60
C ILE A 232 23.29 -18.40 10.13
N HIS A 233 22.37 -19.24 10.62
CA HIS A 233 22.11 -19.28 12.04
C HIS A 233 23.35 -19.83 12.73
N VAL A 234 23.93 -20.86 12.13
CA VAL A 234 25.15 -21.49 12.65
C VAL A 234 26.24 -20.44 12.77
N LEU A 235 26.42 -19.69 11.68
CA LEU A 235 27.43 -18.63 11.65
C LEU A 235 27.23 -17.69 12.84
N HIS A 236 25.99 -17.23 13.03
CA HIS A 236 25.65 -16.34 14.14
C HIS A 236 25.99 -17.00 15.46
N GLY A 237 25.61 -18.26 15.61
CA GLY A 237 25.88 -18.97 16.84
C GLY A 237 27.37 -19.17 17.10
N LEU A 238 28.13 -19.45 16.05
CA LEU A 238 29.55 -19.69 16.19
C LEU A 238 30.31 -18.44 16.63
N TYR A 239 29.89 -17.29 16.13
CA TYR A 239 30.54 -16.05 16.51
C TYR A 239 29.94 -15.46 17.78
N GLY A 240 29.02 -16.20 18.40
CA GLY A 240 28.41 -15.74 19.63
C GLY A 240 27.64 -14.43 19.52
N ILE A 241 26.96 -14.25 18.40
CA ILE A 241 26.19 -13.04 18.20
C ILE A 241 24.72 -13.36 17.98
N LYS A 242 24.33 -14.62 18.23
CA LYS A 242 22.94 -15.03 18.06
C LYS A 242 22.15 -14.54 19.28
N VAL A 243 22.35 -13.28 19.64
CA VAL A 243 21.70 -12.69 20.82
C VAL A 243 20.19 -12.51 20.77
N ASP A 244 19.62 -12.38 21.96
CA ASP A 244 18.20 -12.18 22.13
C ASP A 244 17.96 -10.72 22.45
N ASP A 245 16.75 -10.24 22.20
CA ASP A 245 16.40 -8.87 22.49
C ASP A 245 14.89 -8.75 22.43
N LEU A 246 14.37 -7.52 22.36
CA LEU A 246 12.93 -7.32 22.30
C LEU A 246 12.42 -7.97 21.03
N PRO A 247 11.57 -8.99 21.17
CA PRO A 247 11.02 -9.68 20.00
C PRO A 247 9.75 -9.08 19.42
N ILE A 248 9.34 -9.62 18.28
CA ILE A 248 8.10 -9.20 17.66
C ILE A 248 7.09 -10.24 18.18
N VAL A 249 6.12 -9.81 18.96
CA VAL A 249 5.13 -10.72 19.50
C VAL A 249 3.79 -10.43 18.83
N PRO A 250 3.02 -11.48 18.51
CA PRO A 250 1.74 -11.22 17.86
C PRO A 250 0.62 -10.98 18.87
N ASN A 251 -0.29 -10.10 18.51
CA ASN A 251 -1.43 -9.79 19.35
C ASN A 251 -2.36 -10.97 19.17
N GLU A 252 -2.81 -11.59 20.26
CA GLU A 252 -3.72 -12.72 20.17
C GLU A 252 -5.00 -12.47 20.97
N LYS A 253 -5.35 -11.21 21.17
CA LYS A 253 -6.55 -10.88 21.95
C LYS A 253 -7.84 -11.09 21.15
N LYS A 254 -7.79 -10.91 19.84
CA LYS A 254 -8.96 -11.10 19.01
C LYS A 254 -8.87 -12.46 18.31
N PHE A 255 -10.03 -13.02 17.98
CA PHE A 255 -10.13 -14.34 17.34
C PHE A 255 -9.61 -14.41 15.90
N PHE A 256 -9.46 -13.27 15.26
CA PHE A 256 -9.00 -13.25 13.89
C PHE A 256 -7.48 -13.04 13.79
N MET A 257 -6.84 -12.88 14.95
CA MET A 257 -5.40 -12.66 14.99
C MET A 257 -4.64 -13.98 14.99
N GLN A 258 -3.62 -14.05 14.17
CA GLN A 258 -2.78 -15.23 14.04
C GLN A 258 -1.93 -15.41 15.30
N SER A 259 -1.95 -16.61 15.87
CA SER A 259 -1.17 -16.93 17.07
C SER A 259 0.15 -17.61 16.66
N THR A 260 1.24 -17.20 17.28
CA THR A 260 2.54 -17.81 16.95
C THR A 260 3.67 -17.45 17.92
N ASP A 261 4.80 -18.13 17.77
CA ASP A 261 5.96 -17.89 18.61
C ASP A 261 6.51 -16.49 18.38
N ALA A 262 7.19 -15.98 19.40
CA ALA A 262 7.82 -14.67 19.32
C ALA A 262 8.94 -14.75 18.28
N ILE A 263 9.06 -13.73 17.44
CA ILE A 263 10.09 -13.72 16.42
C ILE A 263 11.23 -12.79 16.78
N GLN A 264 12.40 -13.35 17.03
CA GLN A 264 13.59 -12.58 17.39
C GLN A 264 14.19 -11.89 16.18
N ALA A 265 14.82 -10.74 16.41
CA ALA A 265 15.45 -9.97 15.37
C ALA A 265 16.46 -10.81 14.57
N GLU A 266 17.16 -11.69 15.26
CA GLU A 266 18.16 -12.54 14.64
C GLU A 266 17.55 -13.34 13.48
N GLU A 267 16.27 -13.69 13.60
CA GLU A 267 15.58 -14.44 12.56
C GLU A 267 15.33 -13.57 11.33
N LEU A 268 14.78 -12.38 11.57
CA LEU A 268 14.47 -11.45 10.50
C LEU A 268 15.72 -10.94 9.79
N TYR A 269 16.83 -10.85 10.51
CA TYR A 269 18.10 -10.42 9.91
C TYR A 269 18.52 -11.54 8.97
N THR A 270 18.37 -12.77 9.43
CA THR A 270 18.74 -13.92 8.63
C THR A 270 17.95 -14.00 7.33
N PHE A 271 16.67 -13.65 7.36
CA PHE A 271 15.89 -13.69 6.13
C PHE A 271 16.28 -12.54 5.21
N GLY A 272 16.41 -11.35 5.80
CA GLY A 272 16.78 -10.19 5.01
C GLY A 272 15.58 -9.60 4.29
N GLY A 273 15.84 -8.88 3.21
CA GLY A 273 14.76 -8.28 2.46
C GLY A 273 14.16 -7.22 3.34
N GLN A 274 12.83 -7.13 3.33
CA GLN A 274 12.13 -6.13 4.15
C GLN A 274 12.08 -6.48 5.64
N ASP A 275 12.13 -7.76 5.97
CA ASP A 275 12.04 -8.17 7.37
C ASP A 275 12.89 -7.36 8.34
N PRO A 276 14.13 -7.00 7.98
CA PRO A 276 14.93 -6.21 8.92
C PRO A 276 14.27 -4.89 9.33
N SER A 277 13.44 -4.33 8.45
CA SER A 277 12.75 -3.07 8.73
C SER A 277 11.67 -3.21 9.81
N ILE A 278 11.33 -4.43 10.17
CA ILE A 278 10.33 -4.67 11.20
C ILE A 278 11.00 -4.55 12.57
N ILE A 279 12.34 -4.47 12.54
CA ILE A 279 13.14 -4.32 13.74
C ILE A 279 13.49 -2.83 13.76
N THR A 280 12.96 -2.11 14.75
CA THR A 280 13.19 -0.67 14.82
C THR A 280 14.66 -0.30 14.90
N PRO A 281 15.03 0.88 14.41
CA PRO A 281 16.43 1.26 14.48
C PRO A 281 16.87 1.21 15.95
N SER A 282 15.94 1.53 16.84
CA SER A 282 16.23 1.50 18.28
C SER A 282 16.75 0.12 18.66
N THR A 283 15.93 -0.89 18.38
CA THR A 283 16.29 -2.25 18.70
C THR A 283 17.49 -2.76 17.91
N ASP A 284 17.74 -2.18 16.73
CA ASP A 284 18.88 -2.57 15.92
C ASP A 284 20.14 -2.23 16.73
N LYS A 285 20.13 -1.05 17.34
CA LYS A 285 21.26 -0.58 18.13
C LYS A 285 21.36 -1.29 19.48
N SER A 286 20.23 -1.69 20.03
CA SER A 286 20.26 -2.40 21.31
C SER A 286 21.10 -3.66 21.09
N ILE A 287 20.77 -4.40 20.03
CA ILE A 287 21.47 -5.63 19.67
C ILE A 287 22.94 -5.27 19.40
N TYR A 288 23.16 -4.29 18.52
CA TYR A 288 24.50 -3.88 18.21
C TYR A 288 25.30 -3.77 19.50
N ASP A 289 24.85 -2.90 20.40
CA ASP A 289 25.54 -2.69 21.67
C ASP A 289 25.75 -3.98 22.47
N LYS A 290 24.75 -4.87 22.52
CA LYS A 290 24.89 -6.12 23.25
C LYS A 290 26.02 -7.00 22.70
N VAL A 291 26.15 -7.03 21.37
CA VAL A 291 27.17 -7.83 20.72
C VAL A 291 28.55 -7.22 20.94
N LEU A 292 28.62 -5.90 20.86
CA LEU A 292 29.87 -5.21 21.06
C LEU A 292 30.36 -5.48 22.49
N GLN A 293 29.43 -5.45 23.44
CA GLN A 293 29.82 -5.69 24.82
C GLN A 293 30.29 -7.12 25.02
N ASN A 294 29.76 -8.05 24.25
CA ASN A 294 30.17 -9.44 24.35
C ASN A 294 31.60 -9.55 23.84
N PHE A 295 31.89 -8.85 22.74
CA PHE A 295 33.22 -8.86 22.14
C PHE A 295 34.27 -8.22 23.04
N ARG A 296 33.84 -7.32 23.92
CA ARG A 296 34.77 -6.65 24.83
C ARG A 296 35.22 -7.64 25.91
N GLY A 297 34.31 -8.48 26.37
CA GLY A 297 34.67 -9.46 27.37
C GLY A 297 35.64 -10.48 26.79
N ILE A 298 35.40 -10.86 25.54
CA ILE A 298 36.25 -11.83 24.87
C ILE A 298 37.63 -11.23 24.61
N VAL A 299 37.66 -9.96 24.22
CA VAL A 299 38.96 -9.34 23.95
C VAL A 299 39.73 -9.13 25.24
N ASP A 300 39.01 -8.99 26.35
CA ASP A 300 39.66 -8.80 27.64
C ASP A 300 40.26 -10.13 28.08
N ARG A 301 39.60 -11.23 27.71
CA ARG A 301 40.07 -12.56 28.05
C ARG A 301 41.37 -12.86 27.31
N LEU A 302 41.44 -12.48 26.04
CA LEU A 302 42.66 -12.71 25.27
C LEU A 302 43.87 -12.02 25.90
N ASN A 303 43.63 -10.91 26.58
CA ASN A 303 44.72 -10.20 27.23
C ASN A 303 45.01 -10.81 28.61
N LYS A 304 44.16 -11.73 29.06
CA LYS A 304 44.35 -12.32 30.38
C LYS A 304 44.52 -13.84 30.40
N VAL A 305 44.13 -14.50 29.32
CA VAL A 305 44.25 -15.95 29.24
C VAL A 305 45.72 -16.33 29.47
N LEU A 306 45.95 -17.38 30.25
CA LEU A 306 47.30 -17.82 30.57
C LEU A 306 47.46 -19.33 30.46
N VAL A 307 46.40 -20.06 30.79
CA VAL A 307 46.48 -21.52 30.76
C VAL A 307 45.20 -22.23 30.38
N CYS A 308 45.32 -23.55 30.26
CA CYS A 308 44.20 -24.40 29.96
C CYS A 308 44.38 -25.65 30.81
N ILE A 309 43.64 -25.72 31.92
CA ILE A 309 43.73 -26.86 32.82
C ILE A 309 43.14 -28.13 32.20
N SER A 310 41.97 -27.97 31.59
CA SER A 310 41.27 -29.07 30.96
C SER A 310 42.15 -29.86 29.99
N ASP A 311 42.97 -29.15 29.22
CA ASP A 311 43.84 -29.80 28.25
C ASP A 311 45.25 -29.21 28.23
N PRO A 312 46.21 -29.91 28.84
CA PRO A 312 47.62 -29.51 28.92
C PRO A 312 48.23 -29.43 27.53
N ASN A 313 47.54 -29.99 26.55
CA ASN A 313 48.02 -29.99 25.17
C ASN A 313 47.74 -28.71 24.40
N ILE A 314 46.68 -27.99 24.79
CA ILE A 314 46.33 -26.77 24.11
C ILE A 314 47.49 -25.76 24.08
N ASN A 315 47.80 -25.27 22.88
CA ASN A 315 48.87 -24.28 22.69
C ASN A 315 48.25 -22.90 22.85
N ILE A 316 48.47 -22.27 24.01
CA ILE A 316 47.92 -20.95 24.30
C ILE A 316 48.08 -19.92 23.19
N ASN A 317 49.28 -19.82 22.62
CA ASN A 317 49.51 -18.85 21.57
C ASN A 317 48.66 -19.11 20.32
N ILE A 318 48.73 -20.31 19.77
CA ILE A 318 47.98 -20.67 18.56
C ILE A 318 46.51 -20.24 18.63
N TYR A 319 45.84 -20.51 19.75
CA TYR A 319 44.45 -20.13 19.89
C TYR A 319 44.30 -18.60 19.98
N LYS A 320 45.17 -17.96 20.76
CA LYS A 320 45.12 -16.51 20.89
C LYS A 320 45.20 -15.87 19.50
N ASN A 321 45.95 -16.49 18.60
CA ASN A 321 46.08 -15.95 17.24
C ASN A 321 44.80 -16.25 16.45
N LYS A 322 44.20 -17.42 16.70
CA LYS A 322 42.99 -17.80 15.99
C LYS A 322 41.79 -16.92 16.38
N PHE A 323 41.61 -16.70 17.67
CA PHE A 323 40.51 -15.86 18.15
C PHE A 323 40.75 -14.42 17.74
N LYS A 324 42.01 -14.00 17.77
CA LYS A 324 42.33 -12.63 17.39
C LYS A 324 41.85 -12.38 15.97
N ASP A 325 42.04 -13.37 15.11
CA ASP A 325 41.62 -13.22 13.72
C ASP A 325 40.15 -13.52 13.51
N LYS A 326 39.58 -14.40 14.34
CA LYS A 326 38.18 -14.75 14.25
C LYS A 326 37.34 -13.49 14.50
N TYR A 327 37.63 -12.82 15.61
CA TYR A 327 36.91 -11.61 16.01
C TYR A 327 37.49 -10.33 15.40
N LYS A 328 38.46 -10.46 14.51
CA LYS A 328 39.03 -9.27 13.92
C LYS A 328 39.45 -8.28 15.00
N PHE A 329 40.22 -8.74 15.97
CA PHE A 329 40.71 -7.88 17.04
C PHE A 329 42.05 -7.32 16.58
N VAL A 330 42.40 -6.13 17.05
CA VAL A 330 43.67 -5.52 16.70
C VAL A 330 44.70 -5.82 17.78
N GLU A 331 45.84 -6.35 17.34
CA GLU A 331 46.92 -6.66 18.25
C GLU A 331 47.75 -5.38 18.28
N ASP A 332 48.85 -5.38 19.03
CA ASP A 332 49.71 -4.21 19.07
C ASP A 332 51.14 -4.70 19.30
N SER A 333 52.13 -3.86 19.02
CA SER A 333 53.54 -4.20 19.18
C SER A 333 53.89 -5.12 20.35
N GLU A 334 53.21 -4.93 21.48
CA GLU A 334 53.45 -5.72 22.67
C GLU A 334 52.61 -6.98 22.75
N GLY A 335 51.53 -7.04 21.99
CA GLY A 335 50.67 -8.21 22.01
C GLY A 335 49.37 -7.88 22.74
N LYS A 336 49.15 -6.59 22.96
CA LYS A 336 47.95 -6.13 23.63
C LYS A 336 46.79 -6.15 22.63
N TYR A 337 45.79 -7.00 22.88
CA TYR A 337 44.64 -7.07 21.98
C TYR A 337 43.59 -6.03 22.35
N SER A 338 43.02 -5.38 21.35
CA SER A 338 41.98 -4.39 21.60
C SER A 338 41.01 -4.39 20.43
N ILE A 339 39.86 -3.74 20.60
CA ILE A 339 38.86 -3.68 19.55
C ILE A 339 38.99 -2.48 18.63
N ASP A 340 38.97 -2.78 17.33
CA ASP A 340 39.05 -1.79 16.25
C ASP A 340 37.61 -1.55 15.80
N VAL A 341 37.13 -0.34 16.01
CA VAL A 341 35.76 0.01 15.64
C VAL A 341 35.41 -0.22 14.16
N GLU A 342 36.27 0.22 13.25
CA GLU A 342 35.98 0.01 11.83
C GLU A 342 35.84 -1.46 11.48
N SER A 343 36.83 -2.26 11.90
CA SER A 343 36.82 -3.69 11.61
C SER A 343 35.63 -4.41 12.24
N PHE A 344 35.31 -4.05 13.49
CA PHE A 344 34.19 -4.67 14.18
C PHE A 344 32.90 -4.40 13.40
N ASP A 345 32.74 -3.14 13.03
CA ASP A 345 31.58 -2.69 12.27
C ASP A 345 31.36 -3.52 11.03
N LYS A 346 32.42 -3.66 10.23
CA LYS A 346 32.37 -4.42 9.00
C LYS A 346 32.03 -5.90 9.26
N LEU A 347 32.64 -6.49 10.28
CA LEU A 347 32.36 -7.89 10.60
C LEU A 347 30.89 -8.11 11.00
N TYR A 348 30.41 -7.25 11.90
CA TYR A 348 29.03 -7.32 12.39
C TYR A 348 28.01 -7.21 11.27
N LYS A 349 28.19 -6.22 10.40
CA LYS A 349 27.27 -6.01 9.28
C LYS A 349 27.33 -7.18 8.28
N SER A 350 28.53 -7.73 8.10
CA SER A 350 28.72 -8.86 7.18
C SER A 350 27.92 -10.05 7.65
N LEU A 351 27.92 -10.29 8.96
CA LEU A 351 27.25 -11.42 9.57
C LEU A 351 25.73 -11.30 9.73
N MET A 352 25.26 -10.08 9.96
CA MET A 352 23.84 -9.85 10.16
C MET A 352 23.09 -9.40 8.91
N PHE A 353 23.81 -8.70 8.02
CA PHE A 353 23.18 -8.16 6.82
C PHE A 353 23.78 -8.60 5.48
N GLY A 354 24.96 -9.21 5.51
CA GLY A 354 25.59 -9.66 4.28
C GLY A 354 25.07 -11.05 3.95
N PHE A 355 25.32 -11.99 4.85
CA PHE A 355 24.86 -13.36 4.69
C PHE A 355 23.40 -13.44 5.11
N THR A 356 22.49 -13.33 4.15
CA THR A 356 21.06 -13.41 4.42
C THR A 356 20.45 -14.32 3.39
N GLU A 357 19.28 -14.88 3.70
CA GLU A 357 18.61 -15.76 2.76
C GLU A 357 18.32 -14.95 1.50
N THR A 358 17.88 -13.70 1.69
CA THR A 358 17.57 -12.84 0.57
C THR A 358 18.77 -12.55 -0.33
N ASN A 359 19.92 -12.23 0.25
CA ASN A 359 21.10 -11.93 -0.56
C ASN A 359 21.64 -13.15 -1.27
N ILE A 360 21.71 -14.27 -0.57
CA ILE A 360 22.22 -15.51 -1.15
C ILE A 360 21.32 -15.97 -2.31
N ALA A 361 20.01 -15.82 -2.15
CA ALA A 361 19.08 -16.22 -3.21
C ALA A 361 19.34 -15.40 -4.48
N GLU A 362 19.41 -14.09 -4.33
CA GLU A 362 19.66 -13.22 -5.47
C GLU A 362 20.97 -13.61 -6.15
N ASN A 363 21.98 -13.95 -5.35
CA ASN A 363 23.28 -14.30 -5.89
C ASN A 363 23.33 -15.66 -6.61
N TYR A 364 22.61 -16.65 -6.11
CA TYR A 364 22.57 -17.96 -6.74
C TYR A 364 21.40 -18.05 -7.70
N LYS A 365 20.77 -16.91 -7.97
CA LYS A 365 19.62 -16.86 -8.88
C LYS A 365 18.60 -17.92 -8.50
N ILE A 366 18.31 -17.98 -7.21
CA ILE A 366 17.33 -18.94 -6.68
C ILE A 366 16.14 -18.13 -6.19
N LYS A 367 14.94 -18.63 -6.42
CA LYS A 367 13.74 -17.92 -5.98
C LYS A 367 13.32 -18.33 -4.56
N THR A 368 12.77 -17.38 -3.83
CA THR A 368 12.32 -17.64 -2.46
C THR A 368 11.10 -16.75 -2.15
N ARG A 369 10.51 -16.96 -0.97
CA ARG A 369 9.35 -16.19 -0.53
C ARG A 369 9.75 -14.73 -0.42
N ALA A 370 8.80 -13.84 -0.71
CA ALA A 370 9.07 -12.41 -0.65
C ALA A 370 9.34 -11.93 0.76
N SER A 371 8.68 -12.56 1.74
CA SER A 371 8.88 -12.15 3.13
C SER A 371 8.76 -13.28 4.15
N TYR A 372 9.33 -13.05 5.32
CA TYR A 372 9.25 -14.01 6.40
C TYR A 372 7.77 -14.18 6.72
N PHE A 373 7.04 -13.06 6.71
CA PHE A 373 5.60 -13.06 6.99
C PHE A 373 4.84 -13.36 5.72
N SER A 374 4.76 -14.63 5.38
CA SER A 374 4.04 -15.05 4.18
C SER A 374 3.37 -16.38 4.47
N ASP A 375 2.16 -16.56 3.94
CA ASP A 375 1.46 -17.80 4.18
C ASP A 375 2.32 -18.99 3.78
N SER A 376 2.19 -20.07 4.53
CA SER A 376 2.95 -21.29 4.27
C SER A 376 2.03 -22.34 3.66
N LEU A 377 2.42 -22.85 2.49
CA LEU A 377 1.65 -23.87 1.79
C LEU A 377 2.12 -25.28 2.16
N PRO A 378 1.57 -26.30 1.49
CA PRO A 378 1.97 -27.69 1.76
C PRO A 378 3.33 -27.95 1.13
N PRO A 379 4.21 -28.71 1.81
CA PRO A 379 5.53 -28.99 1.24
C PRO A 379 5.43 -30.07 0.18
N VAL A 380 6.46 -30.19 -0.65
CA VAL A 380 6.51 -31.21 -1.68
C VAL A 380 7.78 -32.01 -1.53
N LYS A 381 7.78 -33.21 -2.11
CA LYS A 381 8.92 -34.10 -2.05
C LYS A 381 9.68 -34.04 -3.37
N ILE A 382 10.97 -33.76 -3.31
CA ILE A 382 11.77 -33.73 -4.53
C ILE A 382 12.02 -35.19 -4.88
N LYS A 383 11.80 -35.56 -6.13
CA LYS A 383 11.98 -36.95 -6.57
C LYS A 383 13.39 -37.48 -6.38
N ASN A 384 14.36 -36.81 -6.97
CA ASN A 384 15.75 -37.27 -6.84
C ASN A 384 16.78 -36.17 -7.01
N LEU A 385 17.23 -35.61 -5.88
CA LEU A 385 18.22 -34.54 -5.91
C LEU A 385 19.54 -35.04 -6.51
N LEU A 386 19.73 -36.35 -6.52
CA LEU A 386 20.95 -36.93 -7.06
C LEU A 386 20.89 -37.15 -8.57
N ASP A 387 19.81 -36.73 -9.20
CA ASP A 387 19.67 -36.88 -10.65
C ASP A 387 20.04 -35.56 -11.32
N ASN A 388 21.20 -35.51 -11.96
CA ASN A 388 21.66 -34.28 -12.60
C ASN A 388 20.77 -33.72 -13.71
N GLU A 389 19.71 -34.45 -14.05
CA GLU A 389 18.80 -34.00 -15.10
C GLU A 389 17.72 -33.13 -14.45
N ILE A 390 17.61 -33.26 -13.13
CA ILE A 390 16.63 -32.50 -12.36
C ILE A 390 17.27 -31.44 -11.48
N TYR A 391 18.41 -31.78 -10.90
CA TYR A 391 19.07 -30.87 -9.98
C TYR A 391 20.60 -30.94 -10.14
N THR A 392 21.24 -29.78 -10.31
CA THR A 392 22.69 -29.72 -10.47
C THR A 392 23.38 -28.83 -9.44
N ILE A 393 24.65 -29.12 -9.20
CA ILE A 393 25.47 -28.37 -8.26
C ILE A 393 25.57 -26.94 -8.77
N GLU A 394 25.80 -26.80 -10.07
CA GLU A 394 25.94 -25.48 -10.69
C GLU A 394 24.69 -24.61 -10.71
N GLU A 395 23.52 -25.18 -11.00
CA GLU A 395 22.29 -24.38 -11.10
C GLU A 395 21.05 -24.84 -10.34
N GLY A 396 21.14 -25.95 -9.61
CA GLY A 396 19.98 -26.43 -8.91
C GLY A 396 18.90 -26.92 -9.87
N PHE A 397 17.68 -26.41 -9.72
CA PHE A 397 16.58 -26.81 -10.59
C PHE A 397 16.50 -25.94 -11.85
N ASN A 398 17.05 -24.73 -11.76
CA ASN A 398 17.01 -23.79 -12.87
C ASN A 398 18.08 -24.02 -13.91
N ILE A 399 18.06 -25.22 -14.48
CA ILE A 399 19.02 -25.64 -15.48
C ILE A 399 18.72 -25.01 -16.85
N SER A 400 19.70 -24.31 -17.41
CA SER A 400 19.51 -23.67 -18.70
C SER A 400 19.38 -24.65 -19.89
N ASP A 401 20.00 -25.82 -19.81
CA ASP A 401 19.91 -26.80 -20.90
C ASP A 401 18.46 -27.27 -21.06
N LYS A 402 17.73 -27.30 -19.97
CA LYS A 402 16.33 -27.72 -20.00
C LYS A 402 15.48 -26.46 -20.13
N ASP A 403 16.15 -25.35 -20.41
CA ASP A 403 15.49 -24.06 -20.52
C ASP A 403 14.62 -23.85 -19.29
N MET A 404 15.23 -24.03 -18.13
CA MET A 404 14.59 -23.88 -16.84
C MET A 404 15.27 -22.78 -16.04
N GLU A 405 16.09 -21.97 -16.71
CA GLU A 405 16.82 -20.90 -16.05
C GLU A 405 15.97 -19.64 -15.89
N LYS A 406 15.38 -19.20 -17.00
CA LYS A 406 14.55 -18.01 -17.01
C LYS A 406 13.33 -18.08 -16.09
N GLU A 407 13.14 -17.01 -15.31
CA GLU A 407 12.01 -16.89 -14.38
C GLU A 407 11.90 -18.01 -13.35
N TYR A 408 13.03 -18.61 -13.02
CA TYR A 408 13.08 -19.70 -12.05
C TYR A 408 12.10 -20.80 -12.44
N ARG A 409 12.01 -21.11 -13.73
CA ARG A 409 11.10 -22.15 -14.21
C ARG A 409 11.31 -23.50 -13.51
N GLY A 410 12.56 -23.86 -13.23
CA GLY A 410 12.81 -25.13 -12.57
C GLY A 410 12.19 -25.28 -11.20
N GLN A 411 11.74 -24.17 -10.60
CA GLN A 411 11.14 -24.20 -9.28
C GLN A 411 9.65 -23.99 -9.38
N ASN A 412 9.15 -23.81 -10.61
CA ASN A 412 7.73 -23.57 -10.82
C ASN A 412 6.98 -24.89 -10.76
N LYS A 413 6.00 -24.97 -9.87
CA LYS A 413 5.24 -26.20 -9.71
C LYS A 413 4.41 -26.60 -10.90
N ALA A 414 3.99 -25.63 -11.70
CA ALA A 414 3.18 -25.94 -12.87
C ALA A 414 4.02 -26.28 -14.08
N ILE A 415 5.32 -26.01 -13.99
CA ILE A 415 6.21 -26.26 -15.11
C ILE A 415 7.18 -27.43 -14.97
N ASN A 416 7.72 -27.64 -13.78
CA ASN A 416 8.71 -28.71 -13.56
C ASN A 416 8.16 -29.82 -12.67
N LYS A 417 7.11 -30.48 -13.13
CA LYS A 417 6.46 -31.55 -12.37
C LYS A 417 7.27 -32.85 -12.36
N GLN A 418 8.23 -32.97 -13.28
CA GLN A 418 9.05 -34.16 -13.34
C GLN A 418 10.10 -34.13 -12.23
N ALA A 419 10.10 -33.05 -11.45
CA ALA A 419 11.08 -32.89 -10.39
C ALA A 419 10.55 -33.11 -8.96
N TYR A 420 9.24 -33.10 -8.79
CA TYR A 420 8.67 -33.27 -7.46
C TYR A 420 7.36 -34.05 -7.43
N GLU A 421 7.00 -34.50 -6.23
CA GLU A 421 5.78 -35.23 -5.98
C GLU A 421 4.99 -34.51 -4.90
N GLU A 422 3.67 -34.59 -4.98
CA GLU A 422 2.78 -33.99 -4.00
C GLU A 422 2.82 -34.90 -2.79
N ILE A 423 2.42 -34.37 -1.64
CA ILE A 423 2.42 -35.15 -0.42
C ILE A 423 1.03 -35.62 -0.02
N SER A 424 0.97 -36.79 0.60
CA SER A 424 -0.28 -37.38 1.05
C SER A 424 -0.82 -36.55 2.22
N LYS A 425 -1.91 -35.83 1.98
CA LYS A 425 -2.52 -34.99 3.02
C LYS A 425 -2.75 -35.75 4.30
N GLU A 426 -3.02 -37.04 4.19
CA GLU A 426 -3.27 -37.87 5.36
C GLU A 426 -2.02 -38.07 6.20
N HIS A 427 -1.05 -37.17 6.02
CA HIS A 427 0.21 -37.23 6.77
C HIS A 427 0.60 -35.82 7.18
N LEU A 428 -0.25 -34.86 6.82
CA LEU A 428 -0.04 -33.46 7.15
C LEU A 428 -0.93 -33.07 8.32
N ALA A 429 -0.47 -32.09 9.09
CA ALA A 429 -1.22 -31.61 10.24
C ALA A 429 -1.03 -30.11 10.32
N VAL A 430 -2.12 -29.39 10.53
CA VAL A 430 -2.03 -27.95 10.64
C VAL A 430 -2.87 -27.46 11.81
N TYR A 431 -2.43 -26.38 12.42
CA TYR A 431 -3.16 -25.78 13.52
C TYR A 431 -4.32 -25.03 12.91
N LYS A 432 -5.53 -25.34 13.36
CA LYS A 432 -6.73 -24.67 12.84
C LYS A 432 -7.52 -24.00 13.96
N ILE A 433 -8.27 -22.96 13.62
CA ILE A 433 -9.11 -22.30 14.61
C ILE A 433 -10.53 -22.67 14.20
N GLN A 434 -11.22 -23.43 15.04
CA GLN A 434 -12.60 -23.83 14.72
C GLN A 434 -13.54 -22.72 15.18
N MET A 435 -13.99 -21.89 14.24
CA MET A 435 -14.88 -20.78 14.54
C MET A 435 -16.33 -21.20 14.58
N CYS A 436 -16.89 -21.28 15.79
CA CYS A 436 -18.28 -21.69 15.98
C CYS A 436 -19.26 -20.56 16.32
N LYS A 437 -20.51 -20.76 15.93
CA LYS A 437 -21.55 -19.79 16.21
C LYS A 437 -22.30 -20.27 17.45
N SER A 438 -22.84 -19.33 18.23
CA SER A 438 -23.57 -19.70 19.44
C SER A 438 -24.92 -20.37 19.13
N VAL A 439 -24.88 -21.65 18.78
CA VAL A 439 -26.11 -22.38 18.45
C VAL A 439 -25.99 -23.87 18.82
N GLY A 443 -25.60 -26.19 16.39
CA GLY A 443 -24.35 -25.49 16.20
C GLY A 443 -23.86 -25.52 14.76
N ILE A 444 -22.92 -24.64 14.44
CA ILE A 444 -22.35 -24.55 13.10
C ILE A 444 -20.93 -23.95 13.21
N CYS A 445 -19.94 -24.66 12.68
CA CYS A 445 -18.56 -24.20 12.78
C CYS A 445 -17.76 -24.30 11.48
N ILE A 446 -16.82 -23.38 11.32
CA ILE A 446 -15.98 -23.35 10.14
C ILE A 446 -14.53 -23.46 10.58
N ASP A 447 -13.75 -24.25 9.86
CA ASP A 447 -12.33 -24.39 10.18
C ASP A 447 -11.49 -23.42 9.37
N VAL A 448 -10.56 -22.74 10.05
CA VAL A 448 -9.67 -21.79 9.39
C VAL A 448 -8.27 -22.11 9.85
N ASP A 449 -7.35 -22.26 8.90
CA ASP A 449 -5.97 -22.57 9.25
C ASP A 449 -5.35 -21.32 9.84
N ASN A 450 -4.73 -21.49 11.00
CA ASN A 450 -4.08 -20.38 11.70
C ASN A 450 -3.31 -19.47 10.74
N GLU A 451 -2.78 -20.08 9.68
CA GLU A 451 -2.00 -19.36 8.69
C GLU A 451 -2.80 -18.27 7.98
N ASP A 452 -4.10 -18.52 7.77
CA ASP A 452 -4.94 -17.55 7.07
C ASP A 452 -5.34 -16.32 7.87
N LEU A 453 -5.13 -16.35 9.19
CA LEU A 453 -5.52 -15.21 10.01
C LEU A 453 -4.60 -14.01 9.85
N PHE A 454 -5.01 -12.91 10.46
CA PHE A 454 -4.22 -11.68 10.39
C PHE A 454 -3.10 -11.71 11.42
N PHE A 455 -1.89 -11.40 10.97
CA PHE A 455 -0.77 -11.33 11.89
C PHE A 455 -0.72 -9.86 12.23
N ILE A 456 -0.82 -9.56 13.51
CA ILE A 456 -0.79 -8.18 13.96
C ILE A 456 0.15 -8.05 15.14
N ALA A 457 1.32 -7.47 14.90
CA ALA A 457 2.30 -7.31 15.97
C ALA A 457 1.65 -6.54 17.11
N ASP A 458 1.86 -7.04 18.33
CA ASP A 458 1.32 -6.40 19.51
C ASP A 458 2.17 -5.20 19.89
N LYS A 459 1.56 -4.23 20.56
CA LYS A 459 2.28 -3.03 20.96
C LYS A 459 3.64 -3.34 21.62
N ASN A 460 3.66 -4.34 22.50
CA ASN A 460 4.88 -4.71 23.21
C ASN A 460 6.09 -5.05 22.33
N SER A 461 5.87 -5.36 21.05
CA SER A 461 6.96 -5.71 20.16
C SER A 461 7.90 -4.55 19.91
N PHE A 462 7.46 -3.33 20.21
CA PHE A 462 8.31 -2.18 19.93
C PHE A 462 8.94 -1.48 21.11
N SER A 463 10.17 -1.08 20.88
CA SER A 463 11.02 -0.40 21.84
C SER A 463 10.60 1.02 22.15
N ASP A 464 10.67 1.36 23.44
CA ASP A 464 10.33 2.70 23.89
C ASP A 464 11.61 3.45 24.25
N ASP A 465 12.74 3.03 23.71
CA ASP A 465 14.01 3.70 24.01
C ASP A 465 14.00 5.19 23.66
N LEU A 466 13.01 5.61 22.85
CA LEU A 466 12.92 7.01 22.45
C LEU A 466 12.41 7.92 23.58
N SER A 467 11.77 7.31 24.59
CA SER A 467 11.25 8.09 25.70
C SER A 467 12.31 8.38 26.76
N LYS A 468 13.49 7.80 26.61
CA LYS A 468 14.56 8.03 27.57
C LYS A 468 15.31 9.33 27.26
N ASN A 469 15.87 9.93 28.30
CA ASN A 469 16.63 11.18 28.16
C ASN A 469 18.00 10.84 27.61
N GLU A 470 18.76 11.87 27.25
CA GLU A 470 20.10 11.68 26.74
C GLU A 470 21.01 12.85 27.11
N ARG A 471 22.21 12.53 27.58
CA ARG A 471 23.17 13.56 27.95
C ARG A 471 23.95 13.97 26.72
N ILE A 472 24.02 15.27 26.46
CA ILE A 472 24.74 15.77 25.30
C ILE A 472 26.06 16.40 25.71
N GLU A 473 27.14 15.89 25.15
CA GLU A 473 28.49 16.37 25.47
C GLU A 473 29.24 16.66 24.17
N TYR A 474 30.33 17.42 24.27
CA TYR A 474 31.15 17.76 23.10
C TYR A 474 31.55 16.46 22.42
N ASN A 475 31.41 15.37 23.17
CA ASN A 475 31.72 14.03 22.71
C ASN A 475 30.60 13.55 21.79
N THR A 476 29.48 13.20 22.40
CA THR A 476 28.29 12.69 21.73
C THR A 476 28.26 12.84 20.21
N GLN A 477 28.00 11.72 19.55
CA GLN A 477 27.91 11.66 18.10
C GLN A 477 26.65 10.82 17.74
N SER A 478 26.18 10.95 16.50
CA SER A 478 24.99 10.22 16.07
C SER A 478 25.33 8.79 15.69
N ASN A 479 24.35 7.90 15.85
CA ASN A 479 24.55 6.49 15.54
C ASN A 479 23.44 5.89 14.68
N TYR A 480 23.83 5.45 13.49
CA TYR A 480 22.91 4.85 12.53
C TYR A 480 23.44 3.49 12.07
N ILE A 481 22.62 2.46 12.19
CA ILE A 481 23.01 1.12 11.75
C ILE A 481 22.36 0.80 10.41
N GLU A 482 23.21 0.44 9.44
CA GLU A 482 22.77 0.10 8.10
C GLU A 482 22.34 -1.36 8.01
N ASN A 483 21.05 -1.59 7.81
CA ASN A 483 20.53 -2.96 7.69
C ASN A 483 20.86 -3.45 6.28
N ASP A 484 21.86 -2.83 5.69
CA ASP A 484 22.31 -3.15 4.35
C ASP A 484 23.81 -3.47 4.41
N PHE A 485 24.32 -4.10 3.35
CA PHE A 485 25.73 -4.44 3.25
C PHE A 485 26.05 -4.87 1.82
N PRO A 486 26.95 -4.14 1.14
CA PRO A 486 27.35 -4.43 -0.25
C PRO A 486 27.90 -5.85 -0.44
N ILE A 487 27.05 -6.74 -0.96
CA ILE A 487 27.43 -8.13 -1.18
C ILE A 487 28.63 -8.26 -2.13
N ASN A 488 28.84 -7.25 -2.96
CA ASN A 488 29.94 -7.27 -3.92
C ASN A 488 31.29 -7.21 -3.22
N GLU A 489 31.47 -6.25 -2.31
CA GLU A 489 32.72 -6.14 -1.59
C GLU A 489 32.86 -7.34 -0.68
N LEU A 490 31.72 -7.83 -0.17
CA LEU A 490 31.76 -8.99 0.71
C LEU A 490 32.33 -10.19 -0.04
N ILE A 491 31.93 -10.34 -1.29
CA ILE A 491 32.40 -11.46 -2.12
C ILE A 491 33.85 -11.25 -2.56
N LEU A 492 34.23 -9.99 -2.77
CA LEU A 492 35.59 -9.66 -3.18
C LEU A 492 36.52 -9.36 -2.01
N ASP A 493 35.95 -9.25 -0.82
CA ASP A 493 36.73 -8.94 0.38
C ASP A 493 37.97 -9.83 0.45
N THR A 494 39.10 -9.21 0.76
CA THR A 494 40.37 -9.93 0.84
C THR A 494 40.79 -10.38 2.25
N ASP A 495 40.18 -9.81 3.29
CA ASP A 495 40.56 -10.20 4.65
C ASP A 495 39.48 -10.83 5.53
N LEU A 496 38.24 -10.88 5.03
CA LEU A 496 37.15 -11.47 5.79
C LEU A 496 37.52 -12.90 6.17
N ILE A 497 37.84 -13.71 5.16
CA ILE A 497 38.21 -15.11 5.34
C ILE A 497 39.62 -15.31 5.89
N SER A 498 39.69 -15.83 7.11
CA SER A 498 40.95 -16.07 7.81
C SER A 498 41.97 -16.91 7.08
N LYS A 499 43.24 -16.70 7.43
CA LYS A 499 44.35 -17.45 6.86
C LYS A 499 45.25 -17.91 8.01
N ILE A 500 44.65 -18.07 9.19
CA ILE A 500 45.36 -18.51 10.38
C ILE A 500 45.09 -20.00 10.58
N GLU A 501 46.13 -20.72 11.00
CA GLU A 501 46.06 -22.15 11.25
C GLU A 501 44.84 -22.57 12.07
N LEU A 502 44.13 -23.59 11.60
CA LEU A 502 42.98 -24.10 12.33
C LEU A 502 43.54 -25.16 13.29
N PRO A 503 43.37 -24.96 14.60
CA PRO A 503 43.89 -25.95 15.55
C PRO A 503 43.39 -27.36 15.28
N SER A 504 44.14 -28.35 15.75
CA SER A 504 43.76 -29.74 15.57
C SER A 504 42.54 -29.98 16.45
N GLU A 505 41.60 -30.77 15.95
CA GLU A 505 40.37 -31.05 16.66
C GLU A 505 40.46 -32.03 17.83
N ASN A 506 41.60 -32.66 18.02
CA ASN A 506 41.72 -33.62 19.11
C ASN A 506 42.08 -32.94 20.43
N THR A 507 41.47 -33.41 21.52
CA THR A 507 41.72 -32.86 22.84
C THR A 507 41.29 -33.86 23.91
N GLU A 508 41.30 -33.44 25.18
CA GLU A 508 40.89 -34.35 26.25
C GLU A 508 39.39 -34.63 26.21
N SER A 509 39.03 -35.83 26.63
CA SER A 509 37.64 -36.23 26.64
C SER A 509 36.85 -35.32 27.53
N LEU A 510 35.58 -35.12 27.18
CA LEU A 510 34.68 -34.28 27.95
C LEU A 510 34.23 -35.15 29.11
N THR A 511 34.24 -34.61 30.33
CA THR A 511 33.80 -35.38 31.49
C THR A 511 32.62 -34.68 32.15
N ASP A 512 32.51 -33.38 31.92
CA ASP A 512 31.40 -32.61 32.47
C ASP A 512 30.30 -32.53 31.41
N PHE A 513 29.36 -33.45 31.47
CA PHE A 513 28.28 -33.51 30.49
C PHE A 513 27.10 -32.58 30.78
N ASN A 514 27.24 -31.71 31.76
CA ASN A 514 26.16 -30.78 32.12
C ASN A 514 25.68 -29.98 30.91
N VAL A 515 24.38 -30.07 30.63
CA VAL A 515 23.78 -29.35 29.51
C VAL A 515 22.26 -29.34 29.62
N ASP A 516 21.62 -28.29 29.10
CA ASP A 516 20.17 -28.21 29.13
C ASP A 516 19.65 -28.81 27.84
N VAL A 517 18.73 -29.76 27.96
CA VAL A 517 18.17 -30.40 26.78
C VAL A 517 16.69 -30.04 26.63
N PRO A 518 16.34 -29.32 25.56
CA PRO A 518 14.95 -28.91 25.31
C PRO A 518 14.00 -30.10 25.32
N VAL A 519 12.79 -29.85 25.79
CA VAL A 519 11.75 -30.89 25.80
C VAL A 519 10.59 -30.37 24.95
N TYR A 520 10.27 -31.10 23.89
CA TYR A 520 9.18 -30.71 23.01
C TYR A 520 7.97 -31.60 23.19
N GLU A 521 6.80 -31.06 22.84
CA GLU A 521 5.57 -31.83 22.90
C GLU A 521 4.47 -31.15 22.12
N LYS A 522 3.69 -31.98 21.44
CA LYS A 522 2.60 -31.51 20.61
C LYS A 522 1.51 -30.82 21.40
N GLN A 523 0.72 -30.01 20.71
CA GLN A 523 -0.39 -29.30 21.32
C GLN A 523 -1.56 -29.48 20.35
N PRO A 524 -2.81 -29.34 20.83
CA PRO A 524 -3.99 -29.50 19.98
C PRO A 524 -3.84 -28.85 18.60
N ALA A 525 -4.24 -29.60 17.58
CA ALA A 525 -4.15 -29.10 16.21
C ALA A 525 -5.38 -28.25 15.89
N ILE A 526 -6.37 -28.31 16.78
CA ILE A 526 -7.60 -27.58 16.61
C ILE A 526 -7.98 -26.84 17.89
N LYS A 527 -8.25 -25.55 17.76
CA LYS A 527 -8.66 -24.72 18.89
C LYS A 527 -10.03 -24.16 18.56
N LYS A 528 -11.02 -24.53 19.35
CA LYS A 528 -12.38 -24.08 19.13
C LYS A 528 -12.69 -22.76 19.85
N ILE A 529 -13.22 -21.79 19.10
CA ILE A 529 -13.60 -20.50 19.68
C ILE A 529 -15.06 -20.23 19.33
N PHE A 530 -15.61 -19.18 19.94
CA PHE A 530 -17.00 -18.81 19.69
C PHE A 530 -17.13 -17.37 19.23
N THR A 531 -17.88 -17.18 18.15
CA THR A 531 -18.11 -15.84 17.60
C THR A 531 -19.23 -15.92 16.58
N ASP A 532 -20.10 -14.91 16.60
CA ASP A 532 -21.21 -14.88 15.65
C ASP A 532 -20.85 -13.92 14.54
N GLU A 533 -19.60 -13.48 14.57
CA GLU A 533 -19.09 -12.57 13.56
C GLU A 533 -19.04 -13.27 12.21
N ASN A 534 -19.42 -12.54 11.17
CA ASN A 534 -19.37 -13.07 9.81
C ASN A 534 -18.42 -12.13 9.08
N THR A 535 -17.14 -12.37 9.26
CA THR A 535 -16.10 -11.56 8.66
C THR A 535 -15.49 -12.29 7.46
N ILE A 536 -14.24 -11.97 7.12
CA ILE A 536 -13.57 -12.57 5.98
C ILE A 536 -13.63 -14.10 5.89
N PHE A 537 -13.44 -14.77 7.02
CA PHE A 537 -13.46 -16.22 7.02
C PHE A 537 -14.83 -16.80 6.63
N GLN A 538 -15.89 -16.29 7.26
CA GLN A 538 -17.23 -16.78 6.95
C GLN A 538 -17.62 -16.46 5.51
N TYR A 539 -17.33 -15.25 5.07
CA TYR A 539 -17.66 -14.85 3.71
C TYR A 539 -16.95 -15.70 2.66
N LEU A 540 -15.68 -16.02 2.91
CA LEU A 540 -14.93 -16.85 1.98
C LEU A 540 -15.52 -18.26 1.96
N TYR A 541 -16.00 -18.69 3.13
CA TYR A 541 -16.60 -20.01 3.30
C TYR A 541 -17.89 -20.15 2.50
N SER A 542 -18.75 -19.13 2.62
CA SER A 542 -20.05 -19.10 1.95
C SER A 542 -19.89 -19.29 0.45
N GLN A 543 -18.66 -19.14 -0.04
CA GLN A 543 -18.36 -19.26 -1.45
C GLN A 543 -17.82 -20.63 -1.84
N THR A 544 -17.91 -21.60 -0.94
CA THR A 544 -17.44 -22.95 -1.25
C THR A 544 -18.60 -23.95 -1.19
N PHE A 545 -18.34 -25.19 -1.58
CA PHE A 545 -19.35 -26.24 -1.55
C PHE A 545 -18.68 -27.59 -1.37
N PRO A 546 -19.37 -28.53 -0.71
CA PRO A 546 -18.87 -29.89 -0.43
C PRO A 546 -18.47 -30.64 -1.69
N LEU A 547 -17.57 -31.60 -1.55
CA LEU A 547 -17.12 -32.40 -2.67
C LEU A 547 -18.18 -33.37 -3.17
N ASP A 548 -19.12 -33.73 -2.29
CA ASP A 548 -20.18 -34.67 -2.67
C ASP A 548 -21.40 -34.01 -3.32
N ILE A 549 -21.28 -32.73 -3.64
CA ILE A 549 -22.36 -31.98 -4.27
C ILE A 549 -21.89 -31.52 -5.66
N ARG A 550 -22.70 -31.73 -6.69
CA ARG A 550 -22.30 -31.29 -8.02
C ARG A 550 -23.25 -30.28 -8.65
N ASP A 551 -24.46 -30.19 -8.11
CA ASP A 551 -25.45 -29.25 -8.63
C ASP A 551 -25.63 -28.07 -7.67
N ILE A 552 -25.17 -26.90 -8.11
CA ILE A 552 -25.28 -25.69 -7.28
C ILE A 552 -25.85 -24.51 -8.06
N SER A 553 -26.23 -23.48 -7.32
CA SER A 553 -26.74 -22.26 -7.93
C SER A 553 -26.15 -21.10 -7.13
N LEU A 554 -25.80 -20.03 -7.82
CA LEU A 554 -25.24 -18.86 -7.15
C LEU A 554 -26.35 -18.07 -6.48
N THR A 555 -25.98 -17.30 -5.47
CA THR A 555 -26.94 -16.46 -4.77
C THR A 555 -26.26 -15.22 -4.22
N SER A 556 -26.96 -14.10 -4.21
CA SER A 556 -26.39 -12.86 -3.68
C SER A 556 -26.61 -12.84 -2.18
N SER A 557 -27.38 -13.82 -1.68
CA SER A 557 -27.67 -13.88 -0.26
C SER A 557 -26.63 -14.67 0.53
N PHE A 558 -25.85 -13.96 1.33
CA PHE A 558 -24.82 -14.57 2.16
C PHE A 558 -25.39 -15.59 3.11
N ASP A 559 -26.52 -15.26 3.71
CA ASP A 559 -27.15 -16.15 4.68
C ASP A 559 -27.72 -17.43 4.12
N ASP A 560 -28.28 -17.37 2.92
CA ASP A 560 -28.82 -18.57 2.30
C ASP A 560 -27.65 -19.44 1.85
N ALA A 561 -26.58 -18.79 1.42
CA ALA A 561 -25.40 -19.51 0.97
C ALA A 561 -24.82 -20.39 2.09
N LEU A 562 -24.91 -19.92 3.33
CA LEU A 562 -24.39 -20.68 4.46
C LEU A 562 -25.36 -21.79 4.84
N LEU A 563 -26.63 -21.45 4.79
CA LEU A 563 -27.69 -22.37 5.16
C LEU A 563 -27.82 -23.57 4.22
N PHE A 564 -27.76 -23.30 2.92
CA PHE A 564 -27.90 -24.38 1.95
C PHE A 564 -26.62 -24.77 1.22
N SER A 565 -26.25 -26.04 1.36
CA SER A 565 -25.05 -26.59 0.75
C SER A 565 -25.01 -26.47 -0.77
N ASN A 566 -26.18 -26.37 -1.40
CA ASN A 566 -26.24 -26.27 -2.86
C ASN A 566 -26.34 -24.80 -3.32
N LYS A 567 -26.12 -23.88 -2.40
CA LYS A 567 -26.16 -22.46 -2.71
C LYS A 567 -24.77 -21.89 -2.44
N VAL A 568 -24.25 -21.13 -3.40
CA VAL A 568 -22.93 -20.54 -3.25
C VAL A 568 -23.05 -19.03 -3.39
N TYR A 569 -22.31 -18.32 -2.54
CA TYR A 569 -22.34 -16.87 -2.53
C TYR A 569 -21.50 -16.24 -3.64
N SER A 570 -22.02 -15.19 -4.23
CA SER A 570 -21.29 -14.49 -5.28
C SER A 570 -21.46 -13.00 -5.07
N PHE A 571 -20.35 -12.26 -5.13
CA PHE A 571 -20.38 -10.82 -4.94
C PHE A 571 -20.50 -10.06 -6.26
N PHE A 572 -20.67 -10.80 -7.36
CA PHE A 572 -20.81 -10.16 -8.67
C PHE A 572 -22.25 -9.67 -8.88
N SER A 573 -22.49 -8.96 -9.96
CA SER A 573 -23.81 -8.39 -10.26
C SER A 573 -24.99 -9.34 -10.27
N MET A 574 -26.16 -8.77 -9.97
CA MET A 574 -27.42 -9.51 -9.93
C MET A 574 -27.67 -10.18 -11.29
N ASP A 575 -27.32 -9.46 -12.36
CA ASP A 575 -27.50 -9.97 -13.70
C ASP A 575 -26.59 -11.18 -13.95
N TYR A 576 -25.37 -11.13 -13.42
CA TYR A 576 -24.42 -12.23 -13.59
C TYR A 576 -24.96 -13.48 -12.89
N ILE A 577 -25.56 -13.29 -11.72
CA ILE A 577 -26.08 -14.41 -10.94
C ILE A 577 -27.29 -15.11 -11.58
N LYS A 578 -28.13 -14.34 -12.27
CA LYS A 578 -29.30 -14.92 -12.91
C LYS A 578 -28.90 -15.70 -14.15
N THR A 579 -27.99 -15.13 -14.92
CA THR A 579 -27.51 -15.76 -16.13
C THR A 579 -26.74 -17.04 -15.79
N ALA A 580 -25.95 -16.98 -14.72
CA ALA A 580 -25.17 -18.13 -14.29
C ALA A 580 -26.08 -19.30 -13.91
N ASN A 581 -27.25 -18.99 -13.36
CA ASN A 581 -28.21 -20.02 -12.94
C ASN A 581 -29.19 -20.42 -14.04
N LYS A 582 -29.12 -19.74 -15.19
CA LYS A 582 -30.00 -20.02 -16.31
C LYS A 582 -29.75 -21.40 -16.95
N VAL A 583 -30.82 -22.14 -17.24
CA VAL A 583 -30.72 -23.46 -17.86
C VAL A 583 -31.27 -23.38 -19.29
N VAL A 584 -30.51 -23.84 -20.28
CA VAL A 584 -30.98 -23.76 -21.66
C VAL A 584 -30.94 -25.05 -22.47
N GLU A 585 -31.44 -24.94 -23.70
CA GLU A 585 -31.47 -26.06 -24.64
C GLU A 585 -30.04 -26.35 -25.10
N ALA A 586 -29.76 -27.60 -25.43
CA ALA A 586 -28.42 -27.98 -25.88
C ALA A 586 -28.01 -27.10 -27.06
N GLY A 587 -28.97 -26.78 -27.92
CA GLY A 587 -28.70 -25.95 -29.07
C GLY A 587 -28.34 -24.53 -28.72
N LEU A 588 -28.52 -24.17 -27.45
CA LEU A 588 -28.20 -22.82 -26.99
C LEU A 588 -27.14 -22.84 -25.90
N PHE A 589 -26.66 -24.02 -25.55
CA PHE A 589 -25.66 -24.11 -24.49
C PHE A 589 -24.38 -23.35 -24.83
N ALA A 590 -23.85 -23.59 -26.03
CA ALA A 590 -22.64 -22.93 -26.48
C ALA A 590 -22.78 -21.42 -26.32
N GLY A 591 -23.87 -20.88 -26.86
CA GLY A 591 -24.10 -19.45 -26.76
C GLY A 591 -24.06 -18.98 -25.32
N TRP A 592 -24.81 -19.67 -24.47
CA TRP A 592 -24.87 -19.33 -23.05
C TRP A 592 -23.49 -19.37 -22.40
N VAL A 593 -22.67 -20.36 -22.73
CA VAL A 593 -21.33 -20.46 -22.15
C VAL A 593 -20.50 -19.22 -22.46
N LYS A 594 -20.43 -18.86 -23.73
CA LYS A 594 -19.68 -17.68 -24.14
C LYS A 594 -20.22 -16.47 -23.37
N GLN A 595 -21.53 -16.39 -23.26
CA GLN A 595 -22.23 -15.30 -22.59
C GLN A 595 -21.86 -15.16 -21.10
N ILE A 596 -21.99 -16.24 -20.34
CA ILE A 596 -21.70 -16.16 -18.91
C ILE A 596 -20.21 -16.00 -18.62
N VAL A 597 -19.36 -16.60 -19.45
CA VAL A 597 -17.91 -16.50 -19.28
C VAL A 597 -17.53 -15.04 -19.56
N ASN A 598 -18.10 -14.48 -20.62
CA ASN A 598 -17.82 -13.09 -20.96
C ASN A 598 -18.27 -12.18 -19.80
N ASP A 599 -19.40 -12.53 -19.18
CA ASP A 599 -19.88 -11.74 -18.07
C ASP A 599 -18.90 -11.83 -16.89
N PHE A 600 -18.39 -13.03 -16.61
CA PHE A 600 -17.45 -13.18 -15.49
C PHE A 600 -16.30 -12.20 -15.63
N VAL A 601 -15.75 -12.12 -16.85
CA VAL A 601 -14.64 -11.24 -17.13
C VAL A 601 -15.02 -9.77 -16.91
N ILE A 602 -16.19 -9.38 -17.42
CA ILE A 602 -16.65 -8.02 -17.24
C ILE A 602 -16.80 -7.72 -15.74
N GLU A 603 -17.42 -8.64 -15.01
CA GLU A 603 -17.59 -8.44 -13.57
C GLU A 603 -16.24 -8.29 -12.87
N ALA A 604 -15.32 -9.22 -13.14
CA ALA A 604 -14.01 -9.17 -12.53
C ALA A 604 -13.28 -7.90 -12.94
N ASN A 605 -13.47 -7.49 -14.20
CA ASN A 605 -12.83 -6.29 -14.73
C ASN A 605 -13.29 -5.00 -14.05
N LYS A 606 -14.34 -5.05 -13.25
CA LYS A 606 -14.80 -3.83 -12.58
C LYS A 606 -13.77 -3.37 -11.55
N SER A 607 -12.78 -4.21 -11.30
CA SER A 607 -11.71 -3.89 -10.36
C SER A 607 -10.92 -2.68 -10.85
N ASN A 608 -11.16 -2.25 -12.09
CA ASN A 608 -10.45 -1.10 -12.62
C ASN A 608 -11.33 0.16 -12.59
N THR A 609 -12.39 0.14 -11.77
CA THR A 609 -13.29 1.28 -11.67
C THR A 609 -12.63 2.55 -11.13
N MET A 610 -12.88 3.65 -11.82
CA MET A 610 -12.34 4.94 -11.41
C MET A 610 -13.42 5.74 -10.67
N ASP A 611 -12.99 6.72 -9.89
CA ASP A 611 -13.90 7.54 -9.13
C ASP A 611 -13.25 8.92 -9.01
N LYS A 612 -12.77 9.40 -10.15
CA LYS A 612 -12.09 10.67 -10.25
C LYS A 612 -12.81 11.86 -9.64
N ILE A 613 -14.13 11.92 -9.76
CA ILE A 613 -14.84 13.07 -9.20
C ILE A 613 -14.64 13.16 -7.69
N ALA A 614 -14.45 12.01 -7.04
CA ALA A 614 -14.23 11.96 -5.60
C ALA A 614 -12.74 12.00 -5.28
N ASP A 615 -11.93 12.31 -6.30
CA ASP A 615 -10.49 12.37 -6.15
C ASP A 615 -9.89 11.05 -5.71
N ILE A 616 -10.37 9.98 -6.34
CA ILE A 616 -9.93 8.61 -6.08
C ILE A 616 -9.80 7.95 -7.45
N SER A 617 -8.58 7.67 -7.87
CA SER A 617 -8.34 7.07 -9.19
C SER A 617 -8.66 5.59 -9.34
N LEU A 618 -8.57 4.84 -8.25
CA LEU A 618 -8.80 3.41 -8.32
C LEU A 618 -9.60 2.91 -7.16
N ILE A 619 -10.63 2.13 -7.46
CA ILE A 619 -11.47 1.56 -6.44
C ILE A 619 -12.01 0.23 -6.94
N VAL A 620 -11.96 -0.78 -6.11
CA VAL A 620 -12.48 -2.09 -6.47
C VAL A 620 -13.77 -2.19 -5.67
N PRO A 621 -14.89 -1.74 -6.26
CA PRO A 621 -16.22 -1.73 -5.65
C PRO A 621 -16.70 -3.00 -4.95
N TYR A 622 -16.31 -4.15 -5.48
CA TYR A 622 -16.77 -5.41 -4.91
C TYR A 622 -16.00 -6.02 -3.75
N ILE A 623 -14.90 -5.41 -3.33
CA ILE A 623 -14.12 -5.98 -2.23
C ILE A 623 -14.98 -6.16 -0.97
N GLY A 624 -15.83 -5.18 -0.69
CA GLY A 624 -16.68 -5.23 0.48
C GLY A 624 -17.61 -6.42 0.48
N LEU A 625 -18.28 -6.63 -0.64
CA LEU A 625 -19.20 -7.75 -0.79
C LEU A 625 -18.46 -9.09 -0.77
N ALA A 626 -17.25 -9.09 -1.30
CA ALA A 626 -16.45 -10.32 -1.36
C ALA A 626 -15.98 -10.88 -0.03
N LEU A 627 -15.56 -10.01 0.88
CA LEU A 627 -15.02 -10.47 2.16
C LEU A 627 -15.67 -9.91 3.41
N ASN A 628 -16.40 -8.82 3.28
CA ASN A 628 -17.00 -8.18 4.44
C ASN A 628 -15.94 -8.01 5.53
N VAL A 629 -14.75 -7.60 5.11
CA VAL A 629 -13.62 -7.41 6.01
C VAL A 629 -13.65 -6.02 6.64
N GLY A 630 -13.10 -5.90 7.84
CA GLY A 630 -13.08 -4.61 8.53
C GLY A 630 -14.44 -4.16 9.05
N ASN A 631 -14.69 -2.85 8.98
CA ASN A 631 -15.94 -2.29 9.45
C ASN A 631 -17.08 -2.61 8.49
N GLU A 632 -17.69 -3.79 8.68
CA GLU A 632 -18.77 -4.28 7.85
C GLU A 632 -18.91 -3.64 6.47
N THR A 633 -17.90 -3.86 5.65
CA THR A 633 -17.84 -3.31 4.31
C THR A 633 -18.74 -3.99 3.28
N ALA A 634 -19.51 -4.97 3.73
CA ALA A 634 -20.43 -5.68 2.86
C ALA A 634 -21.81 -4.98 2.84
N LYS A 635 -22.05 -4.11 3.82
CA LYS A 635 -23.30 -3.38 3.90
C LYS A 635 -23.18 -2.01 3.24
N GLY A 636 -24.27 -1.55 2.66
CA GLY A 636 -24.27 -0.26 1.99
C GLY A 636 -23.47 -0.30 0.71
N ASN A 637 -22.99 0.86 0.29
CA ASN A 637 -22.20 0.98 -0.93
C ASN A 637 -20.76 1.16 -0.47
N PHE A 638 -19.88 0.26 -0.90
CA PHE A 638 -18.48 0.33 -0.51
C PHE A 638 -17.82 1.61 -0.95
N GLU A 639 -17.92 1.89 -2.24
CA GLU A 639 -17.32 3.08 -2.82
C GLU A 639 -17.63 4.31 -1.96
N ASN A 640 -18.89 4.50 -1.60
CA ASN A 640 -19.26 5.64 -0.78
C ASN A 640 -18.56 5.57 0.58
N ALA A 641 -18.69 4.45 1.25
CA ALA A 641 -18.07 4.27 2.56
C ALA A 641 -16.56 4.47 2.47
N PHE A 642 -15.99 4.18 1.31
CA PHE A 642 -14.57 4.34 1.11
C PHE A 642 -14.21 5.81 0.93
N GLU A 643 -15.04 6.53 0.20
CA GLU A 643 -14.81 7.95 -0.04
C GLU A 643 -14.84 8.69 1.29
N ILE A 644 -15.62 8.16 2.22
CA ILE A 644 -15.73 8.79 3.51
C ILE A 644 -14.57 8.48 4.46
N ALA A 645 -14.42 7.21 4.85
CA ALA A 645 -13.36 6.86 5.79
C ALA A 645 -12.06 6.33 5.18
N GLY A 646 -12.09 5.99 3.89
CA GLY A 646 -10.90 5.50 3.23
C GLY A 646 -10.39 4.10 3.60
N ALA A 647 -9.07 3.96 3.56
CA ALA A 647 -8.41 2.68 3.85
C ALA A 647 -8.71 2.09 5.22
N SER A 648 -8.94 2.95 6.22
CA SER A 648 -9.23 2.45 7.56
C SER A 648 -10.40 1.45 7.60
N ILE A 649 -11.38 1.60 6.72
CA ILE A 649 -12.51 0.69 6.77
C ILE A 649 -12.20 -0.73 6.32
N LEU A 650 -11.03 -0.93 5.71
CA LEU A 650 -10.67 -2.27 5.26
C LEU A 650 -9.89 -3.08 6.29
N LEU A 651 -9.36 -2.40 7.31
CA LEU A 651 -8.58 -3.06 8.36
C LEU A 651 -9.47 -3.83 9.32
N GLU A 652 -9.05 -5.04 9.65
CA GLU A 652 -9.82 -5.86 10.57
C GLU A 652 -9.61 -5.30 11.98
N PHE A 653 -8.49 -4.60 12.17
CA PHE A 653 -8.15 -4.06 13.48
C PHE A 653 -7.32 -2.78 13.37
N ILE A 654 -7.62 -1.80 14.22
CA ILE A 654 -6.88 -0.54 14.22
C ILE A 654 -5.85 -0.64 15.34
N PRO A 655 -4.57 -0.88 14.99
CA PRO A 655 -3.48 -1.01 15.97
C PRO A 655 -3.33 0.19 16.90
N GLU A 656 -2.92 -0.08 18.13
CA GLU A 656 -2.65 0.99 19.09
C GLU A 656 -1.16 1.25 18.87
N LEU A 657 -0.84 2.37 18.25
CA LEU A 657 0.54 2.68 17.96
C LEU A 657 1.37 3.14 19.16
N LEU A 658 2.66 2.87 19.08
CA LEU A 658 3.59 3.29 20.10
C LEU A 658 4.30 4.50 19.54
N ILE A 659 4.01 5.66 20.12
CA ILE A 659 4.62 6.90 19.68
C ILE A 659 5.08 7.63 20.94
N PRO A 660 6.29 7.30 21.41
CA PRO A 660 6.94 7.84 22.62
C PRO A 660 7.14 9.34 22.65
N VAL A 661 7.12 9.90 23.86
CA VAL A 661 7.37 11.32 24.05
C VAL A 661 8.90 11.35 24.10
N VAL A 662 9.52 11.78 23.02
CA VAL A 662 10.97 11.83 22.95
C VAL A 662 11.59 12.41 24.21
N GLY A 663 12.48 11.66 24.85
CA GLY A 663 13.11 12.09 26.07
C GLY A 663 13.74 13.47 26.02
N ALA A 664 13.93 14.07 27.19
CA ALA A 664 14.54 15.39 27.27
C ALA A 664 16.04 15.29 27.09
N PHE A 665 16.64 16.40 26.70
CA PHE A 665 18.08 16.48 26.50
C PHE A 665 18.73 17.21 27.66
N LEU A 666 19.53 16.49 28.44
CA LEU A 666 20.24 17.09 29.57
C LEU A 666 21.56 17.57 29.00
N LEU A 667 21.73 18.88 28.89
CA LEU A 667 22.95 19.45 28.33
C LEU A 667 24.03 19.70 29.40
N GLU A 668 25.26 19.32 29.08
CA GLU A 668 26.38 19.49 30.02
C GLU A 668 27.21 20.69 29.56
N SER A 669 27.41 21.66 30.46
CA SER A 669 28.18 22.84 30.09
C SER A 669 29.63 22.80 30.56
N TYR A 670 30.49 23.48 29.80
CA TYR A 670 31.91 23.56 30.10
C TYR A 670 32.31 25.03 30.23
N ILE A 671 32.42 25.50 31.47
CA ILE A 671 32.78 26.89 31.74
C ILE A 671 34.11 27.33 31.12
N ASP A 672 34.08 28.48 30.46
CA ASP A 672 35.26 29.06 29.82
C ASP A 672 35.70 28.35 28.55
N ASN A 673 34.99 27.29 28.17
CA ASN A 673 35.36 26.57 26.96
C ASN A 673 34.46 27.00 25.80
N LYS A 674 35.06 27.65 24.82
CA LYS A 674 34.34 28.13 23.64
C LYS A 674 34.09 26.96 22.68
N ASN A 675 35.01 26.00 22.68
CA ASN A 675 34.89 24.85 21.79
C ASN A 675 33.94 23.76 22.29
N LYS A 676 34.14 23.29 23.53
CA LYS A 676 33.27 22.25 24.08
C LYS A 676 31.81 22.69 24.15
N ILE A 677 31.55 23.83 24.78
CA ILE A 677 30.19 24.35 24.91
C ILE A 677 29.46 24.38 23.57
N ILE A 678 30.14 24.85 22.53
CA ILE A 678 29.54 24.91 21.21
C ILE A 678 29.30 23.48 20.70
N LYS A 679 30.40 22.73 20.54
CA LYS A 679 30.34 21.35 20.08
C LYS A 679 29.10 20.64 20.60
N THR A 680 28.78 20.88 21.87
CA THR A 680 27.61 20.26 22.50
C THR A 680 26.34 20.63 21.74
N ILE A 681 26.05 21.93 21.68
CA ILE A 681 24.88 22.43 20.98
C ILE A 681 24.75 21.75 19.62
N ASP A 682 25.81 21.83 18.82
CA ASP A 682 25.81 21.22 17.49
C ASP A 682 25.46 19.73 17.52
N ASN A 683 25.96 19.03 18.53
CA ASN A 683 25.69 17.61 18.68
C ASN A 683 24.23 17.38 19.05
N ALA A 684 23.69 18.23 19.91
CA ALA A 684 22.30 18.10 20.32
C ALA A 684 21.43 18.33 19.09
N LEU A 685 21.94 19.08 18.13
CA LEU A 685 21.21 19.37 16.90
C LEU A 685 21.18 18.11 16.05
N THR A 686 22.36 17.54 15.81
CA THR A 686 22.47 16.34 15.02
C THR A 686 21.75 15.18 15.72
N LYS A 687 21.86 15.11 17.04
CA LYS A 687 21.20 14.06 17.79
C LYS A 687 19.68 14.22 17.62
N ARG A 688 19.24 15.46 17.45
CA ARG A 688 17.83 15.73 17.25
C ARG A 688 17.36 14.99 16.00
N ASN A 689 18.18 15.05 14.95
CA ASN A 689 17.87 14.37 13.71
C ASN A 689 17.80 12.86 13.90
N GLU A 690 18.74 12.31 14.68
CA GLU A 690 18.74 10.88 14.92
C GLU A 690 17.41 10.50 15.57
N LYS A 691 16.81 11.45 16.29
CA LYS A 691 15.53 11.21 16.95
C LYS A 691 14.38 11.12 15.96
N TRP A 692 14.38 12.01 14.98
CA TRP A 692 13.34 12.02 13.97
C TRP A 692 13.41 10.73 13.16
N SER A 693 14.56 10.49 12.57
CA SER A 693 14.78 9.28 11.77
C SER A 693 14.36 8.04 12.55
N ASP A 694 14.87 7.92 13.78
CA ASP A 694 14.55 6.79 14.63
C ASP A 694 13.06 6.64 14.90
N MET A 695 12.34 7.77 14.94
CA MET A 695 10.91 7.78 15.18
C MET A 695 10.22 7.27 13.90
N TYR A 696 10.76 7.64 12.75
CA TYR A 696 10.19 7.21 11.49
C TYR A 696 10.36 5.70 11.35
N GLY A 697 11.56 5.20 11.66
CA GLY A 697 11.82 3.78 11.58
C GLY A 697 10.88 3.05 12.53
N LEU A 698 10.62 3.65 13.68
CA LEU A 698 9.71 3.03 14.65
C LEU A 698 8.34 2.87 14.00
N ILE A 699 7.93 3.87 13.24
CA ILE A 699 6.64 3.86 12.55
C ILE A 699 6.64 2.83 11.43
N VAL A 700 7.65 2.89 10.57
CA VAL A 700 7.74 1.94 9.46
C VAL A 700 7.61 0.51 9.96
N ALA A 701 8.36 0.18 11.01
CA ALA A 701 8.33 -1.16 11.58
C ALA A 701 6.92 -1.57 12.00
N GLN A 702 6.17 -0.64 12.59
CA GLN A 702 4.81 -0.94 13.02
C GLN A 702 3.87 -1.06 11.83
N TRP A 703 4.06 -0.21 10.84
CA TRP A 703 3.23 -0.24 9.64
C TRP A 703 3.37 -1.62 8.98
N LEU A 704 4.62 -2.06 8.80
CA LEU A 704 4.93 -3.35 8.19
C LEU A 704 4.40 -4.56 8.92
N SER A 705 4.43 -4.52 10.24
CA SER A 705 3.99 -5.68 11.03
C SER A 705 2.60 -5.63 11.68
N THR A 706 1.89 -4.52 11.57
CA THR A 706 0.55 -4.44 12.15
C THR A 706 -0.51 -4.03 11.10
N VAL A 707 -0.08 -3.26 10.12
CA VAL A 707 -0.99 -2.80 9.08
C VAL A 707 -0.80 -3.50 7.73
N ASN A 708 0.37 -3.33 7.14
CA ASN A 708 0.66 -3.97 5.84
C ASN A 708 0.37 -5.48 5.85
N THR A 709 0.48 -6.10 7.02
CA THR A 709 0.20 -7.52 7.09
C THR A 709 -1.30 -7.73 6.87
N GLN A 710 -2.13 -6.90 7.50
CA GLN A 710 -3.56 -7.02 7.31
C GLN A 710 -3.94 -6.86 5.84
N PHE A 711 -3.34 -5.88 5.17
CA PHE A 711 -3.64 -5.69 3.76
C PHE A 711 -3.15 -6.86 2.92
N TYR A 712 -2.14 -7.57 3.41
CA TYR A 712 -1.65 -8.74 2.72
C TYR A 712 -2.77 -9.81 2.80
N THR A 713 -3.28 -10.04 4.00
CA THR A 713 -4.33 -11.02 4.21
C THR A 713 -5.54 -10.72 3.33
N ILE A 714 -5.77 -9.44 3.05
CA ILE A 714 -6.88 -9.03 2.21
C ILE A 714 -6.59 -9.32 0.75
N LYS A 715 -5.34 -9.12 0.34
CA LYS A 715 -4.99 -9.40 -1.04
C LYS A 715 -5.16 -10.90 -1.31
N GLU A 716 -4.77 -11.74 -0.35
CA GLU A 716 -4.93 -13.18 -0.50
C GLU A 716 -6.41 -13.56 -0.51
N GLY A 717 -7.17 -12.87 0.34
CA GLY A 717 -8.59 -13.13 0.42
C GLY A 717 -9.28 -12.90 -0.91
N MET A 718 -8.89 -11.84 -1.62
CA MET A 718 -9.51 -11.59 -2.91
C MET A 718 -9.10 -12.64 -3.95
N TYR A 719 -7.83 -13.05 -3.90
CA TYR A 719 -7.34 -14.05 -4.84
C TYR A 719 -8.14 -15.34 -4.62
N LYS A 720 -8.49 -15.60 -3.37
CA LYS A 720 -9.26 -16.81 -3.05
C LYS A 720 -10.73 -16.65 -3.46
N ALA A 721 -11.28 -15.47 -3.20
CA ALA A 721 -12.67 -15.19 -3.52
C ALA A 721 -12.89 -15.29 -5.03
N LEU A 722 -12.07 -14.58 -5.79
CA LEU A 722 -12.20 -14.61 -7.24
C LEU A 722 -12.05 -16.04 -7.72
N ASN A 723 -11.19 -16.80 -7.06
CA ASN A 723 -10.97 -18.17 -7.43
C ASN A 723 -12.18 -19.06 -7.20
N TYR A 724 -12.85 -18.85 -6.07
CA TYR A 724 -14.04 -19.63 -5.74
C TYR A 724 -15.14 -19.33 -6.76
N GLN A 725 -15.23 -18.07 -7.18
CA GLN A 725 -16.23 -17.70 -8.16
C GLN A 725 -15.99 -18.43 -9.47
N ALA A 726 -14.73 -18.47 -9.91
CA ALA A 726 -14.43 -19.14 -11.17
C ALA A 726 -14.75 -20.63 -11.06
N GLN A 727 -14.38 -21.24 -9.94
CA GLN A 727 -14.64 -22.66 -9.75
C GLN A 727 -16.14 -22.98 -9.69
N ALA A 728 -16.93 -22.10 -9.09
CA ALA A 728 -18.37 -22.32 -8.99
C ALA A 728 -18.98 -22.26 -10.39
N LEU A 729 -18.55 -21.29 -11.19
CA LEU A 729 -19.06 -21.18 -12.55
C LEU A 729 -18.61 -22.42 -13.33
N GLU A 730 -17.42 -22.91 -12.97
CA GLU A 730 -16.84 -24.08 -13.59
C GLU A 730 -17.76 -25.26 -13.26
N GLU A 731 -18.13 -25.37 -11.99
CA GLU A 731 -19.00 -26.45 -11.56
C GLU A 731 -20.35 -26.41 -12.29
N ILE A 732 -21.02 -25.26 -12.26
CA ILE A 732 -22.31 -25.13 -12.92
C ILE A 732 -22.23 -25.56 -14.39
N ILE A 733 -21.23 -25.02 -15.10
CA ILE A 733 -21.06 -25.35 -16.50
C ILE A 733 -20.89 -26.86 -16.70
N LYS A 734 -20.04 -27.48 -15.90
CA LYS A 734 -19.83 -28.93 -16.01
C LYS A 734 -21.15 -29.65 -15.80
N TYR A 735 -21.91 -29.22 -14.80
CA TYR A 735 -23.19 -29.85 -14.51
C TYR A 735 -24.20 -29.71 -15.66
N ARG A 736 -24.39 -28.50 -16.18
CA ARG A 736 -25.33 -28.30 -17.27
C ARG A 736 -24.96 -29.14 -18.49
N TYR A 737 -23.67 -29.14 -18.83
CA TYR A 737 -23.19 -29.88 -19.99
C TYR A 737 -23.43 -31.37 -19.85
N ASN A 738 -23.21 -31.91 -18.65
CA ASN A 738 -23.39 -33.33 -18.43
C ASN A 738 -24.85 -33.79 -18.26
N ILE A 739 -25.78 -32.84 -18.28
CA ILE A 739 -27.20 -33.17 -18.17
C ILE A 739 -27.61 -33.68 -19.56
N TYR A 740 -26.92 -33.15 -20.57
CA TYR A 740 -27.19 -33.52 -21.95
C TYR A 740 -26.77 -34.95 -22.27
N SER A 741 -27.31 -35.49 -23.37
CA SER A 741 -26.98 -36.84 -23.80
C SER A 741 -25.67 -36.79 -24.61
N GLU A 742 -25.04 -37.94 -24.79
CA GLU A 742 -23.80 -38.00 -25.56
C GLU A 742 -24.05 -37.52 -27.00
N LYS A 743 -25.23 -37.83 -27.52
CA LYS A 743 -25.62 -37.44 -28.88
C LYS A 743 -25.60 -35.91 -29.00
N GLU A 744 -26.15 -35.23 -28.00
CA GLU A 744 -26.19 -33.78 -27.99
C GLU A 744 -24.82 -33.16 -27.71
N LYS A 745 -24.08 -33.76 -26.78
CA LYS A 745 -22.75 -33.26 -26.43
C LYS A 745 -21.86 -33.24 -27.67
N SER A 746 -22.02 -34.22 -28.54
CA SER A 746 -21.21 -34.29 -29.74
C SER A 746 -21.44 -33.09 -30.64
N ASN A 747 -22.67 -32.59 -30.65
CA ASN A 747 -23.00 -31.43 -31.47
C ASN A 747 -22.87 -30.09 -30.74
N ILE A 748 -22.52 -30.15 -29.45
CA ILE A 748 -22.32 -28.95 -28.67
C ILE A 748 -20.86 -28.55 -28.85
N ASN A 749 -20.63 -27.28 -29.17
CA ASN A 749 -19.28 -26.81 -29.40
C ASN A 749 -18.71 -26.08 -28.18
N ILE A 750 -17.92 -26.81 -27.39
CA ILE A 750 -17.32 -26.25 -26.21
C ILE A 750 -15.85 -26.65 -26.06
N ASP A 751 -15.06 -25.70 -25.60
CA ASP A 751 -13.65 -25.91 -25.38
C ASP A 751 -13.35 -25.54 -23.95
N PHE A 752 -13.41 -26.52 -23.05
CA PHE A 752 -13.18 -26.27 -21.63
C PHE A 752 -11.83 -25.64 -21.30
N ASN A 753 -10.84 -25.80 -22.18
CA ASN A 753 -9.55 -25.20 -21.91
C ASN A 753 -9.58 -23.73 -22.28
N ASP A 754 -10.49 -23.35 -23.17
CA ASP A 754 -10.61 -21.97 -23.58
C ASP A 754 -11.43 -21.20 -22.53
N ILE A 755 -12.40 -21.89 -21.94
CA ILE A 755 -13.23 -21.30 -20.90
C ILE A 755 -12.35 -20.99 -19.71
N ASN A 756 -11.53 -21.97 -19.33
CA ASN A 756 -10.63 -21.82 -18.21
C ASN A 756 -9.57 -20.77 -18.47
N SER A 757 -9.10 -20.70 -19.72
CA SER A 757 -8.09 -19.73 -20.08
C SER A 757 -8.65 -18.32 -19.93
N LYS A 758 -9.89 -18.11 -20.35
CA LYS A 758 -10.52 -16.81 -20.26
C LYS A 758 -10.89 -16.42 -18.84
N LEU A 759 -11.33 -17.39 -18.05
CA LEU A 759 -11.70 -17.12 -16.66
C LEU A 759 -10.44 -16.74 -15.90
N ASN A 760 -9.39 -17.52 -16.09
CA ASN A 760 -8.13 -17.28 -15.43
C ASN A 760 -7.52 -15.93 -15.82
N GLU A 761 -7.73 -15.52 -17.06
CA GLU A 761 -7.20 -14.25 -17.53
C GLU A 761 -7.90 -13.10 -16.84
N GLY A 762 -9.23 -13.16 -16.81
CA GLY A 762 -10.00 -12.12 -16.16
C GLY A 762 -9.57 -11.95 -14.72
N ILE A 763 -9.22 -13.06 -14.08
CA ILE A 763 -8.77 -13.06 -12.69
C ILE A 763 -7.42 -12.35 -12.55
N ASN A 764 -6.44 -12.75 -13.36
CA ASN A 764 -5.12 -12.13 -13.27
C ASN A 764 -5.22 -10.62 -13.48
N GLN A 765 -6.11 -10.20 -14.38
CA GLN A 765 -6.32 -8.78 -14.65
C GLN A 765 -6.86 -8.11 -13.39
N ALA A 766 -7.73 -8.80 -12.68
CA ALA A 766 -8.34 -8.27 -11.47
C ALA A 766 -7.32 -8.26 -10.34
N ILE A 767 -6.58 -9.35 -10.18
CA ILE A 767 -5.56 -9.46 -9.15
C ILE A 767 -4.59 -8.27 -9.24
N ASP A 768 -4.19 -7.90 -10.46
CA ASP A 768 -3.29 -6.78 -10.63
C ASP A 768 -3.91 -5.47 -10.12
N ASN A 769 -5.19 -5.25 -10.40
CA ASN A 769 -5.90 -4.04 -9.96
C ASN A 769 -6.01 -4.06 -8.45
N ILE A 770 -6.47 -5.17 -7.90
CA ILE A 770 -6.62 -5.30 -6.47
C ILE A 770 -5.30 -5.06 -5.74
N ASN A 771 -4.20 -5.56 -6.29
CA ASN A 771 -2.91 -5.37 -5.68
C ASN A 771 -2.55 -3.88 -5.69
N ASN A 772 -2.69 -3.25 -6.85
CA ASN A 772 -2.39 -1.82 -6.93
C ASN A 772 -3.28 -1.05 -5.95
N PHE A 773 -4.56 -1.38 -5.93
CA PHE A 773 -5.50 -0.74 -5.03
C PHE A 773 -5.11 -0.90 -3.56
N ILE A 774 -4.94 -2.15 -3.13
CA ILE A 774 -4.56 -2.45 -1.75
C ILE A 774 -3.22 -1.85 -1.31
N ASN A 775 -2.20 -1.94 -2.15
CA ASN A 775 -0.91 -1.36 -1.77
C ASN A 775 -1.13 0.15 -1.62
N GLY A 776 -2.00 0.71 -2.47
CA GLY A 776 -2.29 2.12 -2.40
C GLY A 776 -2.88 2.47 -1.04
N CYS A 777 -3.84 1.66 -0.59
CA CYS A 777 -4.48 1.90 0.70
C CYS A 777 -3.46 1.84 1.82
N SER A 778 -2.65 0.78 1.81
CA SER A 778 -1.64 0.58 2.83
C SER A 778 -0.70 1.77 2.96
N VAL A 779 -0.26 2.31 1.83
CA VAL A 779 0.66 3.44 1.89
C VAL A 779 -0.14 4.65 2.41
N SER A 780 -1.41 4.71 2.02
CA SER A 780 -2.30 5.78 2.46
C SER A 780 -2.34 5.78 3.98
N TYR A 781 -2.59 4.62 4.56
CA TYR A 781 -2.67 4.53 6.02
C TYR A 781 -1.35 4.92 6.69
N LEU A 782 -0.23 4.59 6.05
CA LEU A 782 1.07 4.93 6.62
C LEU A 782 1.21 6.45 6.71
N MET A 783 1.06 7.11 5.57
CA MET A 783 1.20 8.56 5.45
C MET A 783 0.17 9.46 6.13
N LYS A 784 -1.08 9.00 6.25
CA LYS A 784 -2.11 9.83 6.84
C LYS A 784 -2.54 9.45 8.25
N LYS A 785 -2.41 8.17 8.58
CA LYS A 785 -2.82 7.72 9.89
C LYS A 785 -1.68 7.41 10.86
N MET A 786 -0.45 7.37 10.36
CA MET A 786 0.69 7.04 11.22
C MET A 786 1.78 8.12 11.27
N ILE A 787 2.25 8.57 10.11
CA ILE A 787 3.27 9.60 10.06
C ILE A 787 2.88 10.88 10.82
N PRO A 788 1.64 11.36 10.63
CA PRO A 788 1.21 12.58 11.33
C PRO A 788 1.25 12.44 12.86
N LEU A 789 0.77 11.31 13.38
CA LEU A 789 0.78 11.10 14.82
C LEU A 789 2.21 11.14 15.36
N ALA A 790 3.19 10.88 14.49
CA ALA A 790 4.58 10.88 14.90
C ALA A 790 5.14 12.29 14.76
N VAL A 791 4.80 12.95 13.65
CA VAL A 791 5.24 14.30 13.40
C VAL A 791 4.82 15.19 14.56
N GLU A 792 3.61 14.96 15.07
CA GLU A 792 3.10 15.72 16.19
C GLU A 792 4.08 15.69 17.36
N LYS A 793 4.47 14.49 17.80
CA LYS A 793 5.40 14.34 18.91
C LYS A 793 6.76 14.95 18.61
N LEU A 794 7.32 14.62 17.45
CA LEU A 794 8.63 15.13 17.06
C LEU A 794 8.63 16.66 17.09
N LEU A 795 7.53 17.27 16.67
CA LEU A 795 7.44 18.73 16.66
C LEU A 795 7.41 19.25 18.10
N ASP A 796 6.71 18.54 18.98
CA ASP A 796 6.64 18.93 20.38
C ASP A 796 8.04 18.81 20.98
N PHE A 797 8.76 17.75 20.59
CA PHE A 797 10.12 17.54 21.07
C PHE A 797 11.01 18.70 20.61
N ASP A 798 10.83 19.11 19.36
CA ASP A 798 11.62 20.20 18.81
C ASP A 798 11.48 21.44 19.67
N ASN A 799 10.23 21.87 19.89
CA ASN A 799 9.97 23.06 20.70
C ASN A 799 10.68 22.95 22.05
N THR A 800 10.39 21.87 22.76
CA THR A 800 11.00 21.62 24.08
C THR A 800 12.52 21.72 23.98
N LEU A 801 13.07 21.28 22.86
CA LEU A 801 14.51 21.33 22.66
C LEU A 801 14.96 22.73 22.32
N LYS A 802 14.09 23.48 21.63
CA LYS A 802 14.39 24.84 21.22
C LYS A 802 14.70 25.73 22.41
N LYS A 803 13.79 25.77 23.37
CA LYS A 803 14.00 26.58 24.56
C LYS A 803 15.21 26.05 25.32
N ASN A 804 15.26 24.74 25.50
CA ASN A 804 16.36 24.07 26.19
C ASN A 804 17.72 24.53 25.63
N LEU A 805 17.80 24.69 24.32
CA LEU A 805 19.04 25.12 23.67
C LEU A 805 19.29 26.61 23.75
N LEU A 806 18.23 27.40 23.69
CA LEU A 806 18.38 28.85 23.79
C LEU A 806 18.78 29.12 25.24
N ASN A 807 17.97 28.64 26.17
CA ASN A 807 18.22 28.80 27.60
C ASN A 807 19.63 28.34 27.94
N TYR A 808 20.19 27.47 27.09
CA TYR A 808 21.52 26.97 27.30
C TYR A 808 22.52 27.98 26.76
N ILE A 809 22.28 28.47 25.54
CA ILE A 809 23.16 29.47 24.94
C ILE A 809 23.06 30.72 25.81
N ASP A 810 22.04 30.74 26.66
CA ASP A 810 21.80 31.87 27.56
C ASP A 810 22.70 31.82 28.78
N GLU A 811 22.60 30.74 29.55
CA GLU A 811 23.40 30.56 30.76
C GLU A 811 24.91 30.65 30.53
N ASN A 812 25.33 30.45 29.28
CA ASN A 812 26.75 30.51 28.96
C ASN A 812 27.08 31.70 28.07
N LYS A 813 26.12 32.63 27.97
CA LYS A 813 26.31 33.82 27.15
C LYS A 813 27.69 34.43 27.35
N LEU A 814 28.26 34.22 28.54
CA LEU A 814 29.59 34.74 28.86
C LEU A 814 30.67 34.02 28.07
N TYR A 815 30.81 32.73 28.34
CA TYR A 815 31.82 31.89 27.68
C TYR A 815 31.61 31.77 26.18
N LEU A 816 30.72 32.60 25.63
CA LEU A 816 30.44 32.60 24.20
C LEU A 816 30.72 33.97 23.61
N ILE A 817 30.83 34.96 24.48
CA ILE A 817 31.13 36.33 24.04
C ILE A 817 30.33 36.70 22.79
N GLY A 818 31.02 37.22 21.78
CA GLY A 818 30.39 37.63 20.54
C GLY A 818 30.08 36.48 19.61
N SER A 819 29.22 35.58 20.07
CA SER A 819 28.80 34.43 19.29
C SER A 819 27.52 33.84 19.87
N ALA A 820 27.22 34.19 21.11
CA ALA A 820 26.01 33.71 21.77
C ALA A 820 24.80 34.06 20.91
N GLU A 821 25.07 34.76 19.81
CA GLU A 821 24.02 35.16 18.88
C GLU A 821 24.14 34.35 17.60
N TYR A 822 25.34 34.33 17.02
CA TYR A 822 25.60 33.59 15.78
C TYR A 822 25.04 32.17 15.86
N GLU A 823 24.88 31.66 17.07
CA GLU A 823 24.36 30.33 17.28
C GLU A 823 22.92 30.35 17.77
N LYS A 824 22.53 31.46 18.40
CA LYS A 824 21.18 31.64 18.91
C LYS A 824 20.24 31.40 17.71
N SER A 825 20.67 31.87 16.55
CA SER A 825 19.90 31.73 15.32
C SER A 825 20.15 30.32 14.79
N LYS A 826 21.41 29.94 14.75
CA LYS A 826 21.83 28.62 14.27
C LYS A 826 20.87 27.56 14.83
N VAL A 827 20.42 27.78 16.05
CA VAL A 827 19.50 26.87 16.71
C VAL A 827 18.09 26.98 16.15
N ASN A 828 17.66 28.20 15.85
CA ASN A 828 16.33 28.41 15.30
C ASN A 828 16.22 28.00 13.85
N LYS A 829 17.20 28.38 13.04
CA LYS A 829 17.19 28.05 11.61
C LYS A 829 17.34 26.54 11.38
N TYR A 830 17.96 25.86 12.35
CA TYR A 830 18.17 24.42 12.25
C TYR A 830 16.91 23.66 12.64
N LEU A 831 16.30 24.06 13.75
CA LEU A 831 15.07 23.43 14.21
C LEU A 831 13.91 23.92 13.38
N LYS A 832 14.22 24.67 12.33
CA LYS A 832 13.19 25.20 11.44
C LYS A 832 12.93 24.21 10.32
N THR A 833 14.01 23.67 9.76
CA THR A 833 13.87 22.68 8.68
C THR A 833 13.69 21.29 9.29
N ILE A 834 12.64 20.60 8.88
CA ILE A 834 12.37 19.26 9.38
C ILE A 834 12.66 18.19 8.35
N MET A 835 12.94 16.98 8.82
CA MET A 835 13.26 15.85 7.97
C MET A 835 12.01 15.26 7.32
N PRO A 836 11.93 15.28 5.98
CA PRO A 836 10.79 14.75 5.25
C PRO A 836 10.86 13.24 5.24
N PHE A 837 9.77 12.57 5.58
CA PHE A 837 9.77 11.12 5.58
C PHE A 837 10.15 10.52 4.23
N ASP A 838 10.92 9.45 4.28
CA ASP A 838 11.36 8.75 3.07
C ASP A 838 11.50 7.26 3.38
N LEU A 839 10.46 6.49 3.07
CA LEU A 839 10.46 5.05 3.33
C LEU A 839 11.76 4.34 2.90
N SER A 840 12.35 4.78 1.80
CA SER A 840 13.58 4.16 1.29
C SER A 840 14.77 4.25 2.25
N ILE A 841 14.65 5.06 3.28
CA ILE A 841 15.72 5.21 4.26
C ILE A 841 15.69 4.04 5.24
N TYR A 842 14.51 3.46 5.41
CA TYR A 842 14.33 2.36 6.35
C TYR A 842 14.19 0.99 5.72
N THR A 843 14.37 0.93 4.40
CA THR A 843 14.28 -0.32 3.69
C THR A 843 14.70 -0.13 2.26
N ASN A 844 15.17 -1.20 1.64
CA ASN A 844 15.61 -1.15 0.26
C ASN A 844 14.84 -2.18 -0.54
N ASP A 845 13.77 -2.71 0.04
CA ASP A 845 12.95 -3.68 -0.65
C ASP A 845 12.29 -2.98 -1.83
N THR A 846 12.59 -3.45 -3.02
CA THR A 846 12.06 -2.88 -4.26
C THR A 846 10.54 -2.69 -4.30
N ILE A 847 9.79 -3.70 -3.89
CA ILE A 847 8.33 -3.65 -3.89
C ILE A 847 7.83 -2.53 -2.99
N LEU A 848 8.41 -2.43 -1.81
CA LEU A 848 8.02 -1.40 -0.84
C LEU A 848 8.38 -0.02 -1.32
N ILE A 849 9.46 0.10 -2.07
CA ILE A 849 9.87 1.40 -2.56
C ILE A 849 8.95 1.81 -3.70
N GLU A 850 8.62 0.88 -4.58
CA GLU A 850 7.75 1.18 -5.70
C GLU A 850 6.37 1.60 -5.22
N MET A 851 5.89 0.97 -4.16
CA MET A 851 4.60 1.29 -3.60
C MET A 851 4.62 2.76 -3.17
N PHE A 852 5.69 3.14 -2.49
CA PHE A 852 5.88 4.48 -1.98
C PHE A 852 6.03 5.52 -3.08
N ASN A 853 6.82 5.21 -4.10
CA ASN A 853 7.00 6.16 -5.18
C ASN A 853 5.73 6.28 -6.01
N LYS A 854 5.04 5.16 -6.20
CA LYS A 854 3.81 5.17 -6.96
C LYS A 854 2.82 6.10 -6.25
N TYR A 855 2.79 6.03 -4.93
CA TYR A 855 1.90 6.85 -4.13
C TYR A 855 2.19 8.34 -4.26
N ASN A 856 3.47 8.69 -4.11
CA ASN A 856 3.91 10.08 -4.18
C ASN A 856 3.89 10.68 -5.57
N SER A 857 3.63 9.86 -6.58
CA SER A 857 3.59 10.37 -7.96
C SER A 857 2.15 10.64 -8.36
N GLU A 858 1.22 10.25 -7.50
CA GLU A 858 -0.20 10.46 -7.76
C GLU A 858 -0.62 11.80 -7.13
N ILE A 859 -0.80 12.79 -7.98
CA ILE A 859 -1.18 14.13 -7.55
C ILE A 859 -2.32 14.18 -6.52
N LEU A 860 -3.30 13.28 -6.65
CA LEU A 860 -4.41 13.28 -5.70
C LEU A 860 -4.01 13.00 -4.25
N ASN A 861 -2.82 12.44 -4.04
CA ASN A 861 -2.38 12.16 -2.67
C ASN A 861 -1.74 13.40 -2.03
N ASN A 862 -1.72 14.49 -2.79
CA ASN A 862 -1.18 15.77 -2.32
C ASN A 862 -2.30 16.65 -1.76
N ILE A 863 -3.52 16.11 -1.73
CA ILE A 863 -4.67 16.86 -1.21
C ILE A 863 -4.66 16.85 0.32
N ILE A 864 -4.52 18.01 0.93
CA ILE A 864 -4.50 18.06 2.39
C ILE A 864 -5.78 18.64 2.99
N LEU A 865 -6.79 18.84 2.15
CA LEU A 865 -8.10 19.33 2.55
C LEU A 865 -9.02 19.24 1.34
N ASN A 866 -10.20 18.66 1.55
CA ASN A 866 -11.15 18.48 0.46
C ASN A 866 -12.54 18.49 1.08
N LEU A 867 -13.16 19.66 1.15
CA LEU A 867 -14.50 19.78 1.72
C LEU A 867 -15.60 19.25 0.81
N ARG A 868 -16.29 18.21 1.25
CA ARG A 868 -17.39 17.63 0.49
C ARG A 868 -18.64 17.51 1.35
N TYR A 869 -19.79 17.43 0.69
CA TYR A 869 -21.09 17.30 1.33
C TYR A 869 -21.40 15.85 1.66
N LYS A 870 -21.92 15.61 2.86
CA LYS A 870 -22.33 14.29 3.31
C LYS A 870 -23.34 14.42 4.44
N ASP A 871 -24.57 13.96 4.21
CA ASP A 871 -25.63 14.03 5.22
C ASP A 871 -25.79 15.46 5.73
N ASN A 872 -26.21 16.33 4.82
CA ASN A 872 -26.43 17.73 5.10
C ASN A 872 -25.33 18.35 5.95
N ASN A 873 -24.08 18.21 5.50
CA ASN A 873 -22.94 18.79 6.20
C ASN A 873 -21.66 18.70 5.38
N LEU A 874 -20.70 19.56 5.70
CA LEU A 874 -19.41 19.57 5.00
C LEU A 874 -18.35 18.90 5.85
N ILE A 875 -17.65 17.94 5.27
CA ILE A 875 -16.59 17.24 5.97
C ILE A 875 -15.35 17.12 5.10
N ASP A 876 -14.20 17.04 5.74
CA ASP A 876 -12.93 16.92 5.05
C ASP A 876 -12.72 15.46 4.69
N LEU A 877 -12.53 15.16 3.42
CA LEU A 877 -12.31 13.79 2.98
C LEU A 877 -10.89 13.56 2.48
N SER A 878 -9.99 14.48 2.84
CA SER A 878 -8.60 14.35 2.41
C SER A 878 -7.97 13.16 3.13
N GLY A 879 -8.53 12.81 4.28
CA GLY A 879 -7.99 11.71 5.06
C GLY A 879 -7.15 12.22 6.20
N TYR A 880 -6.89 13.53 6.26
CA TYR A 880 -6.09 14.12 7.34
C TYR A 880 -6.91 14.59 8.56
N GLY A 881 -8.22 14.33 8.52
CA GLY A 881 -9.10 14.68 9.62
C GLY A 881 -9.31 16.12 10.09
N ALA A 882 -9.34 17.09 9.19
CA ALA A 882 -9.56 18.49 9.60
C ALA A 882 -10.93 18.63 10.26
N LYS A 883 -11.01 19.41 11.34
CA LYS A 883 -12.30 19.60 11.99
C LYS A 883 -13.05 20.68 11.23
N VAL A 884 -14.28 20.39 10.83
CA VAL A 884 -15.08 21.36 10.08
C VAL A 884 -16.34 21.80 10.82
N GLU A 885 -16.35 23.07 11.22
CA GLU A 885 -17.50 23.65 11.90
C GLU A 885 -18.33 24.47 10.90
N VAL A 886 -19.55 24.01 10.60
CA VAL A 886 -20.42 24.72 9.67
C VAL A 886 -21.55 25.39 10.45
N TYR A 887 -21.48 26.73 10.52
CA TYR A 887 -22.49 27.48 11.24
C TYR A 887 -23.84 27.59 10.53
N ASP A 888 -24.87 27.89 11.34
CA ASP A 888 -26.25 27.97 10.90
C ASP A 888 -26.60 28.83 9.68
N GLY A 889 -25.85 29.89 9.46
CA GLY A 889 -26.12 30.78 8.34
C GLY A 889 -25.59 30.31 7.00
N VAL A 890 -25.10 29.08 6.92
CA VAL A 890 -24.58 28.56 5.66
C VAL A 890 -25.59 27.62 5.03
N GLU A 891 -25.89 27.84 3.76
CA GLU A 891 -26.84 26.99 3.06
C GLU A 891 -26.10 25.88 2.31
N LEU A 892 -26.57 24.65 2.48
CA LEU A 892 -25.97 23.49 1.85
C LEU A 892 -26.95 22.62 1.05
N ASN A 893 -26.58 22.25 -0.17
CA ASN A 893 -27.41 21.37 -0.99
C ASN A 893 -26.55 20.16 -1.37
N ASP A 894 -27.20 19.05 -1.72
CA ASP A 894 -26.48 17.82 -2.07
C ASP A 894 -25.80 17.84 -3.43
N LYS A 895 -25.61 19.04 -3.97
CA LYS A 895 -24.94 19.23 -5.25
C LYS A 895 -23.58 19.85 -4.91
N ASN A 896 -23.22 19.74 -3.64
CA ASN A 896 -21.97 20.28 -3.11
C ASN A 896 -21.83 21.79 -3.21
N GLN A 897 -22.95 22.47 -3.22
CA GLN A 897 -22.94 23.93 -3.30
C GLN A 897 -23.17 24.47 -1.88
N PHE A 898 -22.40 25.48 -1.51
CA PHE A 898 -22.61 26.09 -0.22
C PHE A 898 -22.60 27.60 -0.40
N LYS A 899 -23.53 28.25 0.29
CA LYS A 899 -23.75 29.70 0.19
C LYS A 899 -23.34 30.51 1.40
N LEU A 900 -22.53 31.55 1.15
CA LEU A 900 -22.09 32.44 2.21
C LEU A 900 -22.86 33.75 2.06
N THR A 901 -23.64 34.11 3.08
CA THR A 901 -24.43 35.34 3.04
C THR A 901 -23.83 36.44 3.91
N SER A 902 -24.58 37.52 4.08
CA SER A 902 -24.13 38.66 4.87
C SER A 902 -24.30 38.46 6.38
N SER A 903 -25.09 37.46 6.77
CA SER A 903 -25.30 37.20 8.19
C SER A 903 -24.01 36.73 8.87
N ALA A 904 -23.83 37.12 10.12
CA ALA A 904 -22.65 36.75 10.90
C ALA A 904 -22.52 35.24 11.10
N ASN A 905 -23.63 34.53 11.20
CA ASN A 905 -23.58 33.08 11.41
C ASN A 905 -23.39 32.29 10.10
N SER A 906 -23.09 32.99 9.02
CA SER A 906 -22.87 32.34 7.72
C SER A 906 -21.37 32.21 7.54
N LYS A 907 -20.79 31.18 8.16
CA LYS A 907 -19.36 30.95 8.08
C LYS A 907 -18.98 29.50 8.37
N ILE A 908 -17.77 29.14 7.98
CA ILE A 908 -17.27 27.78 8.19
C ILE A 908 -15.88 27.89 8.82
N ARG A 909 -15.68 27.21 9.94
CA ARG A 909 -14.39 27.23 10.59
C ARG A 909 -13.67 25.90 10.31
N VAL A 910 -12.47 25.98 9.77
CA VAL A 910 -11.72 24.76 9.50
C VAL A 910 -10.39 24.78 10.24
N THR A 911 -10.17 23.78 11.08
CA THR A 911 -8.92 23.68 11.83
C THR A 911 -8.06 22.64 11.12
N GLN A 912 -7.08 23.12 10.38
CA GLN A 912 -6.18 22.23 9.64
C GLN A 912 -5.38 21.31 10.54
N ASN A 913 -4.84 20.25 9.93
CA ASN A 913 -4.02 19.29 10.65
C ASN A 913 -2.64 19.94 10.77
N GLN A 914 -2.17 20.11 12.00
CA GLN A 914 -0.87 20.75 12.23
C GLN A 914 0.32 19.85 11.94
N ASN A 915 0.05 18.56 11.75
CA ASN A 915 1.12 17.60 11.51
C ASN A 915 1.39 17.17 10.07
N ILE A 916 1.13 18.05 9.12
CA ILE A 916 1.36 17.75 7.71
C ILE A 916 2.54 18.60 7.23
N ILE A 917 3.55 17.96 6.65
CA ILE A 917 4.70 18.72 6.14
C ILE A 917 4.16 19.69 5.09
N PHE A 918 3.82 20.88 5.56
CA PHE A 918 3.26 21.96 4.74
C PHE A 918 4.35 23.00 4.53
N ASN A 919 5.07 23.29 5.60
CA ASN A 919 6.16 24.26 5.55
C ASN A 919 7.39 23.63 4.85
N SER A 920 7.30 23.51 3.52
CA SER A 920 8.36 22.93 2.71
C SER A 920 9.60 23.83 2.63
N VAL A 921 9.52 25.00 3.26
CA VAL A 921 10.61 25.97 3.30
C VAL A 921 10.72 26.92 2.09
N PHE A 922 9.69 26.98 1.25
CA PHE A 922 9.71 27.91 0.12
C PHE A 922 8.31 28.26 -0.37
N LEU A 923 7.31 27.61 0.21
CA LEU A 923 5.90 27.83 -0.13
C LEU A 923 5.55 27.06 -1.41
N ASP A 924 4.82 25.96 -1.25
CA ASP A 924 4.47 25.12 -2.38
C ASP A 924 3.13 24.44 -2.18
N PHE A 925 2.05 25.12 -2.57
CA PHE A 925 0.72 24.55 -2.41
C PHE A 925 -0.27 25.21 -3.37
N SER A 926 -1.39 24.51 -3.60
CA SER A 926 -2.43 25.00 -4.51
C SER A 926 -3.78 25.02 -3.83
N VAL A 927 -4.70 25.80 -4.39
CA VAL A 927 -6.06 25.90 -3.86
C VAL A 927 -7.01 25.93 -5.06
N SER A 928 -8.02 25.07 -5.03
CA SER A 928 -8.98 25.04 -6.14
C SER A 928 -10.42 25.08 -5.64
N PHE A 929 -11.29 25.71 -6.41
CA PHE A 929 -12.69 25.78 -6.03
C PHE A 929 -13.56 26.39 -7.12
N TRP A 930 -14.85 26.06 -7.09
CA TRP A 930 -15.79 26.63 -8.04
C TRP A 930 -16.49 27.72 -7.27
N ILE A 931 -16.88 28.77 -7.97
CA ILE A 931 -17.54 29.88 -7.30
C ILE A 931 -18.57 30.56 -8.22
N ARG A 932 -19.62 31.10 -7.61
CA ARG A 932 -20.65 31.82 -8.37
C ARG A 932 -20.82 33.15 -7.63
N ILE A 933 -20.43 34.22 -8.31
CA ILE A 933 -20.47 35.58 -7.76
C ILE A 933 -21.61 36.40 -8.39
N PRO A 934 -22.64 36.72 -7.59
CA PRO A 934 -23.77 37.49 -8.12
C PRO A 934 -23.40 38.78 -8.82
N LYS A 935 -24.28 39.18 -9.73
CA LYS A 935 -24.12 40.42 -10.49
C LYS A 935 -24.29 41.59 -9.52
N TYR A 936 -23.70 42.72 -9.88
CA TYR A 936 -23.76 43.94 -9.09
C TYR A 936 -25.17 44.53 -9.20
N LYS A 937 -25.60 45.26 -8.18
CA LYS A 937 -26.90 45.91 -8.24
C LYS A 937 -26.65 47.18 -9.04
N ASN A 938 -27.47 47.46 -10.04
CA ASN A 938 -27.28 48.66 -10.84
C ASN A 938 -27.28 49.93 -9.99
N ASP A 939 -28.16 49.98 -8.99
CA ASP A 939 -28.25 51.15 -8.11
C ASP A 939 -27.17 51.19 -7.02
N GLY A 940 -26.27 50.21 -7.04
CA GLY A 940 -25.22 50.16 -6.05
C GLY A 940 -23.85 49.87 -6.67
N ILE A 941 -23.67 50.26 -7.92
CA ILE A 941 -22.41 50.00 -8.58
C ILE A 941 -21.20 50.59 -7.87
N GLN A 942 -21.31 51.83 -7.37
CA GLN A 942 -20.21 52.49 -6.65
C GLN A 942 -19.62 51.68 -5.51
N ASN A 943 -20.47 51.16 -4.63
CA ASN A 943 -20.00 50.37 -3.50
C ASN A 943 -19.39 49.06 -3.96
N TYR A 944 -20.03 48.46 -4.97
CA TYR A 944 -19.59 47.20 -5.56
C TYR A 944 -18.14 47.25 -6.03
N ILE A 945 -17.77 48.30 -6.76
CA ILE A 945 -16.39 48.40 -7.26
C ILE A 945 -15.41 48.99 -6.25
N HIS A 946 -15.93 49.55 -5.17
CA HIS A 946 -15.06 50.15 -4.17
C HIS A 946 -14.77 49.30 -2.94
N ASN A 947 -15.77 48.59 -2.42
CA ASN A 947 -15.55 47.80 -1.22
C ASN A 947 -15.02 46.38 -1.40
N GLU A 948 -13.82 46.15 -0.90
CA GLU A 948 -13.21 44.84 -0.96
C GLU A 948 -13.62 44.08 0.28
N TYR A 949 -13.93 42.81 0.12
CA TYR A 949 -14.31 41.99 1.26
C TYR A 949 -13.69 40.61 1.18
N THR A 950 -13.22 40.12 2.32
CA THR A 950 -12.61 38.82 2.41
C THR A 950 -13.72 37.76 2.35
N ILE A 951 -13.40 36.57 1.85
CA ILE A 951 -14.38 35.49 1.81
C ILE A 951 -13.80 34.24 2.44
N ILE A 952 -12.49 34.07 2.32
CA ILE A 952 -11.80 32.92 2.93
C ILE A 952 -10.53 33.50 3.53
N ASN A 953 -10.34 33.31 4.82
CA ASN A 953 -9.16 33.86 5.49
C ASN A 953 -8.46 32.78 6.29
N CYS A 954 -7.15 32.67 6.09
CA CYS A 954 -6.31 31.68 6.78
C CYS A 954 -5.08 32.37 7.36
N MET A 955 -5.15 32.77 8.63
CA MET A 955 -4.04 33.47 9.24
C MET A 955 -3.62 32.88 10.58
N LYS A 956 -2.32 32.93 10.85
CA LYS A 956 -1.77 32.46 12.11
C LYS A 956 -0.53 33.30 12.38
N ASN A 957 -0.62 34.14 13.40
CA ASN A 957 0.47 35.04 13.77
C ASN A 957 0.67 36.08 12.69
N ASN A 958 -0.43 36.73 12.32
CA ASN A 958 -0.42 37.78 11.31
C ASN A 958 0.23 37.38 9.99
N SER A 959 0.27 36.08 9.72
CA SER A 959 0.83 35.58 8.48
C SER A 959 -0.16 34.55 7.91
N GLY A 960 -0.07 34.30 6.61
CA GLY A 960 -0.96 33.33 6.00
C GLY A 960 -1.49 33.79 4.66
N TRP A 961 -2.62 33.23 4.25
CA TRP A 961 -3.21 33.60 2.97
C TRP A 961 -4.65 34.05 3.08
N LYS A 962 -5.10 34.68 2.02
CA LYS A 962 -6.44 35.22 1.97
C LYS A 962 -6.98 35.26 0.56
N ILE A 963 -8.28 34.99 0.44
CA ILE A 963 -8.98 35.06 -0.84
C ILE A 963 -10.03 36.13 -0.57
N SER A 964 -10.07 37.17 -1.40
CA SER A 964 -11.03 38.24 -1.18
C SER A 964 -11.63 38.70 -2.48
N ILE A 965 -12.63 39.56 -2.39
CA ILE A 965 -13.30 40.06 -3.59
C ILE A 965 -13.61 41.54 -3.53
N ARG A 966 -13.44 42.21 -4.66
CA ARG A 966 -13.76 43.61 -4.76
C ARG A 966 -14.49 43.73 -6.07
N GLY A 967 -15.81 43.84 -5.99
CA GLY A 967 -16.63 43.95 -7.18
C GLY A 967 -16.42 42.79 -8.13
N ASN A 968 -15.93 43.10 -9.33
CA ASN A 968 -15.71 42.11 -10.37
C ASN A 968 -14.29 41.56 -10.36
N ARG A 969 -13.66 41.61 -9.19
CA ARG A 969 -12.31 41.11 -9.04
C ARG A 969 -12.13 40.18 -7.85
N ILE A 970 -11.51 39.03 -8.08
CA ILE A 970 -11.24 38.11 -7.00
C ILE A 970 -9.73 38.19 -6.78
N ILE A 971 -9.32 38.31 -5.52
CA ILE A 971 -7.91 38.48 -5.17
C ILE A 971 -7.33 37.41 -4.25
N TRP A 972 -6.08 37.01 -4.53
CA TRP A 972 -5.34 36.05 -3.70
C TRP A 972 -4.23 36.85 -3.01
N THR A 973 -4.14 36.79 -1.69
CA THR A 973 -3.13 37.57 -0.99
C THR A 973 -2.29 36.76 -0.01
N LEU A 974 -0.97 36.95 -0.09
CA LEU A 974 -0.03 36.27 0.77
C LEU A 974 0.67 37.26 1.71
N ILE A 975 0.88 36.83 2.95
CA ILE A 975 1.53 37.67 3.96
C ILE A 975 2.56 36.82 4.71
N ASP A 976 3.85 37.08 4.51
CA ASP A 976 4.86 36.29 5.21
C ASP A 976 5.00 36.72 6.67
N ILE A 977 5.86 36.03 7.41
CA ILE A 977 6.07 36.34 8.83
C ILE A 977 6.48 37.79 9.10
N ASN A 978 7.14 38.41 8.12
CA ASN A 978 7.61 39.78 8.25
C ASN A 978 6.54 40.82 7.93
N GLY A 979 5.33 40.34 7.61
CA GLY A 979 4.26 41.26 7.28
C GLY A 979 4.35 41.76 5.86
N LYS A 980 5.21 41.14 5.07
CA LYS A 980 5.38 41.52 3.67
C LYS A 980 4.20 40.94 2.87
N THR A 981 3.65 41.72 1.94
CA THR A 981 2.50 41.30 1.16
C THR A 981 2.66 41.27 -0.36
N LYS A 982 2.06 40.26 -0.97
CA LYS A 982 2.06 40.10 -2.42
C LYS A 982 0.67 39.62 -2.81
N SER A 983 0.15 40.16 -3.92
CA SER A 983 -1.17 39.77 -4.37
C SER A 983 -1.19 39.50 -5.86
N VAL A 984 -2.18 38.74 -6.29
CA VAL A 984 -2.40 38.42 -7.69
C VAL A 984 -3.93 38.40 -7.76
N PHE A 985 -4.49 38.74 -8.92
CA PHE A 985 -5.94 38.77 -9.00
C PHE A 985 -6.48 38.53 -10.40
N PHE A 986 -7.75 38.18 -10.46
CA PHE A 986 -8.42 37.95 -11.72
C PHE A 986 -9.65 38.82 -11.71
N GLU A 987 -9.76 39.68 -12.72
CA GLU A 987 -10.90 40.57 -12.83
C GLU A 987 -11.56 40.33 -14.17
N TYR A 988 -12.86 40.12 -14.16
CA TYR A 988 -13.57 39.91 -15.40
C TYR A 988 -14.27 41.20 -15.79
N ASN A 989 -14.47 41.37 -17.09
CA ASN A 989 -15.10 42.57 -17.61
C ASN A 989 -16.57 42.72 -17.23
N ILE A 990 -16.98 43.93 -16.86
CA ILE A 990 -18.39 44.13 -16.52
C ILE A 990 -19.09 45.08 -17.50
N ARG A 991 -18.58 45.15 -18.73
CA ARG A 991 -19.18 45.98 -19.77
C ARG A 991 -19.52 45.11 -20.99
N GLU A 992 -19.53 43.80 -20.80
CA GLU A 992 -19.84 42.88 -21.89
C GLU A 992 -21.33 42.69 -22.10
N ASP A 993 -21.75 42.58 -23.36
CA ASP A 993 -23.16 42.35 -23.66
C ASP A 993 -23.55 41.06 -22.93
N ILE A 994 -22.63 40.11 -22.95
CA ILE A 994 -22.82 38.82 -22.32
C ILE A 994 -21.51 38.31 -21.71
N SER A 995 -21.43 38.36 -20.39
CA SER A 995 -20.25 37.91 -19.68
C SER A 995 -20.31 36.42 -19.43
N GLU A 996 -19.17 35.76 -19.48
CA GLU A 996 -19.14 34.34 -19.23
C GLU A 996 -18.86 34.07 -17.76
N TYR A 997 -18.83 35.13 -16.97
CA TYR A 997 -18.53 34.99 -15.55
C TYR A 997 -19.57 35.48 -14.56
N ILE A 998 -20.12 36.66 -14.80
CA ILE A 998 -21.09 37.23 -13.88
C ILE A 998 -22.27 36.34 -13.54
N ASN A 999 -22.30 35.91 -12.27
CA ASN A 999 -23.35 35.05 -11.73
C ASN A 999 -23.35 33.64 -12.31
N ARG A 1000 -22.25 33.25 -12.93
CA ARG A 1000 -22.16 31.92 -13.51
C ARG A 1000 -21.03 31.14 -12.85
N TRP A 1001 -21.28 29.87 -12.59
CA TRP A 1001 -20.27 29.01 -11.99
C TRP A 1001 -19.01 28.94 -12.84
N PHE A 1002 -17.85 29.06 -12.20
CA PHE A 1002 -16.57 28.90 -12.90
C PHE A 1002 -15.49 28.38 -11.96
N PHE A 1003 -14.52 27.69 -12.53
CA PHE A 1003 -13.44 27.05 -11.77
C PHE A 1003 -12.24 27.93 -11.56
N VAL A 1004 -11.78 28.01 -10.31
CA VAL A 1004 -10.63 28.81 -9.93
C VAL A 1004 -9.52 27.90 -9.42
N THR A 1005 -8.27 28.29 -9.67
CA THR A 1005 -7.15 27.49 -9.19
C THR A 1005 -5.98 28.43 -9.00
N ILE A 1006 -5.44 28.44 -7.78
CA ILE A 1006 -4.31 29.29 -7.42
C ILE A 1006 -3.14 28.39 -7.03
N THR A 1007 -1.97 28.65 -7.60
CA THR A 1007 -0.80 27.85 -7.30
C THR A 1007 0.32 28.73 -6.78
N ASN A 1008 1.13 28.16 -5.90
CA ASN A 1008 2.24 28.89 -5.32
C ASN A 1008 3.52 28.07 -5.31
N ASN A 1009 4.58 28.62 -5.90
CA ASN A 1009 5.88 27.95 -5.90
C ASN A 1009 6.84 29.05 -5.44
N LEU A 1010 8.12 28.73 -5.29
CA LEU A 1010 9.10 29.71 -4.83
C LEU A 1010 9.13 31.06 -5.58
N ASN A 1011 8.84 31.03 -6.87
CA ASN A 1011 8.88 32.27 -7.64
C ASN A 1011 7.53 32.92 -7.91
N ASN A 1012 6.53 32.12 -8.25
CA ASN A 1012 5.24 32.69 -8.59
C ASN A 1012 3.98 32.28 -7.85
N ALA A 1013 2.99 33.14 -8.01
CA ALA A 1013 1.64 32.97 -7.49
C ALA A 1013 0.87 33.11 -8.79
N LYS A 1014 0.22 32.03 -9.22
CA LYS A 1014 -0.54 32.06 -10.46
C LYS A 1014 -2.01 31.75 -10.22
N ILE A 1015 -2.88 32.42 -10.96
CA ILE A 1015 -4.32 32.19 -10.86
C ILE A 1015 -4.83 31.66 -12.19
N TYR A 1016 -5.57 30.56 -12.12
CA TYR A 1016 -6.14 29.93 -13.30
C TYR A 1016 -7.68 30.05 -13.24
N ILE A 1017 -8.29 30.25 -14.40
CA ILE A 1017 -9.75 30.34 -14.46
C ILE A 1017 -10.17 29.32 -15.51
N ASN A 1018 -11.01 28.38 -15.11
CA ASN A 1018 -11.49 27.35 -16.03
C ASN A 1018 -10.34 26.64 -16.75
N GLY A 1019 -9.28 26.36 -16.00
CA GLY A 1019 -8.13 25.66 -16.53
C GLY A 1019 -7.08 26.49 -17.25
N LYS A 1020 -7.43 27.71 -17.66
CA LYS A 1020 -6.50 28.59 -18.36
C LYS A 1020 -5.81 29.63 -17.47
N LEU A 1021 -4.50 29.78 -17.60
CA LEU A 1021 -3.75 30.75 -16.80
C LEU A 1021 -4.21 32.17 -17.11
N GLU A 1022 -4.52 32.94 -16.07
CA GLU A 1022 -4.99 34.30 -16.26
C GLU A 1022 -4.08 35.37 -15.70
N SER A 1023 -3.51 35.12 -14.54
CA SER A 1023 -2.64 36.12 -13.91
C SER A 1023 -1.43 35.50 -13.28
N ASN A 1024 -0.38 36.30 -13.13
CA ASN A 1024 0.87 35.85 -12.54
C ASN A 1024 1.45 36.98 -11.68
N THR A 1025 2.15 36.60 -10.62
CA THR A 1025 2.79 37.56 -9.75
C THR A 1025 4.08 36.96 -9.23
N ASP A 1026 5.16 37.72 -9.34
CA ASP A 1026 6.46 37.28 -8.87
C ASP A 1026 6.44 37.42 -7.35
N ILE A 1027 6.66 36.31 -6.66
CA ILE A 1027 6.64 36.32 -5.21
C ILE A 1027 8.00 35.91 -4.63
N LYS A 1028 9.07 36.31 -5.30
CA LYS A 1028 10.42 35.97 -4.85
C LYS A 1028 10.79 36.55 -3.49
N ASP A 1029 10.49 37.82 -3.26
CA ASP A 1029 10.81 38.46 -1.97
C ASP A 1029 10.06 37.84 -0.79
N ILE A 1030 8.78 37.54 -0.98
CA ILE A 1030 7.99 36.93 0.08
C ILE A 1030 8.78 35.84 0.79
N ARG A 1031 8.88 35.92 2.11
CA ARG A 1031 9.61 34.93 2.87
C ARG A 1031 8.72 33.77 3.32
N GLU A 1032 8.77 33.44 4.61
CA GLU A 1032 7.96 32.34 5.11
C GLU A 1032 6.49 32.70 5.27
N VAL A 1033 5.62 31.81 4.82
CA VAL A 1033 4.18 32.01 4.91
C VAL A 1033 3.56 30.84 5.66
N ILE A 1034 2.92 31.14 6.79
CA ILE A 1034 2.27 30.11 7.60
C ILE A 1034 0.86 29.84 7.08
N ALA A 1035 0.69 28.69 6.41
CA ALA A 1035 -0.61 28.35 5.82
C ALA A 1035 -1.42 27.26 6.49
N ASN A 1036 -0.99 26.80 7.67
CA ASN A 1036 -1.73 25.74 8.36
C ASN A 1036 -2.58 26.30 9.49
N GLY A 1037 -2.80 27.61 9.44
CA GLY A 1037 -3.63 28.25 10.44
C GLY A 1037 -5.09 27.92 10.17
N GLU A 1038 -5.96 28.39 11.05
CA GLU A 1038 -7.37 28.15 10.93
C GLU A 1038 -7.92 28.84 9.67
N ILE A 1039 -8.83 28.17 8.97
CA ILE A 1039 -9.42 28.74 7.77
C ILE A 1039 -10.86 29.19 8.03
N ILE A 1040 -11.12 30.47 7.81
CA ILE A 1040 -12.46 31.03 8.03
C ILE A 1040 -13.16 31.40 6.72
N PHE A 1041 -14.29 30.75 6.45
CA PHE A 1041 -15.07 31.05 5.25
C PHE A 1041 -16.17 31.98 5.72
N LYS A 1042 -16.12 33.23 5.27
CA LYS A 1042 -17.12 34.20 5.71
C LYS A 1042 -16.93 35.51 4.97
N LEU A 1043 -18.05 36.14 4.62
CA LEU A 1043 -17.98 37.42 3.93
C LEU A 1043 -17.64 38.43 5.01
N ASP A 1044 -16.47 39.05 4.89
CA ASP A 1044 -16.03 40.04 5.86
C ASP A 1044 -15.49 41.31 5.24
N GLY A 1045 -16.27 42.38 5.36
CA GLY A 1045 -15.90 43.67 4.80
C GLY A 1045 -17.12 44.55 4.73
N ASP A 1046 -17.04 45.69 4.06
CA ASP A 1046 -18.20 46.56 3.99
C ASP A 1046 -19.11 46.13 2.84
N ILE A 1047 -19.89 45.09 3.10
CA ILE A 1047 -20.80 44.54 2.10
C ILE A 1047 -22.25 44.97 2.27
N ASP A 1048 -23.00 44.84 1.18
CA ASP A 1048 -24.42 45.16 1.17
C ASP A 1048 -25.10 43.94 1.80
N ARG A 1049 -26.24 44.15 2.46
CA ARG A 1049 -26.96 43.05 3.11
C ARG A 1049 -27.32 41.91 2.15
N THR A 1050 -27.55 42.25 0.89
CA THR A 1050 -27.93 41.28 -0.14
C THR A 1050 -26.74 40.51 -0.72
N GLN A 1051 -25.53 40.95 -0.40
CA GLN A 1051 -24.32 40.31 -0.91
C GLN A 1051 -24.18 38.87 -0.46
N PHE A 1052 -24.03 37.95 -1.41
CA PHE A 1052 -23.84 36.55 -1.08
C PHE A 1052 -22.83 35.95 -2.03
N ILE A 1053 -22.47 34.69 -1.77
CA ILE A 1053 -21.51 33.97 -2.60
C ILE A 1053 -21.75 32.46 -2.52
N TRP A 1054 -21.65 31.80 -3.67
CA TRP A 1054 -21.81 30.35 -3.70
C TRP A 1054 -20.43 29.78 -4.00
N MET A 1055 -20.13 28.64 -3.41
CA MET A 1055 -18.83 28.00 -3.61
C MET A 1055 -19.05 26.49 -3.70
N LYS A 1056 -18.08 25.78 -4.28
CA LYS A 1056 -18.19 24.34 -4.43
C LYS A 1056 -16.84 23.65 -4.61
N TYR A 1057 -16.71 22.45 -4.07
CA TYR A 1057 -15.47 21.68 -4.20
C TYR A 1057 -14.22 22.43 -3.74
N PHE A 1058 -14.25 22.99 -2.55
CA PHE A 1058 -13.08 23.68 -2.07
C PHE A 1058 -12.06 22.64 -1.60
N SER A 1059 -10.87 22.67 -2.18
CA SER A 1059 -9.83 21.72 -1.78
C SER A 1059 -8.45 22.38 -1.80
N ILE A 1060 -7.50 21.76 -1.12
CA ILE A 1060 -6.14 22.28 -1.05
C ILE A 1060 -5.09 21.19 -1.29
N PHE A 1061 -4.03 21.56 -2.00
CA PHE A 1061 -2.94 20.63 -2.27
C PHE A 1061 -1.66 21.23 -1.69
N ASN A 1062 -0.83 20.38 -1.09
CA ASN A 1062 0.44 20.83 -0.51
C ASN A 1062 1.53 20.79 -1.57
N THR A 1063 1.18 21.18 -2.79
CA THR A 1063 2.11 21.24 -3.91
C THR A 1063 1.50 22.11 -5.01
N GLU A 1064 2.34 22.59 -5.91
CA GLU A 1064 1.89 23.40 -7.02
C GLU A 1064 1.35 22.48 -8.13
N LEU A 1065 0.13 22.74 -8.57
CA LEU A 1065 -0.48 21.95 -9.63
C LEU A 1065 0.02 22.50 -10.95
N SER A 1066 0.17 21.62 -11.94
CA SER A 1066 0.62 22.05 -13.26
C SER A 1066 -0.61 22.43 -14.09
N GLN A 1067 -0.40 23.18 -15.16
CA GLN A 1067 -1.50 23.59 -16.04
C GLN A 1067 -2.29 22.36 -16.48
N SER A 1068 -1.61 21.23 -16.60
CA SER A 1068 -2.23 19.99 -17.02
C SER A 1068 -3.14 19.39 -15.93
N ASN A 1069 -2.64 19.36 -14.70
CA ASN A 1069 -3.42 18.82 -13.58
C ASN A 1069 -4.72 19.60 -13.40
N ILE A 1070 -4.62 20.91 -13.62
CA ILE A 1070 -5.71 21.85 -13.48
C ILE A 1070 -6.74 21.70 -14.57
N GLU A 1071 -6.27 21.64 -15.80
CA GLU A 1071 -7.16 21.47 -16.94
C GLU A 1071 -7.96 20.18 -16.69
N GLU A 1072 -7.28 19.15 -16.17
CA GLU A 1072 -7.91 17.88 -15.90
C GLU A 1072 -8.94 17.94 -14.79
N ARG A 1073 -8.64 18.70 -13.74
CA ARG A 1073 -9.56 18.81 -12.61
C ARG A 1073 -10.80 19.55 -13.11
N TYR A 1074 -10.59 20.56 -13.93
CA TYR A 1074 -11.68 21.33 -14.51
C TYR A 1074 -12.62 20.38 -15.25
N LYS A 1075 -12.07 19.56 -16.14
CA LYS A 1075 -12.88 18.61 -16.89
C LYS A 1075 -13.55 17.60 -15.98
N ILE A 1076 -12.84 17.12 -14.95
CA ILE A 1076 -13.44 16.15 -14.05
C ILE A 1076 -14.60 16.71 -13.24
N GLN A 1077 -14.41 17.91 -12.68
CA GLN A 1077 -15.46 18.49 -11.87
C GLN A 1077 -16.62 19.09 -12.69
N SER A 1078 -16.38 19.31 -13.98
CA SER A 1078 -17.40 19.85 -14.88
C SER A 1078 -18.35 18.77 -15.39
N TYR A 1079 -17.89 17.52 -15.38
CA TYR A 1079 -18.68 16.41 -15.90
C TYR A 1079 -19.98 16.07 -15.19
N SER A 1080 -21.00 15.77 -15.98
CA SER A 1080 -22.32 15.37 -15.46
C SER A 1080 -23.16 14.71 -16.55
N GLU A 1081 -24.09 13.84 -16.15
CA GLU A 1081 -24.97 13.15 -17.09
C GLU A 1081 -26.06 14.13 -17.52
N TYR A 1082 -26.40 15.05 -16.64
CA TYR A 1082 -27.41 16.04 -16.94
C TYR A 1082 -26.79 17.26 -17.62
N LEU A 1083 -27.62 18.02 -18.31
CA LEU A 1083 -27.15 19.23 -18.97
C LEU A 1083 -27.23 20.33 -17.92
N LYS A 1084 -26.74 21.52 -18.25
CA LYS A 1084 -26.77 22.62 -17.31
C LYS A 1084 -27.53 23.82 -17.86
N ASP A 1085 -27.82 24.80 -17.01
CA ASP A 1085 -28.52 25.99 -17.47
C ASP A 1085 -27.47 27.09 -17.60
N PHE A 1086 -27.91 28.26 -18.06
CA PHE A 1086 -27.02 29.39 -18.30
C PHE A 1086 -26.07 29.72 -17.14
N TRP A 1087 -26.57 29.58 -15.92
CA TRP A 1087 -25.79 29.89 -14.73
C TRP A 1087 -24.83 28.75 -14.35
N GLY A 1088 -25.04 27.58 -14.93
CA GLY A 1088 -24.16 26.46 -14.63
C GLY A 1088 -24.80 25.41 -13.74
N ASN A 1089 -26.07 25.61 -13.40
CA ASN A 1089 -26.77 24.65 -12.55
C ASN A 1089 -27.47 23.58 -13.42
N PRO A 1090 -27.84 22.44 -12.80
CA PRO A 1090 -28.51 21.36 -13.53
C PRO A 1090 -29.77 21.84 -14.25
N LEU A 1091 -29.91 21.48 -15.53
CA LEU A 1091 -31.09 21.86 -16.30
C LEU A 1091 -32.26 21.10 -15.67
N MET A 1092 -33.41 21.75 -15.50
CA MET A 1092 -34.54 21.08 -14.87
C MET A 1092 -35.77 21.02 -15.77
N TYR A 1093 -36.62 20.02 -15.53
CA TYR A 1093 -37.87 19.87 -16.27
C TYR A 1093 -38.90 20.72 -15.55
N ASN A 1094 -39.86 21.27 -16.29
CA ASN A 1094 -40.92 22.07 -15.70
C ASN A 1094 -40.44 23.31 -14.95
N LYS A 1095 -39.48 24.02 -15.55
CA LYS A 1095 -38.94 25.22 -14.94
C LYS A 1095 -38.86 26.27 -16.04
N GLU A 1096 -39.43 27.44 -15.80
CA GLU A 1096 -39.42 28.48 -16.81
C GLU A 1096 -37.99 28.93 -17.14
N TYR A 1097 -37.72 29.02 -18.43
CA TYR A 1097 -36.40 29.43 -18.91
C TYR A 1097 -36.53 30.35 -20.12
N TYR A 1098 -35.67 31.35 -20.19
CA TYR A 1098 -35.65 32.23 -21.35
C TYR A 1098 -34.57 31.55 -22.18
N MET A 1099 -34.58 31.74 -23.49
CA MET A 1099 -33.58 31.07 -24.29
C MET A 1099 -32.47 31.96 -24.79
N PHE A 1100 -31.25 31.42 -24.71
CA PHE A 1100 -30.04 32.10 -25.13
C PHE A 1100 -29.43 31.31 -26.29
N ASN A 1101 -28.82 32.03 -27.23
CA ASN A 1101 -28.20 31.41 -28.42
C ASN A 1101 -26.75 31.85 -28.48
N ALA A 1102 -25.82 30.92 -28.25
CA ALA A 1102 -24.38 31.20 -28.26
C ALA A 1102 -23.85 31.66 -29.61
N GLY A 1103 -24.61 31.43 -30.67
CA GLY A 1103 -24.15 31.86 -31.99
C GLY A 1103 -24.68 33.22 -32.36
N ASN A 1104 -25.60 33.74 -31.54
CA ASN A 1104 -26.21 35.05 -31.73
C ASN A 1104 -26.49 35.62 -30.34
N LYS A 1105 -25.42 35.91 -29.60
CA LYS A 1105 -25.49 36.43 -28.24
C LYS A 1105 -26.63 37.41 -27.98
N ASN A 1106 -26.66 38.49 -28.73
CA ASN A 1106 -27.67 39.53 -28.54
C ASN A 1106 -29.04 39.28 -29.15
N SER A 1107 -29.32 38.04 -29.52
CA SER A 1107 -30.59 37.70 -30.13
C SER A 1107 -31.49 36.91 -29.20
N TYR A 1108 -32.80 37.07 -29.38
CA TYR A 1108 -33.75 36.35 -28.59
C TYR A 1108 -34.98 36.06 -29.42
N ILE A 1109 -35.74 35.06 -28.99
CA ILE A 1109 -36.95 34.62 -29.68
C ILE A 1109 -38.22 35.28 -29.14
N LYS A 1110 -39.15 35.58 -30.05
CA LYS A 1110 -40.43 36.17 -29.70
C LYS A 1110 -41.48 35.62 -30.66
N LEU A 1111 -42.62 35.19 -30.13
CA LEU A 1111 -43.68 34.68 -31.01
C LEU A 1111 -44.17 35.87 -31.85
N LYS A 1112 -44.04 35.77 -33.17
CA LYS A 1112 -44.47 36.83 -34.07
C LYS A 1112 -45.99 37.02 -33.95
N LYS A 1113 -46.40 38.28 -33.86
CA LYS A 1113 -47.81 38.63 -33.71
C LYS A 1113 -48.79 37.95 -34.67
N ASP A 1114 -48.55 38.05 -35.97
CA ASP A 1114 -49.47 37.46 -36.95
C ASP A 1114 -49.20 36.06 -37.47
N SER A 1115 -48.13 35.41 -37.01
CA SER A 1115 -47.83 34.07 -37.51
C SER A 1115 -47.25 33.10 -36.49
N PRO A 1116 -47.47 31.79 -36.69
CA PRO A 1116 -47.01 30.72 -35.82
C PRO A 1116 -45.49 30.49 -35.89
N VAL A 1117 -44.73 31.57 -35.88
CA VAL A 1117 -43.28 31.47 -35.91
C VAL A 1117 -42.63 32.36 -34.86
N GLY A 1118 -41.36 32.10 -34.59
CA GLY A 1118 -40.65 32.89 -33.61
C GLY A 1118 -39.66 33.73 -34.34
N GLU A 1119 -39.83 35.04 -34.26
CA GLU A 1119 -38.91 35.95 -34.91
C GLU A 1119 -37.75 36.14 -33.94
N ILE A 1120 -36.62 36.61 -34.47
CA ILE A 1120 -35.44 36.84 -33.64
C ILE A 1120 -35.21 38.34 -33.49
N LEU A 1121 -35.33 38.84 -32.27
CA LEU A 1121 -35.11 40.26 -32.02
C LEU A 1121 -33.80 40.50 -31.29
N THR A 1122 -33.37 41.76 -31.25
CA THR A 1122 -32.14 42.15 -30.57
C THR A 1122 -32.43 42.41 -29.09
N ARG A 1123 -31.58 41.89 -28.21
CA ARG A 1123 -31.77 42.08 -26.78
C ARG A 1123 -31.66 43.56 -26.43
N SER A 1124 -32.50 44.00 -25.50
CA SER A 1124 -32.45 45.38 -25.04
C SER A 1124 -31.25 45.45 -24.09
N LYS A 1125 -30.71 46.66 -23.90
CA LYS A 1125 -29.53 46.82 -23.06
C LYS A 1125 -29.71 47.69 -21.81
N TYR A 1126 -28.65 47.73 -21.00
CA TYR A 1126 -28.59 48.52 -19.78
C TYR A 1126 -28.90 49.98 -20.14
N ASN A 1127 -30.00 50.51 -19.59
CA ASN A 1127 -30.41 51.89 -19.88
C ASN A 1127 -29.84 53.02 -19.04
N GLN A 1128 -29.55 52.76 -17.77
CA GLN A 1128 -29.02 53.81 -16.91
C GLN A 1128 -27.69 54.35 -17.46
N ASN A 1129 -27.17 55.41 -16.85
CA ASN A 1129 -25.95 56.06 -17.35
C ASN A 1129 -24.59 55.78 -16.74
N SER A 1130 -24.44 54.70 -15.97
CA SER A 1130 -23.12 54.44 -15.40
C SER A 1130 -22.08 54.18 -16.51
N LYS A 1131 -20.83 54.55 -16.25
CA LYS A 1131 -19.77 54.35 -17.21
C LYS A 1131 -19.05 53.03 -16.92
N TYR A 1132 -19.33 52.47 -15.74
CA TYR A 1132 -18.71 51.22 -15.32
C TYR A 1132 -19.45 49.98 -15.81
N ILE A 1133 -20.70 50.13 -16.22
CA ILE A 1133 -21.42 48.94 -16.62
C ILE A 1133 -22.20 48.94 -17.93
N ASN A 1134 -22.29 47.74 -18.50
CA ASN A 1134 -23.03 47.50 -19.73
C ASN A 1134 -23.33 46.02 -19.89
N TYR A 1135 -24.57 45.73 -20.27
CA TYR A 1135 -25.00 44.34 -20.48
C TYR A 1135 -26.28 44.32 -21.31
N ARG A 1136 -26.69 43.12 -21.68
CA ARG A 1136 -27.89 42.93 -22.46
C ARG A 1136 -28.86 42.19 -21.56
N ASP A 1137 -30.13 42.58 -21.60
CA ASP A 1137 -31.13 41.93 -20.77
C ASP A 1137 -31.19 40.47 -21.10
N LEU A 1138 -31.40 39.65 -20.07
CA LEU A 1138 -31.47 38.22 -20.25
C LEU A 1138 -32.88 37.71 -19.99
N TYR A 1139 -33.66 38.45 -19.20
CA TYR A 1139 -35.03 38.06 -18.90
C TYR A 1139 -35.97 38.65 -19.94
N ILE A 1140 -35.80 38.20 -21.18
CA ILE A 1140 -36.59 38.72 -22.28
C ILE A 1140 -36.95 37.60 -23.26
N GLY A 1141 -37.92 37.85 -24.12
CA GLY A 1141 -38.36 36.84 -25.07
C GLY A 1141 -39.34 35.89 -24.42
N GLU A 1142 -39.81 34.90 -25.15
CA GLU A 1142 -40.76 33.95 -24.60
C GLU A 1142 -40.20 33.25 -23.38
N LYS A 1143 -41.09 32.70 -22.56
CA LYS A 1143 -40.67 31.96 -21.39
C LYS A 1143 -40.91 30.50 -21.78
N PHE A 1144 -39.83 29.74 -21.96
CA PHE A 1144 -39.97 28.34 -22.35
C PHE A 1144 -39.98 27.44 -21.13
N ILE A 1145 -40.46 26.23 -21.32
CA ILE A 1145 -40.49 25.25 -20.24
C ILE A 1145 -40.35 23.86 -20.86
N ILE A 1146 -39.35 23.13 -20.38
CA ILE A 1146 -39.03 21.79 -20.87
C ILE A 1146 -39.90 20.71 -20.21
N ARG A 1147 -40.63 19.97 -21.03
CA ARG A 1147 -41.49 18.91 -20.52
C ARG A 1147 -40.92 17.53 -20.84
N ARG A 1148 -41.08 16.59 -19.92
CA ARG A 1148 -40.56 15.25 -20.15
C ARG A 1148 -41.49 14.50 -21.10
N LYS A 1149 -40.91 13.75 -22.03
CA LYS A 1149 -41.71 13.00 -23.00
C LYS A 1149 -42.22 11.65 -22.51
N SER A 1150 -41.41 10.91 -21.76
CA SER A 1150 -41.83 9.59 -21.27
C SER A 1150 -42.42 9.55 -19.85
N ASN A 1151 -42.73 8.34 -19.38
CA ASN A 1151 -43.33 8.06 -18.07
C ASN A 1151 -44.13 9.21 -17.44
N SER A 1152 -45.46 9.08 -17.50
CA SER A 1152 -46.40 10.07 -16.98
C SER A 1152 -46.49 10.17 -15.45
N GLN A 1153 -45.35 10.46 -14.82
CA GLN A 1153 -45.30 10.60 -13.36
C GLN A 1153 -45.61 12.07 -13.00
N SER A 1154 -46.54 12.66 -13.75
CA SER A 1154 -46.98 14.04 -13.57
C SER A 1154 -46.03 15.10 -14.15
N ILE A 1155 -46.36 16.37 -13.96
CA ILE A 1155 -45.53 17.47 -14.46
C ILE A 1155 -45.05 18.43 -13.37
N ASN A 1156 -44.26 17.88 -12.42
CA ASN A 1156 -43.71 18.67 -11.31
C ASN A 1156 -42.28 19.15 -11.60
N ASP A 1157 -41.29 18.25 -11.48
CA ASP A 1157 -39.89 18.60 -11.73
C ASP A 1157 -39.00 17.37 -11.87
N ASP A 1158 -37.72 17.63 -12.17
CA ASP A 1158 -36.68 16.61 -12.34
C ASP A 1158 -35.57 17.10 -13.25
N ILE A 1159 -34.44 16.41 -13.20
CA ILE A 1159 -33.26 16.79 -13.98
C ILE A 1159 -33.32 16.32 -15.42
N VAL A 1160 -32.77 17.13 -16.31
CA VAL A 1160 -32.74 16.82 -17.72
C VAL A 1160 -31.40 16.16 -18.03
N ARG A 1161 -31.44 14.95 -18.56
CA ARG A 1161 -30.23 14.22 -18.89
C ARG A 1161 -29.99 14.13 -20.38
N LYS A 1162 -28.71 14.13 -20.77
CA LYS A 1162 -28.33 14.04 -22.17
C LYS A 1162 -29.07 12.92 -22.86
N GLU A 1163 -29.50 13.17 -24.10
CA GLU A 1163 -30.21 12.17 -24.89
C GLU A 1163 -31.67 11.94 -24.48
N ASP A 1164 -32.18 12.74 -23.55
CA ASP A 1164 -33.58 12.60 -23.14
C ASP A 1164 -34.49 13.12 -24.25
N TYR A 1165 -35.70 12.58 -24.31
CA TYR A 1165 -36.67 13.01 -25.31
C TYR A 1165 -37.61 13.95 -24.61
N ILE A 1166 -37.76 15.14 -25.17
CA ILE A 1166 -38.58 16.15 -24.55
C ILE A 1166 -39.51 16.87 -25.51
N TYR A 1167 -40.27 17.80 -24.95
CA TYR A 1167 -41.16 18.66 -25.67
C TYR A 1167 -40.63 20.03 -25.29
N LEU A 1168 -40.50 20.92 -26.26
CA LEU A 1168 -40.03 22.26 -25.97
C LEU A 1168 -41.26 23.16 -26.07
N ASP A 1169 -41.78 23.58 -24.92
CA ASP A 1169 -42.95 24.42 -24.90
C ASP A 1169 -42.62 25.83 -24.41
N PHE A 1170 -43.64 26.66 -24.29
CA PHE A 1170 -43.47 28.03 -23.83
C PHE A 1170 -44.84 28.61 -23.59
N PHE A 1171 -44.90 29.72 -22.86
CA PHE A 1171 -46.17 30.33 -22.53
C PHE A 1171 -46.61 31.51 -23.38
N ASN A 1172 -47.81 31.38 -23.93
CA ASN A 1172 -48.40 32.43 -24.73
C ASN A 1172 -49.57 32.87 -23.87
N LEU A 1173 -49.35 33.90 -23.08
CA LEU A 1173 -50.38 34.42 -22.18
C LEU A 1173 -50.69 33.37 -21.12
N ASN A 1174 -51.95 32.94 -21.11
CA ASN A 1174 -52.44 31.95 -20.15
C ASN A 1174 -52.35 30.50 -20.67
N GLN A 1175 -51.87 30.31 -21.89
CA GLN A 1175 -51.77 28.97 -22.46
C GLN A 1175 -50.34 28.48 -22.62
N GLU A 1176 -50.20 27.16 -22.76
CA GLU A 1176 -48.90 26.54 -22.96
C GLU A 1176 -48.84 26.04 -24.40
N TRP A 1177 -47.94 26.61 -25.19
CA TRP A 1177 -47.77 26.21 -26.58
C TRP A 1177 -46.55 25.30 -26.75
N ARG A 1178 -46.32 24.83 -27.98
CA ARG A 1178 -45.21 23.92 -28.27
C ARG A 1178 -44.43 24.31 -29.52
N VAL A 1179 -43.19 23.80 -29.62
CA VAL A 1179 -42.33 24.08 -30.77
C VAL A 1179 -42.46 22.89 -31.72
N TYR A 1180 -42.69 23.18 -32.99
CA TYR A 1180 -42.88 22.13 -33.99
C TYR A 1180 -42.09 22.28 -35.29
N THR A 1181 -41.99 21.15 -36.01
CA THR A 1181 -41.32 21.09 -37.31
C THR A 1181 -42.28 20.46 -38.34
N TYR A 1182 -42.58 21.19 -39.41
CA TYR A 1182 -43.45 20.66 -40.45
C TYR A 1182 -42.68 19.46 -41.02
N LYS A 1183 -43.26 18.26 -40.88
CA LYS A 1183 -42.62 17.04 -41.37
C LYS A 1183 -42.15 17.03 -42.83
N TYR A 1184 -42.87 17.71 -43.70
CA TYR A 1184 -42.55 17.65 -45.12
C TYR A 1184 -41.86 18.83 -45.79
N PHE A 1185 -40.72 19.26 -45.27
CA PHE A 1185 -40.01 20.36 -45.91
C PHE A 1185 -38.88 19.78 -46.74
N LYS A 1186 -38.78 20.24 -47.99
CA LYS A 1186 -37.78 19.76 -48.93
C LYS A 1186 -36.50 20.59 -48.89
N LYS A 1187 -36.63 21.87 -48.55
CA LYS A 1187 -35.45 22.73 -48.47
C LYS A 1187 -34.59 22.19 -47.35
N GLU A 1188 -33.39 22.72 -47.18
CA GLU A 1188 -32.54 22.20 -46.13
C GLU A 1188 -32.67 22.95 -44.79
N GLU A 1189 -33.79 23.66 -44.62
CA GLU A 1189 -34.11 24.37 -43.39
C GLU A 1189 -35.38 25.16 -43.55
N GLU A 1190 -36.13 25.29 -42.45
CA GLU A 1190 -37.36 26.04 -42.48
C GLU A 1190 -37.65 26.62 -41.11
N LYS A 1191 -38.60 27.55 -41.08
CA LYS A 1191 -39.02 28.19 -39.85
C LYS A 1191 -39.79 27.19 -39.01
N LEU A 1192 -39.49 27.16 -37.71
CA LEU A 1192 -40.17 26.27 -36.79
C LEU A 1192 -41.61 26.73 -36.69
N PHE A 1193 -42.50 25.82 -36.34
CA PHE A 1193 -43.92 26.12 -36.22
C PHE A 1193 -44.31 26.19 -34.75
N LEU A 1194 -44.66 27.37 -34.26
CA LEU A 1194 -45.06 27.54 -32.86
C LEU A 1194 -46.58 27.65 -32.77
N ALA A 1195 -47.19 26.75 -32.02
CA ALA A 1195 -48.64 26.74 -31.88
C ALA A 1195 -49.09 25.96 -30.65
N PRO A 1196 -50.40 26.00 -30.34
CA PRO A 1196 -50.93 25.30 -29.18
C PRO A 1196 -50.56 23.83 -29.22
N ILE A 1197 -50.68 23.17 -28.06
CA ILE A 1197 -50.38 21.75 -27.94
C ILE A 1197 -51.48 20.95 -28.62
N SER A 1198 -51.09 20.14 -29.60
CA SER A 1198 -52.05 19.30 -30.32
C SER A 1198 -51.31 18.17 -31.02
N ASP A 1199 -52.05 17.12 -31.36
CA ASP A 1199 -51.45 15.97 -32.02
C ASP A 1199 -51.72 15.98 -33.52
N SER A 1200 -50.70 16.28 -34.31
CA SER A 1200 -50.86 16.32 -35.76
C SER A 1200 -49.85 15.44 -36.47
N ASP A 1201 -50.36 14.50 -37.26
CA ASP A 1201 -49.50 13.60 -38.02
C ASP A 1201 -48.65 14.37 -39.03
N GLU A 1202 -48.90 15.67 -39.16
CA GLU A 1202 -48.14 16.49 -40.08
C GLU A 1202 -46.95 17.22 -39.45
N PHE A 1203 -46.87 17.19 -38.12
CA PHE A 1203 -45.78 17.87 -37.41
C PHE A 1203 -44.98 17.00 -36.45
N TYR A 1204 -43.68 17.23 -36.40
CA TYR A 1204 -42.81 16.52 -35.46
C TYR A 1204 -42.87 17.38 -34.20
N ASN A 1205 -43.07 16.76 -33.05
CA ASN A 1205 -43.14 17.51 -31.79
C ASN A 1205 -42.15 16.99 -30.75
N THR A 1206 -41.41 15.95 -31.09
CA THR A 1206 -40.47 15.40 -30.14
C THR A 1206 -39.03 15.79 -30.39
N ILE A 1207 -38.38 16.27 -29.33
CA ILE A 1207 -37.00 16.71 -29.42
C ILE A 1207 -36.08 15.89 -28.52
N GLN A 1208 -34.88 15.60 -29.01
CA GLN A 1208 -33.91 14.89 -28.21
C GLN A 1208 -32.83 15.91 -27.86
N ILE A 1209 -32.67 16.17 -26.57
CA ILE A 1209 -31.68 17.14 -26.10
C ILE A 1209 -30.32 16.45 -26.17
N LYS A 1210 -29.37 17.11 -26.84
CA LYS A 1210 -28.03 16.55 -27.03
C LYS A 1210 -26.90 17.39 -26.45
N GLU A 1211 -25.70 16.82 -26.52
CA GLU A 1211 -24.47 17.49 -26.10
C GLU A 1211 -23.37 16.95 -26.98
N TYR A 1212 -23.05 17.68 -28.05
CA TYR A 1212 -22.02 17.28 -29.01
C TYR A 1212 -20.64 17.78 -28.61
N ASP A 1213 -20.59 18.78 -27.74
CA ASP A 1213 -19.31 19.34 -27.30
C ASP A 1213 -18.67 18.35 -26.33
N GLU A 1214 -17.39 18.06 -26.55
CA GLU A 1214 -16.69 17.11 -25.69
C GLU A 1214 -16.06 17.84 -24.51
N GLN A 1215 -15.84 19.14 -24.69
CA GLN A 1215 -15.27 19.95 -23.64
C GLN A 1215 -16.39 20.55 -22.80
N PRO A 1216 -16.07 21.04 -21.59
CA PRO A 1216 -17.07 21.64 -20.72
C PRO A 1216 -17.79 22.81 -21.37
N THR A 1217 -19.10 22.86 -21.19
CA THR A 1217 -19.91 23.94 -21.74
C THR A 1217 -21.30 23.93 -21.09
N TYR A 1218 -21.99 25.07 -21.14
CA TYR A 1218 -23.34 25.13 -20.59
C TYR A 1218 -24.35 25.15 -21.75
N SER A 1219 -23.82 25.12 -22.97
CA SER A 1219 -24.67 25.10 -24.17
C SER A 1219 -25.10 23.65 -24.36
N CYS A 1220 -26.17 23.47 -25.13
CA CYS A 1220 -26.68 22.14 -25.45
C CYS A 1220 -27.36 22.29 -26.81
N GLN A 1221 -27.67 21.17 -27.45
CA GLN A 1221 -28.32 21.24 -28.75
C GLN A 1221 -29.65 20.51 -28.73
N LEU A 1222 -30.53 20.90 -29.64
CA LEU A 1222 -31.86 20.30 -29.75
C LEU A 1222 -32.02 19.67 -31.13
N LEU A 1223 -32.19 18.35 -31.13
CA LEU A 1223 -32.31 17.57 -32.34
C LEU A 1223 -33.69 17.00 -32.59
N PHE A 1224 -34.18 17.17 -33.83
CA PHE A 1224 -35.48 16.62 -34.22
C PHE A 1224 -35.24 15.33 -34.98
N LYS A 1225 -35.83 14.24 -34.50
CA LYS A 1225 -35.69 12.96 -35.17
C LYS A 1225 -37.07 12.46 -35.58
N LYS A 1226 -37.12 11.66 -36.64
CA LYS A 1226 -38.39 11.12 -37.10
C LYS A 1226 -39.14 10.59 -35.88
N ASP A 1227 -38.48 9.69 -35.15
CA ASP A 1227 -39.02 9.14 -33.91
C ASP A 1227 -37.83 8.62 -33.11
N GLU A 1228 -38.05 8.33 -31.84
CA GLU A 1228 -36.98 7.84 -30.96
C GLU A 1228 -36.09 6.79 -31.62
N GLU A 1229 -36.67 5.64 -31.95
CA GLU A 1229 -35.92 4.54 -32.56
C GLU A 1229 -35.16 4.90 -33.83
N SER A 1230 -35.88 5.44 -34.81
CA SER A 1230 -35.29 5.82 -36.09
C SER A 1230 -33.96 6.55 -35.97
N THR A 1231 -33.05 6.24 -36.88
CA THR A 1231 -31.75 6.87 -36.91
C THR A 1231 -31.82 8.04 -37.90
N ASP A 1232 -33.05 8.36 -38.29
CA ASP A 1232 -33.30 9.44 -39.25
C ASP A 1232 -33.39 10.81 -38.57
N GLU A 1233 -32.39 11.65 -38.84
CA GLU A 1233 -32.32 12.97 -38.26
C GLU A 1233 -32.94 14.04 -39.13
N ILE A 1234 -33.90 14.77 -38.57
CA ILE A 1234 -34.58 15.84 -39.30
C ILE A 1234 -33.70 17.08 -39.34
N GLY A 1235 -33.05 17.37 -38.23
CA GLY A 1235 -32.19 18.54 -38.15
C GLY A 1235 -32.09 19.12 -36.74
N LEU A 1236 -31.30 20.17 -36.59
CA LEU A 1236 -31.11 20.82 -35.30
C LEU A 1236 -31.74 22.22 -35.25
N ILE A 1237 -32.19 22.60 -34.06
CA ILE A 1237 -32.81 23.90 -33.86
C ILE A 1237 -31.74 25.00 -33.84
N GLY A 1238 -32.01 26.10 -34.54
CA GLY A 1238 -31.07 27.22 -34.57
C GLY A 1238 -31.74 28.48 -35.08
N ILE A 1239 -30.98 29.31 -35.78
CA ILE A 1239 -31.51 30.56 -36.32
C ILE A 1239 -31.07 30.76 -37.78
N HIS A 1240 -32.02 31.12 -38.66
CA HIS A 1240 -31.75 31.37 -40.09
C HIS A 1240 -32.15 32.78 -40.49
N ARG A 1241 -31.29 33.42 -41.28
CA ARG A 1241 -31.51 34.78 -41.81
C ARG A 1241 -32.23 34.59 -43.13
N PHE A 1242 -33.32 35.31 -43.34
CA PHE A 1242 -34.09 35.22 -44.58
C PHE A 1242 -34.17 36.61 -45.20
N TYR A 1243 -34.34 36.66 -46.51
CA TYR A 1243 -34.47 37.95 -47.18
C TYR A 1243 -35.95 38.21 -47.35
N GLU A 1244 -36.40 39.39 -46.95
CA GLU A 1244 -37.81 39.74 -47.09
C GLU A 1244 -37.95 41.02 -47.88
N SER A 1245 -38.63 40.92 -49.01
CA SER A 1245 -38.87 42.06 -49.89
C SER A 1245 -40.36 42.25 -50.11
N GLY A 1246 -40.94 43.22 -49.40
CA GLY A 1246 -42.36 43.49 -49.55
C GLY A 1246 -42.59 44.82 -50.25
N ILE A 1247 -43.82 45.07 -50.65
CA ILE A 1247 -44.16 46.31 -51.36
C ILE A 1247 -43.63 47.56 -50.64
N VAL A 1248 -43.50 47.46 -49.31
CA VAL A 1248 -43.03 48.58 -48.51
C VAL A 1248 -41.61 48.40 -47.97
N PHE A 1249 -41.38 47.31 -47.25
CA PHE A 1249 -40.07 47.04 -46.67
C PHE A 1249 -39.25 45.99 -47.38
N GLU A 1250 -37.94 46.25 -47.44
CA GLU A 1250 -36.98 45.34 -48.04
C GLU A 1250 -35.90 45.15 -46.99
N GLU A 1251 -35.76 43.94 -46.48
CA GLU A 1251 -34.75 43.69 -45.45
C GLU A 1251 -34.51 42.22 -45.14
N TYR A 1252 -33.51 41.97 -44.28
CA TYR A 1252 -33.17 40.62 -43.84
C TYR A 1252 -33.72 40.42 -42.43
N LYS A 1253 -34.27 39.23 -42.15
CA LYS A 1253 -34.83 38.90 -40.84
C LYS A 1253 -34.51 37.46 -40.42
N ASP A 1254 -34.15 37.28 -39.16
CA ASP A 1254 -33.83 35.96 -38.63
C ASP A 1254 -35.00 35.30 -37.97
N TYR A 1255 -35.12 33.99 -38.14
CA TYR A 1255 -36.20 33.25 -37.53
C TYR A 1255 -35.73 32.00 -36.78
N PHE A 1256 -36.56 31.56 -35.85
CA PHE A 1256 -36.33 30.38 -35.02
C PHE A 1256 -36.46 29.20 -35.99
N CYS A 1257 -35.37 28.48 -36.28
CA CYS A 1257 -35.46 27.38 -37.26
C CYS A 1257 -34.90 26.01 -36.95
N ILE A 1258 -35.18 25.08 -37.86
CA ILE A 1258 -34.66 23.72 -37.79
C ILE A 1258 -33.79 23.60 -39.04
N SER A 1259 -32.67 22.90 -38.95
CA SER A 1259 -31.79 22.79 -40.11
C SER A 1259 -30.89 21.58 -40.14
N LYS A 1260 -30.76 20.99 -41.33
CA LYS A 1260 -29.91 19.82 -41.52
C LYS A 1260 -28.44 20.18 -41.56
N TRP A 1261 -28.13 21.42 -41.95
CA TRP A 1261 -26.75 21.88 -42.05
C TRP A 1261 -25.92 21.61 -40.80
N TYR A 1262 -26.52 21.79 -39.63
CA TYR A 1262 -25.81 21.58 -38.38
C TYR A 1262 -25.39 20.15 -38.15
N LEU A 1263 -26.15 19.22 -38.72
CA LEU A 1263 -25.83 17.79 -38.53
C LEU A 1263 -24.37 17.48 -38.77
N LYS A 1264 -23.77 18.05 -39.81
CA LYS A 1264 -22.37 17.78 -40.09
C LYS A 1264 -21.43 18.71 -39.33
N GLU A 1265 -21.88 19.93 -39.08
CA GLU A 1265 -21.06 20.92 -38.38
C GLU A 1265 -20.69 20.54 -36.95
N VAL A 1266 -21.62 19.92 -36.24
CA VAL A 1266 -21.35 19.55 -34.85
C VAL A 1266 -20.30 18.45 -34.70
N LYS A 1267 -19.95 17.79 -35.81
CA LYS A 1267 -18.96 16.72 -35.78
C LYS A 1267 -17.52 17.24 -35.91
N ARG A 1268 -17.39 18.45 -36.43
CA ARG A 1268 -16.07 19.05 -36.60
C ARG A 1268 -15.34 19.23 -35.26
N LYS A 1269 -14.01 19.24 -35.33
CA LYS A 1269 -13.18 19.40 -34.13
C LYS A 1269 -12.14 20.48 -34.41
N PRO A 1270 -11.91 21.39 -33.46
CA PRO A 1270 -12.59 21.42 -32.16
C PRO A 1270 -14.05 21.86 -32.33
N TYR A 1271 -14.88 21.61 -31.32
CA TYR A 1271 -16.30 21.96 -31.39
C TYR A 1271 -16.52 23.45 -31.59
N ASN A 1272 -17.34 23.81 -32.58
CA ASN A 1272 -17.63 25.21 -32.89
C ASN A 1272 -18.63 25.79 -31.90
N LEU A 1273 -18.12 26.43 -30.84
CA LEU A 1273 -18.96 27.03 -29.81
C LEU A 1273 -19.86 28.15 -30.36
N LYS A 1274 -19.50 28.67 -31.53
CA LYS A 1274 -20.26 29.73 -32.15
C LYS A 1274 -21.45 29.24 -32.99
N LEU A 1275 -21.56 27.94 -33.21
CA LEU A 1275 -22.67 27.45 -34.01
C LEU A 1275 -24.03 27.95 -33.54
N GLY A 1276 -24.88 28.32 -34.50
CA GLY A 1276 -26.21 28.82 -34.21
C GLY A 1276 -27.13 27.80 -33.57
N CYS A 1277 -26.69 26.55 -33.49
CA CYS A 1277 -27.51 25.52 -32.89
C CYS A 1277 -27.18 25.29 -31.42
N ASN A 1278 -26.28 26.10 -30.88
CA ASN A 1278 -25.89 26.01 -29.45
C ASN A 1278 -26.80 26.88 -28.59
N TRP A 1279 -27.55 26.28 -27.69
CA TRP A 1279 -28.44 27.08 -26.84
C TRP A 1279 -28.16 26.93 -25.35
N GLN A 1280 -28.68 27.90 -24.59
CA GLN A 1280 -28.54 27.90 -23.14
C GLN A 1280 -29.84 28.40 -22.53
N PHE A 1281 -30.25 27.79 -21.43
CA PHE A 1281 -31.50 28.18 -20.78
C PHE A 1281 -31.28 29.05 -19.54
N ILE A 1282 -31.90 30.23 -19.53
CA ILE A 1282 -31.74 31.15 -18.42
C ILE A 1282 -32.99 31.30 -17.55
N PRO A 1283 -32.90 30.92 -16.28
CA PRO A 1283 -34.09 31.07 -15.45
C PRO A 1283 -33.86 32.30 -14.57
N LYS A 1284 -34.92 32.83 -13.97
CA LYS A 1284 -34.79 33.96 -13.05
C LYS A 1284 -33.82 33.56 -11.94
N ASP A 1285 -32.96 34.48 -11.50
CA ASP A 1285 -32.00 34.16 -10.46
C ASP A 1285 -31.63 35.38 -9.61
N GLU A 1286 -31.80 35.27 -8.30
CA GLU A 1286 -31.49 36.39 -7.42
C GLU A 1286 -30.11 36.98 -7.68
N GLY A 1287 -29.24 36.18 -8.28
CA GLY A 1287 -27.90 36.63 -8.58
C GLY A 1287 -27.83 37.51 -9.81
N TRP A 1288 -28.94 37.63 -10.51
CA TRP A 1288 -28.97 38.48 -11.69
C TRP A 1288 -30.25 39.31 -11.78
N THR A 1289 -30.08 40.62 -11.67
CA THR A 1289 -31.20 41.57 -11.74
C THR A 1289 -30.91 42.62 -12.80
N GLU A 1290 -31.93 42.94 -13.61
CA GLU A 1290 -31.79 43.91 -14.69
C GLU A 1290 -32.89 44.97 -14.73
#